data_3L92
# 
_entry.id   3L92 
# 
_audit_conform.dict_name       mmcif_pdbx.dic 
_audit_conform.dict_version    5.378 
_audit_conform.dict_location   http://mmcif.pdb.org/dictionaries/ascii/mmcif_pdbx.dic 
# 
loop_
_database_2.database_id 
_database_2.database_code 
_database_2.pdbx_database_accession 
_database_2.pdbx_DOI 
PDB   3L92         pdb_00003l92 10.2210/pdb3l92/pdb 
RCSB  RCSB056986   ?            ?                   
WWPDB D_1000056986 ?            ?                   
# 
_pdbx_database_related.db_name        TargetDB 
_pdbx_database_related.db_id          IDP90549 
_pdbx_database_related.details        . 
_pdbx_database_related.content_type   unspecified 
# 
_pdbx_database_status.entry_id                        3L92 
_pdbx_database_status.status_code                     REL 
_pdbx_database_status.deposit_site                    RCSB 
_pdbx_database_status.process_site                    RCSB 
_pdbx_database_status.recvd_initial_deposition_date   2010-01-04 
_pdbx_database_status.status_code_sf                  REL 
_pdbx_database_status.status_code_mr                  ? 
_pdbx_database_status.SG_entry                        Y 
_pdbx_database_status.status_code_cs                  ? 
_pdbx_database_status.methods_development_category    ? 
_pdbx_database_status.pdb_format_compatible           Y 
_pdbx_database_status.status_code_nmr_data            ? 
# 
loop_
_audit_author.name 
_audit_author.pdbx_ordinal 
'Osipiuk, J.'                                                   1 
'Maltseva, N.'                                                  2 
'Makowska-grzyska, M.'                                          3 
'Kwon, K.'                                                      4 
'Anderson, W.F.'                                                5 
'Joachimiak, A.'                                                6 
'Center for Structural Genomics of Infectious Diseases (CSGID)' 7 
# 
_citation.id                        primary 
_citation.title                     'X-ray crystal structure of phosphopantetheine adenylyltransferase from Yersinia pestis.' 
_citation.journal_abbrev            'To be Published' 
_citation.journal_volume            ? 
_citation.page_first                ? 
_citation.page_last                 ? 
_citation.year                      ? 
_citation.journal_id_ASTM           ? 
_citation.country                   ? 
_citation.journal_id_ISSN           ? 
_citation.journal_id_CSD            0353 
_citation.book_publisher            ? 
_citation.pdbx_database_id_PubMed   ? 
_citation.pdbx_database_id_DOI      ? 
# 
loop_
_citation_author.citation_id 
_citation_author.name 
_citation_author.ordinal 
_citation_author.identifier_ORCID 
primary 'Osipiuk, J.'          1 ? 
primary 'Maltseva, N.'         2 ? 
primary 'Makowska-grzyska, M.' 3 ? 
primary 'Kwon, K.'             4 ? 
primary 'Anderson, W.F.'       5 ? 
primary 'Joachimiak, A.'       6 ? 
# 
_cell.length_a           114.820 
_cell.length_b           114.820 
_cell.length_c           119.074 
_cell.angle_alpha        90.000 
_cell.angle_beta         90.000 
_cell.angle_gamma        120.000 
_cell.entry_id           3L92 
_cell.pdbx_unique_axis   ? 
_cell.Z_PDB              18 
_cell.length_a_esd       ? 
_cell.length_b_esd       ? 
_cell.length_c_esd       ? 
_cell.angle_alpha_esd    ? 
_cell.angle_beta_esd     ? 
_cell.angle_gamma_esd    ? 
# 
_symmetry.space_group_name_H-M             'H 3 2' 
_symmetry.entry_id                         3L92 
_symmetry.Int_Tables_number                155 
_symmetry.pdbx_full_space_group_name_H-M   ? 
_symmetry.cell_setting                     ? 
_symmetry.space_group_name_Hall            ? 
# 
loop_
_entity.id 
_entity.type 
_entity.src_method 
_entity.pdbx_description 
_entity.formula_weight 
_entity.pdbx_number_of_molecules 
_entity.pdbx_ec 
_entity.pdbx_mutation 
_entity.pdbx_fragment 
_entity.details 
1 polymer     man 'Phosphopantetheine adenylyltransferase' 17948.002 1   2.7.7.3 ? ? ? 
2 non-polymer syn 'COENZYME A'                             767.534   1   ?       ? ? ? 
3 water       nat water                                    18.015    166 ?       ? ? ? 
# 
_entity_name_com.entity_id   1 
_entity_name_com.name        'Pantetheine-phosphate adenylyltransferase, PPAT, Dephospho-CoA pyrophosphorylase' 
# 
_entity_poly.entity_id                      1 
_entity_poly.type                           'polypeptide(L)' 
_entity_poly.nstd_linkage                   no 
_entity_poly.nstd_monomer                   no 
_entity_poly.pdbx_seq_one_letter_code       
;SNAMITKAIYPGTFDPITNGHLDLVTRASAMFSHVILAIADSSSKKPMFTLDERVALAKKVTAPLKNVEVLGFSELMAEF
AKKHNANILVRGLRSVSDFEYEWQLANMNRHLMPKLESVFLIPSEKWSFISSSLVKEVARHGGDITPFLPKPVTKALLAK
LA
;
_entity_poly.pdbx_seq_one_letter_code_can   
;SNAMITKAIYPGTFDPITNGHLDLVTRASAMFSHVILAIADSSSKKPMFTLDERVALAKKVTAPLKNVEVLGFSELMAEF
AKKHNANILVRGLRSVSDFEYEWQLANMNRHLMPKLESVFLIPSEKWSFISSSLVKEVARHGGDITPFLPKPVTKALLAK
LA
;
_entity_poly.pdbx_strand_id                 A 
_entity_poly.pdbx_target_identifier         IDP90549 
# 
loop_
_entity_poly_seq.entity_id 
_entity_poly_seq.num 
_entity_poly_seq.mon_id 
_entity_poly_seq.hetero 
1 1   SER n 
1 2   ASN n 
1 3   ALA n 
1 4   MET n 
1 5   ILE n 
1 6   THR n 
1 7   LYS n 
1 8   ALA n 
1 9   ILE n 
1 10  TYR n 
1 11  PRO n 
1 12  GLY n 
1 13  THR n 
1 14  PHE n 
1 15  ASP n 
1 16  PRO n 
1 17  ILE n 
1 18  THR n 
1 19  ASN n 
1 20  GLY n 
1 21  HIS n 
1 22  LEU n 
1 23  ASP n 
1 24  LEU n 
1 25  VAL n 
1 26  THR n 
1 27  ARG n 
1 28  ALA n 
1 29  SER n 
1 30  ALA n 
1 31  MET n 
1 32  PHE n 
1 33  SER n 
1 34  HIS n 
1 35  VAL n 
1 36  ILE n 
1 37  LEU n 
1 38  ALA n 
1 39  ILE n 
1 40  ALA n 
1 41  ASP n 
1 42  SER n 
1 43  SER n 
1 44  SER n 
1 45  LYS n 
1 46  LYS n 
1 47  PRO n 
1 48  MET n 
1 49  PHE n 
1 50  THR n 
1 51  LEU n 
1 52  ASP n 
1 53  GLU n 
1 54  ARG n 
1 55  VAL n 
1 56  ALA n 
1 57  LEU n 
1 58  ALA n 
1 59  LYS n 
1 60  LYS n 
1 61  VAL n 
1 62  THR n 
1 63  ALA n 
1 64  PRO n 
1 65  LEU n 
1 66  LYS n 
1 67  ASN n 
1 68  VAL n 
1 69  GLU n 
1 70  VAL n 
1 71  LEU n 
1 72  GLY n 
1 73  PHE n 
1 74  SER n 
1 75  GLU n 
1 76  LEU n 
1 77  MET n 
1 78  ALA n 
1 79  GLU n 
1 80  PHE n 
1 81  ALA n 
1 82  LYS n 
1 83  LYS n 
1 84  HIS n 
1 85  ASN n 
1 86  ALA n 
1 87  ASN n 
1 88  ILE n 
1 89  LEU n 
1 90  VAL n 
1 91  ARG n 
1 92  GLY n 
1 93  LEU n 
1 94  ARG n 
1 95  SER n 
1 96  VAL n 
1 97  SER n 
1 98  ASP n 
1 99  PHE n 
1 100 GLU n 
1 101 TYR n 
1 102 GLU n 
1 103 TRP n 
1 104 GLN n 
1 105 LEU n 
1 106 ALA n 
1 107 ASN n 
1 108 MET n 
1 109 ASN n 
1 110 ARG n 
1 111 HIS n 
1 112 LEU n 
1 113 MET n 
1 114 PRO n 
1 115 LYS n 
1 116 LEU n 
1 117 GLU n 
1 118 SER n 
1 119 VAL n 
1 120 PHE n 
1 121 LEU n 
1 122 ILE n 
1 123 PRO n 
1 124 SER n 
1 125 GLU n 
1 126 LYS n 
1 127 TRP n 
1 128 SER n 
1 129 PHE n 
1 130 ILE n 
1 131 SER n 
1 132 SER n 
1 133 SER n 
1 134 LEU n 
1 135 VAL n 
1 136 LYS n 
1 137 GLU n 
1 138 VAL n 
1 139 ALA n 
1 140 ARG n 
1 141 HIS n 
1 142 GLY n 
1 143 GLY n 
1 144 ASP n 
1 145 ILE n 
1 146 THR n 
1 147 PRO n 
1 148 PHE n 
1 149 LEU n 
1 150 PRO n 
1 151 LYS n 
1 152 PRO n 
1 153 VAL n 
1 154 THR n 
1 155 LYS n 
1 156 ALA n 
1 157 LEU n 
1 158 LEU n 
1 159 ALA n 
1 160 LYS n 
1 161 LEU n 
1 162 ALA n 
# 
_entity_src_gen.entity_id                          1 
_entity_src_gen.pdbx_src_id                        1 
_entity_src_gen.pdbx_alt_source_flag               sample 
_entity_src_gen.pdbx_seq_type                      ? 
_entity_src_gen.pdbx_beg_seq_num                   ? 
_entity_src_gen.pdbx_end_seq_num                   ? 
_entity_src_gen.gene_src_common_name               ? 
_entity_src_gen.gene_src_genus                     ? 
_entity_src_gen.pdbx_gene_src_gene                 'coaD, kdtB, y0088, YPO0053, YP_0054' 
_entity_src_gen.gene_src_species                   ? 
_entity_src_gen.gene_src_strain                    CO92 
_entity_src_gen.gene_src_tissue                    ? 
_entity_src_gen.gene_src_tissue_fraction           ? 
_entity_src_gen.gene_src_details                   ? 
_entity_src_gen.pdbx_gene_src_fragment             ? 
_entity_src_gen.pdbx_gene_src_scientific_name      'Yersinia pestis' 
_entity_src_gen.pdbx_gene_src_ncbi_taxonomy_id     214092 
_entity_src_gen.pdbx_gene_src_variant              ? 
_entity_src_gen.pdbx_gene_src_cell_line            ? 
_entity_src_gen.pdbx_gene_src_atcc                 ? 
_entity_src_gen.pdbx_gene_src_organ                ? 
_entity_src_gen.pdbx_gene_src_organelle            ? 
_entity_src_gen.pdbx_gene_src_cell                 ? 
_entity_src_gen.pdbx_gene_src_cellular_location    ? 
_entity_src_gen.host_org_common_name               ? 
_entity_src_gen.pdbx_host_org_scientific_name      'Escherichia coli' 
_entity_src_gen.pdbx_host_org_ncbi_taxonomy_id     469008 
_entity_src_gen.host_org_genus                     ? 
_entity_src_gen.pdbx_host_org_gene                 ? 
_entity_src_gen.pdbx_host_org_organ                ? 
_entity_src_gen.host_org_species                   ? 
_entity_src_gen.pdbx_host_org_tissue               ? 
_entity_src_gen.pdbx_host_org_tissue_fraction      ? 
_entity_src_gen.pdbx_host_org_strain               'BL21(DE3)' 
_entity_src_gen.pdbx_host_org_variant              ? 
_entity_src_gen.pdbx_host_org_cell_line            ? 
_entity_src_gen.pdbx_host_org_atcc                 ? 
_entity_src_gen.pdbx_host_org_culture_collection   ? 
_entity_src_gen.pdbx_host_org_cell                 ? 
_entity_src_gen.pdbx_host_org_organelle            ? 
_entity_src_gen.pdbx_host_org_cellular_location    ? 
_entity_src_gen.pdbx_host_org_vector_type          plasmid 
_entity_src_gen.pdbx_host_org_vector               ? 
_entity_src_gen.host_org_details                   ? 
_entity_src_gen.expression_system_id               ? 
_entity_src_gen.plasmid_name                       pMCSG7 
_entity_src_gen.plasmid_details                    ? 
_entity_src_gen.pdbx_description                   ? 
# 
_struct_ref.id                         1 
_struct_ref.db_name                    UNP 
_struct_ref.db_code                    COAD_YERPE 
_struct_ref.pdbx_db_accession          Q8ZJN9 
_struct_ref.entity_id                  1 
_struct_ref.pdbx_seq_one_letter_code   
;MITKAIYPGTFDPITNGHLDLVTRASAMFSHVILAIADSSSKKPMFTLDERVALAKKVTAPLKNVEVLGFSELMAEFAKK
HNANILVRGLRSVSDFEYEWQLANMNRHLMPKLESVFLIPSEKWSFISSSLVKEVARHGGDITPFLPKPVTKALLAKLA
;
_struct_ref.pdbx_align_begin           1 
_struct_ref.pdbx_db_isoform            ? 
# 
_struct_ref_seq.align_id                      1 
_struct_ref_seq.ref_id                        1 
_struct_ref_seq.pdbx_PDB_id_code              3L92 
_struct_ref_seq.pdbx_strand_id                A 
_struct_ref_seq.seq_align_beg                 4 
_struct_ref_seq.pdbx_seq_align_beg_ins_code   ? 
_struct_ref_seq.seq_align_end                 162 
_struct_ref_seq.pdbx_seq_align_end_ins_code   ? 
_struct_ref_seq.pdbx_db_accession             Q8ZJN9 
_struct_ref_seq.db_align_beg                  1 
_struct_ref_seq.pdbx_db_align_beg_ins_code    ? 
_struct_ref_seq.db_align_end                  159 
_struct_ref_seq.pdbx_db_align_end_ins_code    ? 
_struct_ref_seq.pdbx_auth_seq_align_beg       1 
_struct_ref_seq.pdbx_auth_seq_align_end       159 
# 
loop_
_struct_ref_seq_dif.align_id 
_struct_ref_seq_dif.pdbx_pdb_id_code 
_struct_ref_seq_dif.mon_id 
_struct_ref_seq_dif.pdbx_pdb_strand_id 
_struct_ref_seq_dif.seq_num 
_struct_ref_seq_dif.pdbx_pdb_ins_code 
_struct_ref_seq_dif.pdbx_seq_db_name 
_struct_ref_seq_dif.pdbx_seq_db_accession_code 
_struct_ref_seq_dif.db_mon_id 
_struct_ref_seq_dif.pdbx_seq_db_seq_num 
_struct_ref_seq_dif.details 
_struct_ref_seq_dif.pdbx_auth_seq_num 
_struct_ref_seq_dif.pdbx_ordinal 
1 3L92 SER A 1 ? UNP Q8ZJN9 ? ? 'expression tag' -2 1 
1 3L92 ASN A 2 ? UNP Q8ZJN9 ? ? 'expression tag' -1 2 
1 3L92 ALA A 3 ? UNP Q8ZJN9 ? ? 'expression tag' 0  3 
# 
loop_
_chem_comp.id 
_chem_comp.type 
_chem_comp.mon_nstd_flag 
_chem_comp.name 
_chem_comp.pdbx_synonyms 
_chem_comp.formula 
_chem_comp.formula_weight 
ALA 'L-peptide linking' y ALANINE         ? 'C3 H7 N O2'          89.093  
ARG 'L-peptide linking' y ARGININE        ? 'C6 H15 N4 O2 1'      175.209 
ASN 'L-peptide linking' y ASPARAGINE      ? 'C4 H8 N2 O3'         132.118 
ASP 'L-peptide linking' y 'ASPARTIC ACID' ? 'C4 H7 N O4'          133.103 
COA non-polymer         . 'COENZYME A'    ? 'C21 H36 N7 O16 P3 S' 767.534 
GLN 'L-peptide linking' y GLUTAMINE       ? 'C5 H10 N2 O3'        146.144 
GLU 'L-peptide linking' y 'GLUTAMIC ACID' ? 'C5 H9 N O4'          147.129 
GLY 'peptide linking'   y GLYCINE         ? 'C2 H5 N O2'          75.067  
HIS 'L-peptide linking' y HISTIDINE       ? 'C6 H10 N3 O2 1'      156.162 
HOH non-polymer         . WATER           ? 'H2 O'                18.015  
ILE 'L-peptide linking' y ISOLEUCINE      ? 'C6 H13 N O2'         131.173 
LEU 'L-peptide linking' y LEUCINE         ? 'C6 H13 N O2'         131.173 
LYS 'L-peptide linking' y LYSINE          ? 'C6 H15 N2 O2 1'      147.195 
MET 'L-peptide linking' y METHIONINE      ? 'C5 H11 N O2 S'       149.211 
PHE 'L-peptide linking' y PHENYLALANINE   ? 'C9 H11 N O2'         165.189 
PRO 'L-peptide linking' y PROLINE         ? 'C5 H9 N O2'          115.130 
SER 'L-peptide linking' y SERINE          ? 'C3 H7 N O3'          105.093 
THR 'L-peptide linking' y THREONINE       ? 'C4 H9 N O3'          119.119 
TRP 'L-peptide linking' y TRYPTOPHAN      ? 'C11 H12 N2 O2'       204.225 
TYR 'L-peptide linking' y TYROSINE        ? 'C9 H11 N O3'         181.189 
VAL 'L-peptide linking' y VALINE          ? 'C5 H11 N O2'         117.146 
# 
_exptl.crystals_number   1 
_exptl.entry_id          3L92 
_exptl.method            'X-RAY DIFFRACTION' 
# 
_exptl_crystal.id                    1 
_exptl_crystal.density_Matthews      4.21 
_exptl_crystal.density_meas          ? 
_exptl_crystal.density_percent_sol   70.77 
_exptl_crystal.description           ? 
_exptl_crystal.F_000                 ? 
_exptl_crystal.preparation           ? 
# 
_exptl_crystal_grow.crystal_id      1 
_exptl_crystal_grow.method          'VAPOR DIFFUSION, SITTING DROP' 
_exptl_crystal_grow.pH              6.5 
_exptl_crystal_grow.temp            289 
_exptl_crystal_grow.pdbx_details    
'1 M tri-sodium citrate, 0.1 M sodium cacodylate, 0.01 M coenzyme A, pH 6.5, VAPOR DIFFUSION, SITTING DROP, temperature 289K' 
_exptl_crystal_grow.temp_details    ? 
_exptl_crystal_grow.pdbx_pH_range   ? 
# 
_diffrn.id                     1 
_diffrn.ambient_temp           100 
_diffrn.ambient_temp_details   ? 
_diffrn.crystal_id             1 
# 
_diffrn_detector.diffrn_id              1 
_diffrn_detector.detector               CCD 
_diffrn_detector.type                   'ADSC QUANTUM 315' 
_diffrn_detector.pdbx_collection_date   2009-12-17 
_diffrn_detector.details                ? 
# 
_diffrn_radiation.diffrn_id                        1 
_diffrn_radiation.pdbx_diffrn_protocol             'SINGLE WAVELENGTH' 
_diffrn_radiation.monochromator                    'double crystal monochromator' 
_diffrn_radiation.wavelength_id                    1 
_diffrn_radiation.pdbx_monochromatic_or_laue_m_l   M 
_diffrn_radiation.pdbx_scattering_type             x-ray 
# 
_diffrn_radiation_wavelength.id           1 
_diffrn_radiation_wavelength.wavelength   0.9792 
_diffrn_radiation_wavelength.wt           1.0 
# 
_diffrn_source.diffrn_id                   1 
_diffrn_source.source                      SYNCHROTRON 
_diffrn_source.type                        'APS BEAMLINE 19-ID' 
_diffrn_source.pdbx_wavelength_list        0.9792 
_diffrn_source.pdbx_wavelength             ? 
_diffrn_source.pdbx_synchrotron_site       APS 
_diffrn_source.pdbx_synchrotron_beamline   19-ID 
# 
_reflns.entry_id                     3L92 
_reflns.d_resolution_high            1.890 
_reflns.d_resolution_low             38.2 
_reflns.number_obs                   24323 
_reflns.pdbx_Rmerge_I_obs            0.065 
_reflns.pdbx_netI_over_sigmaI        9.500 
_reflns.pdbx_chi_squared             1.330 
_reflns.pdbx_redundancy              12.300 
_reflns.percent_possible_obs         100.000 
_reflns.observed_criterion_sigma_F   0 
_reflns.observed_criterion_sigma_I   0 
_reflns.number_all                   24323 
_reflns.pdbx_Rsym_value              ? 
_reflns.B_iso_Wilson_estimate        40.3 
_reflns.R_free_details               ? 
_reflns.limit_h_max                  ? 
_reflns.limit_h_min                  ? 
_reflns.limit_k_max                  ? 
_reflns.limit_k_min                  ? 
_reflns.limit_l_max                  ? 
_reflns.limit_l_min                  ? 
_reflns.observed_criterion_F_max     ? 
_reflns.observed_criterion_F_min     ? 
_reflns.pdbx_scaling_rejects         ? 
_reflns.pdbx_ordinal                 1 
_reflns.pdbx_diffrn_id               1 
# 
_reflns_shell.d_res_high             1.89 
_reflns_shell.d_res_low              1.92 
_reflns_shell.number_measured_obs    ? 
_reflns_shell.number_measured_all    ? 
_reflns_shell.number_unique_obs      ? 
_reflns_shell.Rmerge_I_obs           0.836 
_reflns_shell.meanI_over_sigI_obs    3.81 
_reflns_shell.pdbx_Rsym_value        ? 
_reflns_shell.pdbx_chi_squared       1.293 
_reflns_shell.pdbx_redundancy        12.40 
_reflns_shell.percent_possible_obs   ? 
_reflns_shell.number_unique_all      1205 
_reflns_shell.percent_possible_all   100.00 
_reflns_shell.pdbx_ordinal           1 
_reflns_shell.pdbx_diffrn_id         1 
# 
_refine.entry_id                                 3L92 
_refine.ls_d_res_high                            1.890 
_refine.ls_d_res_low                             38.2 
_refine.pdbx_ls_sigma_F                          0.00 
_refine.pdbx_data_cutoff_high_absF               ? 
_refine.pdbx_data_cutoff_low_absF                ? 
_refine.ls_percent_reflns_obs                    99.970 
_refine.ls_number_reflns_obs                     24310 
_refine.ls_number_reflns_all                     24310 
_refine.pdbx_ls_cross_valid_method               THROUGHOUT 
_refine.pdbx_R_Free_selection_details            RANDOM 
_refine.details                                  'HYDROGENS HAVE BEEN ADDED IN THE RIDING POSITIONS U VALUES      : RESIDUAL ONLY' 
_refine.ls_R_factor_all                          0.165 
_refine.ls_R_factor_obs                          0.165 
_refine.ls_R_factor_R_work                       0.164 
_refine.ls_wR_factor_R_work                      ? 
_refine.ls_R_factor_R_free                       0.192 
_refine.ls_wR_factor_R_free                      ? 
_refine.ls_percent_reflns_R_free                 5.100 
_refine.ls_number_reflns_R_free                  1239 
_refine.ls_R_factor_R_free_error                 ? 
_refine.B_iso_mean                               26.902 
_refine.solvent_model_param_bsol                 ? 
_refine.solvent_model_param_ksol                 ? 
_refine.pdbx_isotropic_thermal_model             ? 
_refine.aniso_B[1][1]                            -0.790 
_refine.aniso_B[2][2]                            -0.790 
_refine.aniso_B[3][3]                            1.190 
_refine.aniso_B[1][2]                            -0.400 
_refine.aniso_B[1][3]                            0.000 
_refine.aniso_B[2][3]                            0.000 
_refine.correlation_coeff_Fo_to_Fc               0.972 
_refine.correlation_coeff_Fo_to_Fc_free          0.963 
_refine.overall_SU_R_Cruickshank_DPI             ? 
_refine.overall_SU_R_free                        ? 
_refine.pdbx_overall_ESU_R                       0.097 
_refine.pdbx_overall_ESU_R_Free                  0.097 
_refine.overall_SU_ML                            0.068 
_refine.overall_SU_B                             5.142 
_refine.solvent_model_details                    MASK 
_refine.pdbx_solvent_vdw_probe_radii             1.400 
_refine.pdbx_solvent_ion_probe_radii             0.800 
_refine.pdbx_solvent_shrinkage_radii             0.800 
_refine.ls_number_parameters                     ? 
_refine.ls_number_restraints                     ? 
_refine.pdbx_starting_model                      1H1T 
_refine.pdbx_method_to_determine_struct          'MOLECULAR REPLACEMENT' 
_refine.pdbx_stereochemistry_target_values       'MAXIMUM LIKELIHOOD' 
_refine.pdbx_stereochem_target_val_spec_case     ? 
_refine.overall_FOM_work_R_set                   ? 
_refine.B_iso_max                                68.38 
_refine.B_iso_min                                12.58 
_refine.occupancy_max                            1.00 
_refine.occupancy_min                            0.30 
_refine.pdbx_ls_sigma_I                          0 
_refine.ls_redundancy_reflns_obs                 ? 
_refine.ls_R_factor_R_free_error_details         ? 
_refine.pdbx_data_cutoff_high_rms_absF           ? 
_refine.overall_FOM_free_R_set                   ? 
_refine.pdbx_overall_phase_error                 ? 
_refine.pdbx_refine_id                           'X-RAY DIFFRACTION' 
_refine.pdbx_TLS_residual_ADP_flag               'LIKELY RESIDUAL' 
_refine.pdbx_diffrn_id                           1 
_refine.pdbx_overall_SU_R_free_Cruickshank_DPI   ? 
_refine.pdbx_overall_SU_R_Blow_DPI               ? 
_refine.pdbx_overall_SU_R_free_Blow_DPI          ? 
# 
_refine_hist.pdbx_refine_id                   'X-RAY DIFFRACTION' 
_refine_hist.cycle_id                         LAST 
_refine_hist.pdbx_number_atoms_protein        1243 
_refine_hist.pdbx_number_atoms_nucleic_acid   0 
_refine_hist.pdbx_number_atoms_ligand         48 
_refine_hist.number_atoms_solvent             166 
_refine_hist.number_atoms_total               1457 
_refine_hist.d_res_high                       1.890 
_refine_hist.d_res_low                        38.2 
# 
loop_
_refine_ls_restr.type 
_refine_ls_restr.number 
_refine_ls_restr.dev_ideal 
_refine_ls_restr.dev_ideal_target 
_refine_ls_restr.weight 
_refine_ls_restr.pdbx_refine_id 
_refine_ls_restr.pdbx_restraint_function 
r_bond_refined_d       1480 0.020  0.022  ? 'X-RAY DIFFRACTION' ? 
r_angle_refined_deg    2044 1.866  2.061  ? 'X-RAY DIFFRACTION' ? 
r_dihedral_angle_1_deg 194  5.055  5.000  ? 'X-RAY DIFFRACTION' ? 
r_dihedral_angle_2_deg 50   34.323 23.600 ? 'X-RAY DIFFRACTION' ? 
r_dihedral_angle_3_deg 271  16.603 15.000 ? 'X-RAY DIFFRACTION' ? 
r_dihedral_angle_4_deg 7    19.172 15.000 ? 'X-RAY DIFFRACTION' ? 
r_chiral_restr         232  0.123  0.200  ? 'X-RAY DIFFRACTION' ? 
r_gen_planes_refined   1046 0.008  0.021  ? 'X-RAY DIFFRACTION' ? 
r_mcbond_it            855  1.055  1.500  ? 'X-RAY DIFFRACTION' ? 
r_mcangle_it           1409 1.870  2.000  ? 'X-RAY DIFFRACTION' ? 
r_scbond_it            625  2.952  3.000  ? 'X-RAY DIFFRACTION' ? 
r_scangle_it           616  4.478  4.500  ? 'X-RAY DIFFRACTION' ? 
# 
_refine_ls_shell.d_res_high                       1.890 
_refine_ls_shell.d_res_low                        1.939 
_refine_ls_shell.pdbx_total_number_of_bins_used   20 
_refine_ls_shell.percent_reflns_obs               99.830 
_refine_ls_shell.number_reflns_R_work             1687 
_refine_ls_shell.R_factor_all                     ? 
_refine_ls_shell.R_factor_R_work                  0.237 
_refine_ls_shell.R_factor_R_free                  0.283 
_refine_ls_shell.percent_reflns_R_free            ? 
_refine_ls_shell.number_reflns_R_free             89 
_refine_ls_shell.R_factor_R_free_error            ? 
_refine_ls_shell.number_reflns_all                1776 
_refine_ls_shell.number_reflns_obs                1776 
_refine_ls_shell.redundancy_reflns_obs            ? 
_refine_ls_shell.pdbx_refine_id                   'X-RAY DIFFRACTION' 
# 
_struct.entry_id                  3L92 
_struct.title                     'Phosphopantetheine adenylyltransferase from Yersinia pestis complexed with coenzyme A.' 
_struct.pdbx_model_details        ? 
_struct.pdbx_CASP_flag            ? 
_struct.pdbx_model_type_details   ? 
# 
_struct_keywords.entry_id        3L92 
_struct_keywords.text            
;structural genomics, phosphopantetheine adenylyltransferase, coenzyme A, ATP-binding, Coenzyme A biosynthesis, Nucleotide-binding, Nucleotidyltransferase, Transferase, Center for Structural Genomics of Infectious Diseases, CSGID
;
_struct_keywords.pdbx_keywords   TRANSFERASE 
# 
loop_
_struct_asym.id 
_struct_asym.pdbx_blank_PDB_chainid_flag 
_struct_asym.pdbx_modified 
_struct_asym.entity_id 
_struct_asym.details 
A N N 1 ? 
B N N 2 ? 
C N N 3 ? 
# 
_struct_biol.id        1 
_struct_biol.details   ? 
# 
loop_
_struct_conf.conf_type_id 
_struct_conf.id 
_struct_conf.pdbx_PDB_helix_id 
_struct_conf.beg_label_comp_id 
_struct_conf.beg_label_asym_id 
_struct_conf.beg_label_seq_id 
_struct_conf.pdbx_beg_PDB_ins_code 
_struct_conf.end_label_comp_id 
_struct_conf.end_label_asym_id 
_struct_conf.end_label_seq_id 
_struct_conf.pdbx_end_PDB_ins_code 
_struct_conf.beg_auth_comp_id 
_struct_conf.beg_auth_asym_id 
_struct_conf.beg_auth_seq_id 
_struct_conf.end_auth_comp_id 
_struct_conf.end_auth_asym_id 
_struct_conf.end_auth_seq_id 
_struct_conf.pdbx_PDB_helix_class 
_struct_conf.details 
_struct_conf.pdbx_PDB_helix_length 
HELX_P HELX_P1 1 THR A 18  ? PHE A 32  ? THR A 15  PHE A 29  1 ? 15 
HELX_P HELX_P2 2 SER A 42  ? LYS A 46  ? SER A 39  LYS A 43  5 ? 5  
HELX_P HELX_P3 3 THR A 50  ? ALA A 63  ? THR A 47  ALA A 60  1 ? 14 
HELX_P HELX_P4 4 LEU A 76  ? HIS A 84  ? LEU A 73  HIS A 81  1 ? 9  
HELX_P HELX_P5 5 SER A 95  ? SER A 97  ? SER A 92  SER A 94  5 ? 3  
HELX_P HELX_P6 6 ASP A 98  ? MET A 113 ? ASP A 95  MET A 110 1 ? 16 
HELX_P HELX_P7 7 SER A 131 ? HIS A 141 ? SER A 128 HIS A 138 1 ? 11 
HELX_P HELX_P8 8 PRO A 150 ? ALA A 162 ? PRO A 147 ALA A 159 1 ? 13 
# 
_struct_conf_type.id          HELX_P 
_struct_conf_type.criteria    ? 
_struct_conf_type.reference   ? 
# 
_struct_mon_prot_cis.pdbx_id                1 
_struct_mon_prot_cis.label_comp_id          ASP 
_struct_mon_prot_cis.label_seq_id           15 
_struct_mon_prot_cis.label_asym_id          A 
_struct_mon_prot_cis.label_alt_id           . 
_struct_mon_prot_cis.pdbx_PDB_ins_code      ? 
_struct_mon_prot_cis.auth_comp_id           ASP 
_struct_mon_prot_cis.auth_seq_id            12 
_struct_mon_prot_cis.auth_asym_id           A 
_struct_mon_prot_cis.pdbx_label_comp_id_2   PRO 
_struct_mon_prot_cis.pdbx_label_seq_id_2    16 
_struct_mon_prot_cis.pdbx_label_asym_id_2   A 
_struct_mon_prot_cis.pdbx_PDB_ins_code_2    ? 
_struct_mon_prot_cis.pdbx_auth_comp_id_2    PRO 
_struct_mon_prot_cis.pdbx_auth_seq_id_2     13 
_struct_mon_prot_cis.pdbx_auth_asym_id_2    A 
_struct_mon_prot_cis.pdbx_PDB_model_num     1 
_struct_mon_prot_cis.pdbx_omega_angle       1.89 
# 
_struct_sheet.id               A 
_struct_sheet.type             ? 
_struct_sheet.number_strands   5 
_struct_sheet.details          ? 
# 
loop_
_struct_sheet_order.sheet_id 
_struct_sheet_order.range_id_1 
_struct_sheet_order.range_id_2 
_struct_sheet_order.offset 
_struct_sheet_order.sense 
A 1 2 ? parallel 
A 2 3 ? parallel 
A 3 4 ? parallel 
A 4 5 ? parallel 
# 
loop_
_struct_sheet_range.sheet_id 
_struct_sheet_range.id 
_struct_sheet_range.beg_label_comp_id 
_struct_sheet_range.beg_label_asym_id 
_struct_sheet_range.beg_label_seq_id 
_struct_sheet_range.pdbx_beg_PDB_ins_code 
_struct_sheet_range.end_label_comp_id 
_struct_sheet_range.end_label_asym_id 
_struct_sheet_range.end_label_seq_id 
_struct_sheet_range.pdbx_end_PDB_ins_code 
_struct_sheet_range.beg_auth_comp_id 
_struct_sheet_range.beg_auth_asym_id 
_struct_sheet_range.beg_auth_seq_id 
_struct_sheet_range.end_auth_comp_id 
_struct_sheet_range.end_auth_asym_id 
_struct_sheet_range.end_auth_seq_id 
A 1 VAL A 68  ? PHE A 73  ? VAL A 65  PHE A 70  
A 2 HIS A 34  ? ALA A 40  ? HIS A 31  ALA A 37  
A 3 LYS A 7   ? GLY A 12  ? LYS A 4   GLY A 9   
A 4 ILE A 88  ? GLY A 92  ? ILE A 85  GLY A 89  
A 5 GLU A 117 ? LEU A 121 ? GLU A 114 LEU A 118 
# 
loop_
_pdbx_struct_sheet_hbond.sheet_id 
_pdbx_struct_sheet_hbond.range_id_1 
_pdbx_struct_sheet_hbond.range_id_2 
_pdbx_struct_sheet_hbond.range_1_label_atom_id 
_pdbx_struct_sheet_hbond.range_1_label_comp_id 
_pdbx_struct_sheet_hbond.range_1_label_asym_id 
_pdbx_struct_sheet_hbond.range_1_label_seq_id 
_pdbx_struct_sheet_hbond.range_1_PDB_ins_code 
_pdbx_struct_sheet_hbond.range_1_auth_atom_id 
_pdbx_struct_sheet_hbond.range_1_auth_comp_id 
_pdbx_struct_sheet_hbond.range_1_auth_asym_id 
_pdbx_struct_sheet_hbond.range_1_auth_seq_id 
_pdbx_struct_sheet_hbond.range_2_label_atom_id 
_pdbx_struct_sheet_hbond.range_2_label_comp_id 
_pdbx_struct_sheet_hbond.range_2_label_asym_id 
_pdbx_struct_sheet_hbond.range_2_label_seq_id 
_pdbx_struct_sheet_hbond.range_2_PDB_ins_code 
_pdbx_struct_sheet_hbond.range_2_auth_atom_id 
_pdbx_struct_sheet_hbond.range_2_auth_comp_id 
_pdbx_struct_sheet_hbond.range_2_auth_asym_id 
_pdbx_struct_sheet_hbond.range_2_auth_seq_id 
A 1 2 O GLU A 69 ? O GLU A 66 N LEU A 37  ? N LEU A 34  
A 2 3 O ILE A 36 ? O ILE A 33 N TYR A 10  ? N TYR A 7   
A 3 4 N ILE A 9  ? N ILE A 6  O VAL A 90  ? O VAL A 87  
A 4 5 N LEU A 89 ? N LEU A 86 O GLU A 117 ? O GLU A 114 
# 
_struct_site.id                   AC1 
_struct_site.pdbx_evidence_code   Software 
_struct_site.pdbx_auth_asym_id    A 
_struct_site.pdbx_auth_comp_id    COA 
_struct_site.pdbx_auth_seq_id     301 
_struct_site.pdbx_auth_ins_code   ? 
_struct_site.pdbx_num_residues    39 
_struct_site.details              'BINDING SITE FOR RESIDUE COA A 301' 
# 
loop_
_struct_site_gen.id 
_struct_site_gen.site_id 
_struct_site_gen.pdbx_num_res 
_struct_site_gen.label_comp_id 
_struct_site_gen.label_asym_id 
_struct_site_gen.label_seq_id 
_struct_site_gen.pdbx_auth_ins_code 
_struct_site_gen.auth_comp_id 
_struct_site_gen.auth_asym_id 
_struct_site_gen.auth_seq_id 
_struct_site_gen.label_atom_id 
_struct_site_gen.label_alt_id 
_struct_site_gen.symmetry 
_struct_site_gen.details 
1  AC1 39 GLY A 12  ? GLY A 9   . ? 1_555 ? 
2  AC1 39 THR A 13  ? THR A 10  . ? 1_555 ? 
3  AC1 39 PHE A 14  ? PHE A 11  . ? 1_555 ? 
4  AC1 39 HIS A 21  ? HIS A 18  . ? 1_555 ? 
5  AC1 39 ALA A 40  ? ALA A 37  . ? 1_555 ? 
6  AC1 39 LYS A 45  ? LYS A 42  . ? 1_555 ? 
7  AC1 39 LEU A 76  ? LEU A 73  . ? 1_555 ? 
8  AC1 39 MET A 77  ? MET A 74  . ? 1_555 ? 
9  AC1 39 ARG A 91  ? ARG A 88  . ? 1_555 ? 
10 AC1 39 ARG A 94  ? ARG A 91  . ? 1_555 ? 
11 AC1 39 ASP A 98  ? ASP A 95  . ? 1_555 ? 
12 AC1 39 TYR A 101 ? TYR A 98  . ? 1_555 ? 
13 AC1 39 GLU A 102 ? GLU A 99  . ? 1_555 ? 
14 AC1 39 LEU A 105 ? LEU A 102 . ? 1_555 ? 
15 AC1 39 MET A 108 ? MET A 105 . ? 1_555 ? 
16 AC1 39 ASN A 109 ? ASN A 106 . ? 1_555 ? 
17 AC1 39 SER A 131 ? SER A 128 . ? 1_555 ? 
18 AC1 39 SER A 132 ? SER A 129 . ? 1_555 ? 
19 AC1 39 SER A 133 ? SER A 130 . ? 1_555 ? 
20 AC1 39 GLU A 137 ? GLU A 134 . ? 3_555 ? 
21 AC1 39 HIS A 141 ? HIS A 138 . ? 3_555 ? 
22 AC1 39 HOH C .   ? HOH A 165 . ? 1_555 ? 
23 AC1 39 HOH C .   ? HOH A 168 . ? 1_555 ? 
24 AC1 39 HOH C .   ? HOH A 172 . ? 2_555 ? 
25 AC1 39 HOH C .   ? HOH A 173 . ? 1_555 ? 
26 AC1 39 HOH C .   ? HOH A 184 . ? 1_555 ? 
27 AC1 39 HOH C .   ? HOH A 201 . ? 1_555 ? 
28 AC1 39 HOH C .   ? HOH A 212 . ? 1_555 ? 
29 AC1 39 HOH C .   ? HOH A 218 . ? 1_555 ? 
30 AC1 39 HOH C .   ? HOH A 225 . ? 1_555 ? 
31 AC1 39 HOH C .   ? HOH A 230 . ? 1_555 ? 
32 AC1 39 HOH C .   ? HOH A 244 . ? 1_555 ? 
33 AC1 39 HOH C .   ? HOH A 256 . ? 1_555 ? 
34 AC1 39 HOH C .   ? HOH A 286 . ? 2_555 ? 
35 AC1 39 HOH C .   ? HOH A 291 . ? 1_555 ? 
36 AC1 39 HOH C .   ? HOH A 294 . ? 1_555 ? 
37 AC1 39 HOH C .   ? HOH A 295 . ? 1_555 ? 
38 AC1 39 HOH C .   ? HOH A 297 . ? 1_555 ? 
39 AC1 39 HOH C .   ? HOH A 298 . ? 1_555 ? 
# 
_atom_sites.entry_id                    3L92 
_atom_sites.fract_transf_matrix[1][1]   0.00336486 
_atom_sites.fract_transf_matrix[1][2]   0.00924257 
_atom_sites.fract_transf_matrix[1][3]   0.00209287 
_atom_sites.fract_transf_matrix[2][1]   0.00743607 
_atom_sites.fract_transf_matrix[2][2]   0.00400084 
_atom_sites.fract_transf_matrix[2][3]   -0.00546272 
_atom_sites.fract_transf_matrix[3][1]   -0.00564391 
_atom_sites.fract_transf_matrix[3][2]   0.00325463 
_atom_sites.fract_transf_matrix[3][3]   -0.00529906 
_atom_sites.fract_transf_vector[1]      0.139138 
_atom_sites.fract_transf_vector[2]      0.188908 
_atom_sites.fract_transf_vector[3]      0.384894 
# 
loop_
_atom_type.symbol 
C 
N 
O 
P 
S 
# 
loop_
_atom_site.group_PDB 
_atom_site.id 
_atom_site.type_symbol 
_atom_site.label_atom_id 
_atom_site.label_alt_id 
_atom_site.label_comp_id 
_atom_site.label_asym_id 
_atom_site.label_entity_id 
_atom_site.label_seq_id 
_atom_site.pdbx_PDB_ins_code 
_atom_site.Cartn_x 
_atom_site.Cartn_y 
_atom_site.Cartn_z 
_atom_site.occupancy 
_atom_site.B_iso_or_equiv 
_atom_site.pdbx_formal_charge 
_atom_site.auth_seq_id 
_atom_site.auth_comp_id 
_atom_site.auth_asym_id 
_atom_site.auth_atom_id 
_atom_site.pdbx_PDB_model_num 
ATOM   1    N N   . MET A 1 4   ? -0.493  24.806  -7.022  1.00 51.34 ? 1   MET A N   1 
ATOM   2    C CA  . MET A 1 4   ? -1.181  24.011  -5.966  1.00 51.28 ? 1   MET A CA  1 
ATOM   3    C C   . MET A 1 4   ? -0.455  22.659  -5.749  1.00 50.38 ? 1   MET A C   1 
ATOM   4    O O   . MET A 1 4   ? -0.105  21.981  -6.733  1.00 51.19 ? 1   MET A O   1 
ATOM   5    C CB  . MET A 1 4   ? -2.652  23.823  -6.368  1.00 52.06 ? 1   MET A CB  1 
ATOM   6    C CG  . MET A 1 4   ? -3.669  23.886  -5.217  1.00 53.18 ? 1   MET A CG  1 
ATOM   7    S SD  . MET A 1 4   ? -4.226  22.241  -4.700  1.00 57.30 ? 1   MET A SD  1 
ATOM   8    C CE  . MET A 1 4   ? -3.900  21.281  -6.197  1.00 51.77 ? 1   MET A CE  1 
ATOM   9    N N   . ILE A 1 5   ? -0.210  22.271  -4.479  1.00 48.17 ? 2   ILE A N   1 
ATOM   10   C CA  . ILE A 1 5   ? 0.662   21.102  -4.183  1.00 45.07 ? 2   ILE A CA  1 
ATOM   11   C C   . ILE A 1 5   ? 0.013   20.038  -3.283  1.00 42.62 ? 2   ILE A C   1 
ATOM   12   O O   . ILE A 1 5   ? -0.432  20.308  -2.157  1.00 43.04 ? 2   ILE A O   1 
ATOM   13   C CB  . ILE A 1 5   ? 2.153   21.468  -3.710  1.00 46.06 ? 2   ILE A CB  1 
ATOM   14   C CG1 . ILE A 1 5   ? 2.416   21.065  -2.245  1.00 47.14 ? 2   ILE A CG1 1 
ATOM   15   C CG2 . ILE A 1 5   ? 2.532   22.950  -4.027  1.00 45.15 ? 2   ILE A CG2 1 
ATOM   16   C CD1 . ILE A 1 5   ? 1.840   22.054  -1.165  1.00 51.44 ? 2   ILE A CD1 1 
ATOM   17   N N   . THR A 1 6   ? -0.028  18.828  -3.805  1.00 37.77 ? 3   THR A N   1 
ATOM   18   C CA  . THR A 1 6   ? -0.690  17.740  -3.134  1.00 34.97 ? 3   THR A CA  1 
ATOM   19   C C   . THR A 1 6   ? 0.394   16.797  -2.681  1.00 32.69 ? 3   THR A C   1 
ATOM   20   O O   . THR A 1 6   ? 1.255   16.395  -3.468  1.00 33.51 ? 3   THR A O   1 
ATOM   21   C CB  . THR A 1 6   ? -1.632  17.024  -4.120  1.00 34.67 ? 3   THR A CB  1 
ATOM   22   O OG1 . THR A 1 6   ? -0.968  16.918  -5.386  1.00 32.67 ? 3   THR A OG1 1 
ATOM   23   C CG2 . THR A 1 6   ? -2.940  17.840  -4.312  1.00 35.68 ? 3   THR A CG2 1 
ATOM   24   N N   . LYS A 1 7   ? 0.392   16.492  -1.405  1.00 29.90 ? 4   LYS A N   1 
ATOM   25   C CA  . LYS A 1 7   ? 1.264   15.475  -0.892  1.00 28.47 ? 4   LYS A CA  1 
ATOM   26   C C   . LYS A 1 7   ? 0.369   14.349  -0.418  1.00 26.51 ? 4   LYS A C   1 
ATOM   27   O O   . LYS A 1 7   ? -0.392  14.522  0.534   1.00 27.21 ? 4   LYS A O   1 
ATOM   28   C CB  . LYS A 1 7   ? 2.047   16.015  0.287   1.00 28.75 ? 4   LYS A CB  1 
ATOM   29   C CG  . LYS A 1 7   ? 3.070   15.019  0.784   1.00 34.13 ? 4   LYS A CG  1 
ATOM   30   C CD  . LYS A 1 7   ? 4.387   15.692  1.102   1.00 38.23 ? 4   LYS A CD  1 
ATOM   31   C CE  . LYS A 1 7   ? 5.229   14.758  1.925   1.00 41.46 ? 4   LYS A CE  1 
ATOM   32   N NZ  . LYS A 1 7   ? 6.389   15.549  2.451   1.00 42.62 ? 4   LYS A NZ  1 
ATOM   33   N N   . ALA A 1 8   ? 0.475   13.210  -1.065  1.00 23.96 ? 5   ALA A N   1 
ATOM   34   C CA  . ALA A 1 8   ? -0.411  12.100  -0.781  1.00 23.69 ? 5   ALA A CA  1 
ATOM   35   C C   . ALA A 1 8   ? 0.371   11.033  -0.081  1.00 23.62 ? 5   ALA A C   1 
ATOM   36   O O   . ALA A 1 8   ? 1.612   10.929  -0.242  1.00 23.38 ? 5   ALA A O   1 
ATOM   37   C CB  . ALA A 1 8   ? -0.993  11.576  -2.044  1.00 23.81 ? 5   ALA A CB  1 
ATOM   38   N N   . ILE A 1 9   ? -0.343  10.291  0.755   1.00 21.88 ? 6   ILE A N   1 
ATOM   39   C CA  A ILE A 1 9   ? 0.188   9.144   1.442   0.60 21.84 ? 6   ILE A CA  1 
ATOM   40   C CA  B ILE A 1 9   ? 0.197   9.130   1.420   0.40 21.87 ? 6   ILE A CA  1 
ATOM   41   C C   . ILE A 1 9   ? -0.603  7.914   0.976   1.00 22.28 ? 6   ILE A C   1 
ATOM   42   O O   . ILE A 1 9   ? -1.858  7.965   0.916   1.00 20.38 ? 6   ILE A O   1 
ATOM   43   C CB  A ILE A 1 9   ? 0.158   9.320   2.990   0.60 22.16 ? 6   ILE A CB  1 
ATOM   44   C CB  B ILE A 1 9   ? 0.108   9.255   2.936   0.40 22.20 ? 6   ILE A CB  1 
ATOM   45   C CG1 A ILE A 1 9   ? 0.696   8.066   3.692   0.60 23.68 ? 6   ILE A CG1 1 
ATOM   46   C CG1 B ILE A 1 9   ? 1.085   10.301  3.446   0.40 22.56 ? 6   ILE A CG1 1 
ATOM   47   C CG2 A ILE A 1 9   ? -1.259  9.658   3.531   0.60 22.62 ? 6   ILE A CG2 1 
ATOM   48   C CG2 B ILE A 1 9   ? 0.425   7.915   3.613   0.40 22.77 ? 6   ILE A CG2 1 
ATOM   49   C CD1 A ILE A 1 9   ? 0.967   8.284   5.179   0.60 23.85 ? 6   ILE A CD1 1 
ATOM   50   C CD1 B ILE A 1 9   ? 1.241   10.235  4.927   0.40 26.23 ? 6   ILE A CD1 1 
ATOM   51   N N   . TYR A 1 10  ? 0.111   6.842   0.655   1.00 21.08 ? 7   TYR A N   1 
ATOM   52   C CA  . TYR A 1 10  ? -0.511  5.550   0.258   1.00 21.32 ? 7   TYR A CA  1 
ATOM   53   C C   . TYR A 1 10  ? -0.047  4.529   1.281   1.00 22.08 ? 7   TYR A C   1 
ATOM   54   O O   . TYR A 1 10  ? 1.076   3.959   1.147   1.00 21.22 ? 7   TYR A O   1 
ATOM   55   C CB  . TYR A 1 10  ? -0.066  5.196   -1.154  1.00 20.74 ? 7   TYR A CB  1 
ATOM   56   C CG  . TYR A 1 10  ? -0.563  3.852   -1.672  1.00 21.56 ? 7   TYR A CG  1 
ATOM   57   C CD1 . TYR A 1 10  ? -1.797  3.336   -1.247  1.00 21.63 ? 7   TYR A CD1 1 
ATOM   58   C CD2 . TYR A 1 10  ? 0.210   3.115   -2.584  1.00 21.01 ? 7   TYR A CD2 1 
ATOM   59   C CE1 . TYR A 1 10  ? -2.268  2.089   -1.748  1.00 22.32 ? 7   TYR A CE1 1 
ATOM   60   C CE2 . TYR A 1 10  ? -0.197  1.878   -3.060  1.00 23.51 ? 7   TYR A CE2 1 
ATOM   61   C CZ  . TYR A 1 10  ? -1.444  1.406   -2.695  1.00 22.18 ? 7   TYR A CZ  1 
ATOM   62   O OH  . TYR A 1 10  ? -1.830  0.193   -3.180  1.00 23.61 ? 7   TYR A OH  1 
ATOM   63   N N   . PRO A 1 11  ? -0.865  4.328   2.341   1.00 21.16 ? 8   PRO A N   1 
ATOM   64   C CA  . PRO A 1 11  ? -0.442  3.533   3.485   1.00 21.56 ? 8   PRO A CA  1 
ATOM   65   C C   . PRO A 1 11  ? -0.934  2.108   3.384   1.00 22.82 ? 8   PRO A C   1 
ATOM   66   O O   . PRO A 1 11  ? -1.990  1.840   2.805   1.00 25.47 ? 8   PRO A O   1 
ATOM   67   C CB  . PRO A 1 11  ? -1.093  4.238   4.665   1.00 22.30 ? 8   PRO A CB  1 
ATOM   68   C CG  . PRO A 1 11  ? -2.492  4.750   4.042   1.00 22.27 ? 8   PRO A CG  1 
ATOM   69   C CD  . PRO A 1 11  ? -2.174  5.010   2.552   1.00 20.02 ? 8   PRO A CD  1 
ATOM   70   N N   . GLY A 1 12  ? -0.171  1.199   3.934   1.00 21.69 ? 9   GLY A N   1 
ATOM   71   C CA  . GLY A 1 12  ? -0.528  -0.199  3.872   1.00 22.87 ? 9   GLY A CA  1 
ATOM   72   C C   . GLY A 1 12  ? 0.522   -1.007  4.591   1.00 21.95 ? 9   GLY A C   1 
ATOM   73   O O   . GLY A 1 12  ? 1.527   -0.492  5.039   1.00 21.13 ? 9   GLY A O   1 
ATOM   74   N N   . THR A 1 13  ? 0.264   -2.299  4.716   1.00 21.66 ? 10  THR A N   1 
ATOM   75   C CA  . THR A 1 13  ? 1.244   -3.177  5.297   1.00 21.82 ? 10  THR A CA  1 
ATOM   76   C C   . THR A 1 13  ? 2.204   -3.696  4.241   1.00 22.00 ? 10  THR A C   1 
ATOM   77   O O   . THR A 1 13  ? 3.337   -4.049  4.570   1.00 20.87 ? 10  THR A O   1 
ATOM   78   C CB  . THR A 1 13  ? 0.466   -4.329  6.003   1.00 23.80 ? 10  THR A CB  1 
ATOM   79   O OG1 . THR A 1 13  ? -0.216  -3.715  7.134   1.00 29.05 ? 10  THR A OG1 1 
ATOM   80   C CG2 . THR A 1 13  ? 1.394   -5.307  6.562   1.00 24.48 ? 10  THR A CG2 1 
ATOM   81   N N   . PHE A 1 14  ? 1.772   -3.737  2.979   1.00 21.74 ? 11  PHE A N   1 
ATOM   82   C CA  . PHE A 1 14  ? 2.652   -4.101  1.858   1.00 21.92 ? 11  PHE A CA  1 
ATOM   83   C C   . PHE A 1 14  ? 3.547   -5.309  2.153   1.00 22.12 ? 11  PHE A C   1 
ATOM   84   O O   . PHE A 1 14  ? 4.788   -5.223  2.075   1.00 19.80 ? 11  PHE A O   1 
ATOM   85   C CB  . PHE A 1 14  ? 3.546   -2.894  1.401   1.00 22.25 ? 11  PHE A CB  1 
ATOM   86   C CG  . PHE A 1 14  ? 2.744   -1.689  0.975   1.00 22.26 ? 11  PHE A CG  1 
ATOM   87   C CD1 . PHE A 1 14  ? 2.121   -1.653  -0.283  1.00 22.82 ? 11  PHE A CD1 1 
ATOM   88   C CD2 . PHE A 1 14  ? 2.609   -0.617  1.820   1.00 18.89 ? 11  PHE A CD2 1 
ATOM   89   C CE1 . PHE A 1 14  ? 1.376   -0.535  -0.694  1.00 23.98 ? 11  PHE A CE1 1 
ATOM   90   C CE2 . PHE A 1 14  ? 1.854   0.525   1.447   1.00 18.49 ? 11  PHE A CE2 1 
ATOM   91   C CZ  . PHE A 1 14  ? 1.264   0.581   0.172   1.00 21.27 ? 11  PHE A CZ  1 
ATOM   92   N N   . ASP A 1 15  ? 2.903   -6.445  2.420   1.00 21.97 ? 12  ASP A N   1 
ATOM   93   C CA  . ASP A 1 15  ? 3.572   -7.614  2.915   1.00 22.69 ? 12  ASP A CA  1 
ATOM   94   C C   . ASP A 1 15  ? 3.307   -8.840  1.994   1.00 23.10 ? 12  ASP A C   1 
ATOM   95   O O   . ASP A 1 15  ? 2.603   -9.757  2.375   1.00 25.03 ? 12  ASP A O   1 
ATOM   96   C CB  . ASP A 1 15  ? 3.078   -7.886  4.351   1.00 21.13 ? 12  ASP A CB  1 
ATOM   97   C CG  . ASP A 1 15  ? 3.734   -9.138  4.951   1.00 24.17 ? 12  ASP A CG  1 
ATOM   98   O OD1 . ASP A 1 15  ? 4.968   -9.218  4.850   1.00 24.41 ? 12  ASP A OD1 1 
ATOM   99   O OD2 . ASP A 1 15  ? 3.003   -10.033 5.496   1.00 23.28 ? 12  ASP A OD2 1 
ATOM   100  N N   . PRO A 1 16  ? 3.851   -8.849  0.770   1.00 24.06 ? 13  PRO A N   1 
ATOM   101  C CA  . PRO A 1 16  ? 4.734   -7.817  0.182   1.00 23.49 ? 13  PRO A CA  1 
ATOM   102  C C   . PRO A 1 16  ? 3.980   -6.912  -0.785  1.00 23.95 ? 13  PRO A C   1 
ATOM   103  O O   . PRO A 1 16  ? 2.782   -7.130  -1.054  1.00 24.35 ? 13  PRO A O   1 
ATOM   104  C CB  . PRO A 1 16  ? 5.747   -8.655  -0.591  1.00 23.36 ? 13  PRO A CB  1 
ATOM   105  C CG  . PRO A 1 16  ? 4.934   -9.849  -1.091  1.00 22.82 ? 13  PRO A CG  1 
ATOM   106  C CD  . PRO A 1 16  ? 3.746   -10.026 -0.113  1.00 24.45 ? 13  PRO A CD  1 
ATOM   107  N N   . ILE A 1 17  ? 4.653   -5.882  -1.287  1.00 22.34 ? 14  ILE A N   1 
ATOM   108  C CA  . ILE A 1 17  ? 4.085   -5.101  -2.366  1.00 21.64 ? 14  ILE A CA  1 
ATOM   109  C C   . ILE A 1 17  ? 3.722   -5.988  -3.600  1.00 22.27 ? 14  ILE A C   1 
ATOM   110  O O   . ILE A 1 17  ? 4.508   -6.835  -3.994  1.00 21.09 ? 14  ILE A O   1 
ATOM   111  C CB  . ILE A 1 17  ? 5.006   -3.901  -2.715  1.00 21.79 ? 14  ILE A CB  1 
ATOM   112  C CG1 . ILE A 1 17  ? 4.323   -2.923  -3.689  1.00 21.25 ? 14  ILE A CG1 1 
ATOM   113  C CG2 . ILE A 1 17  ? 6.382   -4.349  -3.256  1.00 20.12 ? 14  ILE A CG2 1 
ATOM   114  C CD1 . ILE A 1 17  ? 5.135   -1.562  -3.760  1.00 20.74 ? 14  ILE A CD1 1 
ATOM   115  N N   . THR A 1 18  ? 2.537   -5.777  -4.183  1.00 21.43 ? 15  THR A N   1 
ATOM   116  C CA  . THR A 1 18  ? 2.038   -6.621  -5.294  1.00 22.58 ? 15  THR A CA  1 
ATOM   117  C C   . THR A 1 18  ? 1.915   -5.756  -6.571  1.00 23.53 ? 15  THR A C   1 
ATOM   118  O O   . THR A 1 18  ? 2.162   -4.537  -6.550  1.00 23.73 ? 15  THR A O   1 
ATOM   119  C CB  . THR A 1 18  ? 0.624   -7.223  -5.012  1.00 23.55 ? 15  THR A CB  1 
ATOM   120  O OG1 . THR A 1 18  ? -0.320  -6.159  -5.081  1.00 22.73 ? 15  THR A OG1 1 
ATOM   121  C CG2 . THR A 1 18  ? 0.490   -7.945  -3.615  1.00 23.30 ? 15  THR A CG2 1 
ATOM   122  N N   . ASN A 1 19  ? 1.538   -6.381  -7.682  1.00 22.91 ? 16  ASN A N   1 
ATOM   123  C CA  . ASN A 1 19  ? 1.332   -5.622  -8.927  1.00 23.06 ? 16  ASN A CA  1 
ATOM   124  C C   . ASN A 1 19  ? 0.124   -4.722  -8.818  1.00 22.15 ? 16  ASN A C   1 
ATOM   125  O O   . ASN A 1 19  ? 0.063   -3.720  -9.500  1.00 23.14 ? 16  ASN A O   1 
ATOM   126  C CB  . ASN A 1 19  ? 1.111   -6.577  -10.113 1.00 23.53 ? 16  ASN A CB  1 
ATOM   127  C CG  . ASN A 1 19  ? 2.410   -7.232  -10.577 1.00 25.74 ? 16  ASN A CG  1 
ATOM   128  O OD1 . ASN A 1 19  ? 3.502   -6.788  -10.240 1.00 28.35 ? 16  ASN A OD1 1 
ATOM   129  N ND2 . ASN A 1 19  ? 2.286   -8.295  -11.338 1.00 29.85 ? 16  ASN A ND2 1 
ATOM   130  N N   . GLY A 1 20  ? -0.843  -5.094  -7.988  1.00 22.62 ? 17  GLY A N   1 
ATOM   131  C CA  . GLY A 1 20  ? -1.976  -4.196  -7.636  1.00 22.73 ? 17  GLY A CA  1 
ATOM   132  C C   . GLY A 1 20  ? -1.506  -2.917  -6.947  1.00 22.32 ? 17  GLY A C   1 
ATOM   133  O O   . GLY A 1 20  ? -1.987  -1.806  -7.288  1.00 23.43 ? 17  GLY A O   1 
ATOM   134  N N   . HIS A 1 21  ? -0.658  -3.048  -5.931  1.00 20.79 ? 18  HIS A N   1 
ATOM   135  C CA  . HIS A 1 21  ? -0.104  -1.861  -5.271  1.00 20.71 ? 18  HIS A CA  1 
ATOM   136  C C   . HIS A 1 21  ? 0.692   -1.036  -6.272  1.00 20.51 ? 18  HIS A C   1 
ATOM   137  O O   . HIS A 1 21  ? 0.680   0.203   -6.266  1.00 20.25 ? 18  HIS A O   1 
ATOM   138  C CB  . HIS A 1 21  ? 0.855   -2.232  -4.126  1.00 19.35 ? 18  HIS A CB  1 
ATOM   139  C CG  . HIS A 1 21  ? 0.256   -3.099  -3.047  1.00 23.27 ? 18  HIS A CG  1 
ATOM   140  N ND1 . HIS A 1 21  ? -0.955  -2.830  -2.420  1.00 29.65 ? 18  HIS A ND1 1 
ATOM   141  C CD2 . HIS A 1 21  ? 0.748   -4.206  -2.438  1.00 20.98 ? 18  HIS A CD2 1 
ATOM   142  C CE1 . HIS A 1 21  ? -1.182  -3.750  -1.490  1.00 26.61 ? 18  HIS A CE1 1 
ATOM   143  N NE2 . HIS A 1 21  ? -0.161  -4.594  -1.479  1.00 29.72 ? 18  HIS A NE2 1 
ATOM   144  N N   . LEU A 1 22  ? 1.466   -1.717  -7.129  1.00 20.66 ? 19  LEU A N   1 
ATOM   145  C CA  . LEU A 1 22  ? 2.290   -0.985  -8.070  1.00 19.89 ? 19  LEU A CA  1 
ATOM   146  C C   . LEU A 1 22  ? 1.390   -0.157  -9.014  1.00 20.14 ? 19  LEU A C   1 
ATOM   147  O O   . LEU A 1 22  ? 1.711   0.978   -9.341  1.00 20.85 ? 19  LEU A O   1 
ATOM   148  C CB  . LEU A 1 22  ? 3.160   -1.948  -8.895  1.00 20.07 ? 19  LEU A CB  1 
ATOM   149  C CG  . LEU A 1 22  ? 3.926   -1.239  -10.019 1.00 20.95 ? 19  LEU A CG  1 
ATOM   150  C CD1 . LEU A 1 22  ? 4.807   -0.120  -9.490  1.00 24.24 ? 19  LEU A CD1 1 
ATOM   151  C CD2 . LEU A 1 22  ? 4.811   -2.298  -10.800 1.00 26.06 ? 19  LEU A CD2 1 
ATOM   152  N N   . ASP A 1 23  ? 0.295   -0.754  -9.496  1.00 20.53 ? 20  ASP A N   1 
ATOM   153  C CA  . ASP A 1 23  ? -0.626  -0.029  -10.374 1.00 20.76 ? 20  ASP A CA  1 
ATOM   154  C C   . ASP A 1 23  ? -1.151  1.212   -9.640  1.00 19.13 ? 20  ASP A C   1 
ATOM   155  O O   . ASP A 1 23  ? -1.185  2.311   -10.191 1.00 19.60 ? 20  ASP A O   1 
ATOM   156  C CB  . ASP A 1 23  ? -1.804  -0.988  -10.710 1.00 22.43 ? 20  ASP A CB  1 
ATOM   157  C CG  . ASP A 1 23  ? -2.857  -0.337  -11.645 1.00 25.68 ? 20  ASP A CG  1 
ATOM   158  O OD1 . ASP A 1 23  ? -2.537  0.142   -12.771 1.00 28.83 ? 20  ASP A OD1 1 
ATOM   159  O OD2 . ASP A 1 23  ? -4.012  -0.360  -11.275 1.00 28.03 ? 20  ASP A OD2 1 
ATOM   160  N N   . LEU A 1 24  ? -1.575  1.045   -8.373  1.00 18.99 ? 21  LEU A N   1 
ATOM   161  C CA  . LEU A 1 24  ? -2.192  2.184   -7.659  1.00 20.08 ? 21  LEU A CA  1 
ATOM   162  C C   . LEU A 1 24  ? -1.166  3.264   -7.385  1.00 19.03 ? 21  LEU A C   1 
ATOM   163  O O   . LEU A 1 24  ? -1.439  4.455   -7.575  1.00 19.46 ? 21  LEU A O   1 
ATOM   164  C CB  . LEU A 1 24  ? -2.826  1.706   -6.339  1.00 19.61 ? 21  LEU A CB  1 
ATOM   165  C CG  . LEU A 1 24  ? -4.126  0.880   -6.528  1.00 27.35 ? 21  LEU A CG  1 
ATOM   166  C CD1 . LEU A 1 24  ? -4.926  1.015   -5.269  1.00 31.45 ? 21  LEU A CD1 1 
ATOM   167  C CD2 . LEU A 1 24  ? -5.046  1.357   -7.674  1.00 29.03 ? 21  LEU A CD2 1 
ATOM   168  N N   . VAL A 1 25  ? 0.046   2.873   -6.953  1.00 18.45 ? 22  VAL A N   1 
ATOM   169  C CA  . VAL A 1 25  ? 1.051   3.931   -6.660  1.00 18.23 ? 22  VAL A CA  1 
ATOM   170  C C   . VAL A 1 25  ? 1.487   4.644   -7.952  1.00 18.35 ? 22  VAL A C   1 
ATOM   171  O O   . VAL A 1 25  ? 1.774   5.860   -7.953  1.00 19.23 ? 22  VAL A O   1 
ATOM   172  C CB  . VAL A 1 25  ? 2.244   3.406   -5.738  1.00 17.77 ? 22  VAL A CB  1 
ATOM   173  C CG1 . VAL A 1 25  ? 3.160   2.494   -6.565  1.00 20.72 ? 22  VAL A CG1 1 
ATOM   174  C CG2 . VAL A 1 25  ? 2.981   4.621   -5.082  1.00 18.34 ? 22  VAL A CG2 1 
ATOM   175  N N   . THR A 1 26  ? 1.518   3.917   -9.059  1.00 18.92 ? 23  THR A N   1 
ATOM   176  C CA  . THR A 1 26  ? 1.930   4.526   -10.333 1.00 19.71 ? 23  THR A CA  1 
ATOM   177  C C   . THR A 1 26  ? 0.884   5.577   -10.728 1.00 20.34 ? 23  THR A C   1 
ATOM   178  O O   . THR A 1 26  ? 1.215   6.680   -11.157 1.00 19.36 ? 23  THR A O   1 
ATOM   179  C CB  . THR A 1 26  ? 2.073   3.457   -11.410 1.00 20.15 ? 23  THR A CB  1 
ATOM   180  O OG1 . THR A 1 26  ? 3.134   2.553   -11.018 1.00 18.83 ? 23  THR A OG1 1 
ATOM   181  C CG2 . THR A 1 26  ? 2.360   4.056   -12.852 1.00 20.12 ? 23  THR A CG2 1 
ATOM   182  N N   . ARG A 1 27  ? -0.386  5.224   -10.572 1.00 19.52 ? 24  ARG A N   1 
ATOM   183  C CA  . ARG A 1 27  ? -1.440  6.173   -10.869 1.00 20.38 ? 24  ARG A CA  1 
ATOM   184  C C   . ARG A 1 27  ? -1.443  7.342   -9.900  1.00 19.59 ? 24  ARG A C   1 
ATOM   185  O O   . ARG A 1 27  ? -1.626  8.486   -10.323 1.00 20.24 ? 24  ARG A O   1 
ATOM   186  C CB  . ARG A 1 27  ? -2.789  5.419   -10.851 1.00 18.56 ? 24  ARG A CB  1 
ATOM   187  C CG  . ARG A 1 27  ? -2.898  4.608   -12.162 1.00 23.92 ? 24  ARG A CG  1 
ATOM   188  C CD  . ARG A 1 27  ? -3.846  3.452   -11.999 1.00 25.02 ? 24  ARG A CD  1 
ATOM   189  N NE  . ARG A 1 27  ? -5.188  3.963   -11.772 1.00 28.20 ? 24  ARG A NE  1 
ATOM   190  C CZ  . ARG A 1 27  ? -6.195  3.192   -11.363 1.00 29.91 ? 24  ARG A CZ  1 
ATOM   191  N NH1 . ARG A 1 27  ? -7.397  3.723   -11.164 1.00 28.24 ? 24  ARG A NH1 1 
ATOM   192  N NH2 . ARG A 1 27  ? -6.011  1.874   -11.196 1.00 27.36 ? 24  ARG A NH2 1 
ATOM   193  N N   . ALA A 1 28  ? -1.242  7.082   -8.612  1.00 18.70 ? 25  ALA A N   1 
ATOM   194  C CA  . ALA A 1 28  ? -1.181  8.193   -7.652  1.00 19.61 ? 25  ALA A CA  1 
ATOM   195  C C   . ALA A 1 28  ? -0.006  9.114   -8.012  1.00 20.58 ? 25  ALA A C   1 
ATOM   196  O O   . ALA A 1 28  ? -0.118  10.343  -7.987  1.00 21.85 ? 25  ALA A O   1 
ATOM   197  C CB  . ALA A 1 28  ? -1.041  7.626   -6.247  1.00 19.06 ? 25  ALA A CB  1 
ATOM   198  N N   . SER A 1 29  ? 1.118   8.509   -8.380  1.00 20.71 ? 26  SER A N   1 
ATOM   199  C CA  . SER A 1 29  ? 2.338   9.260   -8.791  1.00 20.88 ? 26  SER A CA  1 
ATOM   200  C C   . SER A 1 29  ? 2.035   10.237  -9.917  1.00 21.72 ? 26  SER A C   1 
ATOM   201  O O   . SER A 1 29  ? 2.578   11.355  -9.955  1.00 21.67 ? 26  SER A O   1 
ATOM   202  C CB  . SER A 1 29  ? 3.429   8.275   -9.263  1.00 19.51 ? 26  SER A CB  1 
ATOM   203  O OG  . SER A 1 29  ? 4.554   9.004   -9.818  1.00 22.66 ? 26  SER A OG  1 
ATOM   204  N N   . ALA A 1 30  ? 1.163   9.835   -10.840 1.00 23.07 ? 27  ALA A N   1 
ATOM   205  C CA  . ALA A 1 30  ? 0.868   10.657  -12.000 1.00 24.25 ? 27  ALA A CA  1 
ATOM   206  C C   . ALA A 1 30  ? -0.029  11.829  -11.616 1.00 25.63 ? 27  ALA A C   1 
ATOM   207  O O   . ALA A 1 30  ? 0.015   12.870  -12.252 1.00 24.99 ? 27  ALA A O   1 
ATOM   208  C CB  . ALA A 1 30  ? 0.206   9.820   -13.144 1.00 25.38 ? 27  ALA A CB  1 
ATOM   209  N N   . MET A 1 31  ? -0.835  11.663  -10.575 1.00 25.15 ? 28  MET A N   1 
ATOM   210  C CA  . MET A 1 31  ? -1.801  12.694  -10.192 1.00 26.68 ? 28  MET A CA  1 
ATOM   211  C C   . MET A 1 31  ? -1.368  13.714  -9.170  1.00 26.93 ? 28  MET A C   1 
ATOM   212  O O   . MET A 1 31  ? -1.899  14.829  -9.175  1.00 27.60 ? 28  MET A O   1 
ATOM   213  C CB  . MET A 1 31  ? -3.068  12.030  -9.620  1.00 26.39 ? 28  MET A CB  1 
ATOM   214  C CG  . MET A 1 31  ? -3.843  11.230  -10.633 1.00 31.23 ? 28  MET A CG  1 
ATOM   215  S SD  . MET A 1 31  ? -5.374  10.663  -9.772  1.00 39.75 ? 28  MET A SD  1 
ATOM   216  C CE  . MET A 1 31  ? -4.728  9.303   -8.979  1.00 28.92 ? 28  MET A CE  1 
ATOM   217  N N   . PHE A 1 32  ? -0.483  13.330  -8.253  1.00 24.98 ? 29  PHE A N   1 
ATOM   218  C CA  . PHE A 1 32  ? -0.154  14.190  -7.120  1.00 24.82 ? 29  PHE A CA  1 
ATOM   219  C C   . PHE A 1 32  ? 1.284   14.641  -7.206  1.00 25.41 ? 29  PHE A C   1 
ATOM   220  O O   . PHE A 1 32  ? 2.078   14.016  -7.900  1.00 25.22 ? 29  PHE A O   1 
ATOM   221  C CB  . PHE A 1 32  ? -0.414  13.450  -5.790  1.00 23.46 ? 29  PHE A CB  1 
ATOM   222  C CG  . PHE A 1 32  ? -1.833  12.956  -5.675  1.00 26.60 ? 29  PHE A CG  1 
ATOM   223  C CD1 . PHE A 1 32  ? -2.897  13.850  -5.677  1.00 29.51 ? 29  PHE A CD1 1 
ATOM   224  C CD2 . PHE A 1 32  ? -2.107  11.609  -5.636  1.00 25.91 ? 29  PHE A CD2 1 
ATOM   225  C CE1 . PHE A 1 32  ? -4.227  13.367  -5.597  1.00 30.87 ? 29  PHE A CE1 1 
ATOM   226  C CE2 . PHE A 1 32  ? -3.421  11.140  -5.539  1.00 28.44 ? 29  PHE A CE2 1 
ATOM   227  C CZ  . PHE A 1 32  ? -4.474  12.040  -5.537  1.00 26.17 ? 29  PHE A CZ  1 
ATOM   228  N N   . SER A 1 33  ? 1.612   15.733  -6.522  1.00 25.65 ? 30  SER A N   1 
ATOM   229  C CA  . SER A 1 33  ? 2.964   16.295  -6.597  1.00 26.23 ? 30  SER A CA  1 
ATOM   230  C C   . SER A 1 33  ? 3.971   15.335  -6.014  1.00 24.62 ? 30  SER A C   1 
ATOM   231  O O   . SER A 1 33  ? 5.046   15.163  -6.560  1.00 24.39 ? 30  SER A O   1 
ATOM   232  C CB  . SER A 1 33  ? 3.054   17.599  -5.788  1.00 27.07 ? 30  SER A CB  1 
ATOM   233  O OG  . SER A 1 33  ? 2.178   18.555  -6.357  1.00 32.79 ? 30  SER A OG  1 
ATOM   234  N N   . HIS A 1 34  ? 3.624   14.770  -4.873  1.00 24.42 ? 31  HIS A N   1 
ATOM   235  C CA  . HIS A 1 34  ? 4.488   13.824  -4.154  1.00 25.62 ? 31  HIS A CA  1 
ATOM   236  C C   . HIS A 1 34  ? 3.639   12.739  -3.504  1.00 24.33 ? 31  HIS A C   1 
ATOM   237  O O   . HIS A 1 34  ? 2.531   13.022  -2.990  1.00 23.21 ? 31  HIS A O   1 
ATOM   238  C CB  . HIS A 1 34  ? 5.253   14.585  -3.056  1.00 26.49 ? 31  HIS A CB  1 
ATOM   239  C CG  . HIS A 1 34  ? 6.310   13.771  -2.370  1.00 30.46 ? 31  HIS A CG  1 
ATOM   240  N ND1 . HIS A 1 34  ? 7.589   13.625  -2.890  1.00 32.95 ? 31  HIS A ND1 1 
ATOM   241  C CD2 . HIS A 1 34  ? 6.296   13.084  -1.200  1.00 27.94 ? 31  HIS A CD2 1 
ATOM   242  C CE1 . HIS A 1 34  ? 8.305   12.871  -2.072  1.00 32.29 ? 31  HIS A CE1 1 
ATOM   243  N NE2 . HIS A 1 34  ? 7.553   12.545  -1.033  1.00 31.63 ? 31  HIS A NE2 1 
ATOM   244  N N   . VAL A 1 35  ? 4.151   11.501  -3.525  1.00 22.24 ? 32  VAL A N   1 
ATOM   245  C CA  . VAL A 1 35  ? 3.499   10.398  -2.867  1.00 21.02 ? 32  VAL A CA  1 
ATOM   246  C C   . VAL A 1 35  ? 4.421   9.701   -1.914  1.00 20.65 ? 32  VAL A C   1 
ATOM   247  O O   . VAL A 1 35  ? 5.546   9.332   -2.293  1.00 21.95 ? 32  VAL A O   1 
ATOM   248  C CB  . VAL A 1 35  ? 2.968   9.352   -3.882  1.00 21.18 ? 32  VAL A CB  1 
ATOM   249  C CG1 . VAL A 1 35  ? 2.157   8.252   -3.119  1.00 21.06 ? 32  VAL A CG1 1 
ATOM   250  C CG2 . VAL A 1 35  ? 2.068   10.068  -4.917  1.00 22.13 ? 32  VAL A CG2 1 
ATOM   251  N N   . ILE A 1 36  ? 3.999   9.558   -0.670  1.00 19.91 ? 33  ILE A N   1 
ATOM   252  C CA  . ILE A 1 36  ? 4.703   8.659   0.254   1.00 20.25 ? 33  ILE A CA  1 
ATOM   253  C C   . ILE A 1 36  ? 4.008   7.301   0.208   1.00 20.39 ? 33  ILE A C   1 
ATOM   254  O O   . ILE A 1 36  ? 2.787   7.216   0.484   1.00 21.39 ? 33  ILE A O   1 
ATOM   255  C CB  . ILE A 1 36  ? 4.704   9.219   1.688   1.00 20.94 ? 33  ILE A CB  1 
ATOM   256  C CG1 . ILE A 1 36  ? 5.440   10.565  1.709   1.00 22.60 ? 33  ILE A CG1 1 
ATOM   257  C CG2 . ILE A 1 36  ? 5.338   8.199   2.684   1.00 20.98 ? 33  ILE A CG2 1 
ATOM   258  C CD1 . ILE A 1 36  ? 5.437   11.253  3.094   1.00 25.18 ? 33  ILE A CD1 1 
ATOM   259  N N   . LEU A 1 37  ? 4.753   6.252   -0.119  1.00 18.27 ? 34  LEU A N   1 
ATOM   260  C CA  . LEU A 1 37  ? 4.222   4.902   -0.002  1.00 19.45 ? 34  LEU A CA  1 
ATOM   261  C C   . LEU A 1 37  ? 4.659   4.546   1.423   1.00 20.30 ? 34  LEU A C   1 
ATOM   262  O O   . LEU A 1 37  ? 5.851   4.447   1.735   1.00 19.64 ? 34  LEU A O   1 
ATOM   263  C CB  . LEU A 1 37  ? 4.774   3.969   -1.098  1.00 19.10 ? 34  LEU A CB  1 
ATOM   264  C CG  . LEU A 1 37  ? 4.177   2.553   -1.108  1.00 20.40 ? 34  LEU A CG  1 
ATOM   265  C CD1 . LEU A 1 37  ? 4.378   1.922   -2.461  1.00 24.40 ? 34  LEU A CD1 1 
ATOM   266  C CD2 . LEU A 1 37  ? 4.847   1.687   -0.039  1.00 20.65 ? 34  LEU A CD2 1 
ATOM   267  N N   . ALA A 1 38  ? 3.683   4.534   2.328   1.00 19.45 ? 35  ALA A N   1 
ATOM   268  C CA  . ALA A 1 38  ? 3.950   4.421   3.771   1.00 18.78 ? 35  ALA A CA  1 
ATOM   269  C C   . ALA A 1 38  ? 3.654   3.011   4.223   1.00 19.87 ? 35  ALA A C   1 
ATOM   270  O O   . ALA A 1 38  ? 2.476   2.534   4.160   1.00 20.23 ? 35  ALA A O   1 
ATOM   271  C CB  . ALA A 1 38  ? 3.031   5.398   4.531   1.00 18.60 ? 35  ALA A CB  1 
ATOM   272  N N   . ILE A 1 39  ? 4.674   2.353   4.748   1.00 19.68 ? 36  ILE A N   1 
ATOM   273  C CA  . ILE A 1 39  ? 4.558   0.957   5.154   1.00 20.45 ? 36  ILE A CA  1 
ATOM   274  C C   . ILE A 1 39  ? 4.441   0.862   6.683   1.00 21.52 ? 36  ILE A C   1 
ATOM   275  O O   . ILE A 1 39  ? 5.371   1.180   7.428   1.00 21.37 ? 36  ILE A O   1 
ATOM   276  C CB  . ILE A 1 39  ? 5.767   0.124   4.662   1.00 19.82 ? 36  ILE A CB  1 
ATOM   277  C CG1 . ILE A 1 39  ? 5.970   0.362   3.147   1.00 21.37 ? 36  ILE A CG1 1 
ATOM   278  C CG2 . ILE A 1 39  ? 5.555   -1.369  5.018   1.00 18.37 ? 36  ILE A CG2 1 
ATOM   279  C CD1 . ILE A 1 39  ? 7.016   -0.631  2.486   1.00 22.00 ? 36  ILE A CD1 1 
ATOM   280  N N   . ALA A 1 40  ? 3.261   0.416   7.145   1.00 21.28 ? 37  ALA A N   1 
ATOM   281  C CA  . ALA A 1 40  ? 3.037   0.307   8.565   1.00 22.50 ? 37  ALA A CA  1 
ATOM   282  C C   . ALA A 1 40  ? 3.779   -0.881  9.097   1.00 24.18 ? 37  ALA A C   1 
ATOM   283  O O   . ALA A 1 40  ? 3.759   -1.976  8.508   1.00 24.25 ? 37  ALA A O   1 
ATOM   284  C CB  . ALA A 1 40  ? 1.480   0.149   8.860   1.00 22.22 ? 37  ALA A CB  1 
ATOM   285  N N   . ASP A 1 41  ? 4.414   -0.684  10.247  1.00 25.74 ? 38  ASP A N   1 
ATOM   286  C CA  A ASP A 1 41  ? 5.101   -1.773  10.901  0.50 26.89 ? 38  ASP A CA  1 
ATOM   287  C CA  B ASP A 1 41  ? 5.095   -1.767  10.925  0.50 27.37 ? 38  ASP A CA  1 
ATOM   288  C C   . ASP A 1 41  ? 4.133   -2.957  11.071  1.00 28.16 ? 38  ASP A C   1 
ATOM   289  O O   . ASP A 1 41  ? 4.468   -4.088  10.718  1.00 26.96 ? 38  ASP A O   1 
ATOM   290  C CB  A ASP A 1 41  ? 5.664   -1.311  12.237  0.50 27.16 ? 38  ASP A CB  1 
ATOM   291  C CB  B ASP A 1 41  ? 5.585   -1.291  12.287  0.50 28.13 ? 38  ASP A CB  1 
ATOM   292  C CG  A ASP A 1 41  ? 6.413   -2.403  12.953  0.50 28.85 ? 38  ASP A CG  1 
ATOM   293  C CG  B ASP A 1 41  ? 6.692   -2.153  12.835  0.50 31.60 ? 38  ASP A CG  1 
ATOM   294  O OD1 A ASP A 1 41  ? 7.633   -2.588  12.671  0.50 31.30 ? 38  ASP A OD1 1 
ATOM   295  O OD1 B ASP A 1 41  ? 6.927   -3.250  12.270  0.50 35.36 ? 38  ASP A OD1 1 
ATOM   296  O OD2 A ASP A 1 41  ? 5.778   -3.066  13.796  0.50 26.87 ? 38  ASP A OD2 1 
ATOM   297  O OD2 B ASP A 1 41  ? 7.336   -1.733  13.827  0.50 34.62 ? 38  ASP A OD2 1 
ATOM   298  N N   . SER A 1 42  ? 2.934   -2.672  11.593  1.00 29.39 ? 39  SER A N   1 
ATOM   299  C CA  . SER A 1 42  ? 1.850   -3.662  11.750  1.00 33.20 ? 39  SER A CA  1 
ATOM   300  C C   . SER A 1 42  ? 2.316   -4.910  12.489  1.00 34.66 ? 39  SER A C   1 
ATOM   301  O O   . SER A 1 42  ? 1.916   -6.029  12.129  1.00 35.20 ? 39  SER A O   1 
ATOM   302  C CB  . SER A 1 42  ? 1.276   -4.062  10.388  1.00 33.35 ? 39  SER A CB  1 
ATOM   303  O OG  . SER A 1 42  ? 0.640   -2.972  9.749   1.00 34.25 ? 39  SER A OG  1 
ATOM   304  N N   . SER A 1 43  ? 3.128   -4.713  13.525  1.00 35.93 ? 40  SER A N   1 
ATOM   305  C CA  A SER A 1 43  ? 3.712   -5.811  14.306  0.50 37.70 ? 40  SER A CA  1 
ATOM   306  C CA  B SER A 1 43  ? 3.716   -5.853  14.238  0.50 37.37 ? 40  SER A CA  1 
ATOM   307  C C   . SER A 1 43  ? 2.656   -6.810  14.819  1.00 38.27 ? 40  SER A C   1 
ATOM   308  O O   . SER A 1 43  ? 2.845   -8.036  14.785  1.00 38.27 ? 40  SER A O   1 
ATOM   309  C CB  A SER A 1 43  ? 4.521   -5.245  15.487  0.50 37.60 ? 40  SER A CB  1 
ATOM   310  C CB  B SER A 1 43  ? 4.728   -5.409  15.311  0.50 37.08 ? 40  SER A CB  1 
ATOM   311  O OG  A SER A 1 43  ? 3.695   -4.485  16.367  0.50 38.28 ? 40  SER A OG  1 
ATOM   312  O OG  B SER A 1 43  ? 6.046   -5.343  14.790  0.50 36.18 ? 40  SER A OG  1 
ATOM   313  N N   . SER A 1 44  ? 1.541   -6.265  15.301  1.00 39.70 ? 41  SER A N   1 
ATOM   314  C CA  . SER A 1 44  ? 0.493   -7.086  15.910  1.00 41.42 ? 41  SER A CA  1 
ATOM   315  C C   . SER A 1 44  ? -0.273  -7.891  14.847  1.00 41.03 ? 41  SER A C   1 
ATOM   316  O O   . SER A 1 44  ? -0.981  -8.850  15.165  1.00 41.64 ? 41  SER A O   1 
ATOM   317  C CB  . SER A 1 44  ? -0.446  -6.220  16.776  1.00 42.02 ? 41  SER A CB  1 
ATOM   318  O OG  . SER A 1 44  ? -1.349  -5.449  15.980  1.00 45.32 ? 41  SER A OG  1 
ATOM   319  N N   . LYS A 1 45  ? -0.112  -7.503  13.581  1.00 40.73 ? 42  LYS A N   1 
ATOM   320  C CA  . LYS A 1 45  ? -0.752  -8.203  12.469  1.00 39.54 ? 42  LYS A CA  1 
ATOM   321  C C   . LYS A 1 45  ? 0.128   -9.312  11.845  1.00 38.14 ? 42  LYS A C   1 
ATOM   322  O O   . LYS A 1 45  ? -0.244  -9.877  10.821  1.00 37.63 ? 42  LYS A O   1 
ATOM   323  C CB  . LYS A 1 45  ? -1.235  -7.182  11.416  1.00 40.56 ? 42  LYS A CB  1 
ATOM   324  C CG  . LYS A 1 45  ? -2.194  -6.110  12.003  1.00 42.43 ? 42  LYS A CG  1 
ATOM   325  C CD  . LYS A 1 45  ? -2.771  -5.235  10.903  1.00 48.22 ? 42  LYS A CD  1 
ATOM   326  C CE  . LYS A 1 45  ? -3.848  -4.296  11.451  1.00 51.09 ? 42  LYS A CE  1 
ATOM   327  N NZ  . LYS A 1 45  ? -3.876  -3.038  10.651  1.00 51.50 ? 42  LYS A NZ  1 
ATOM   328  N N   . LYS A 1 46  ? 1.275   -9.604  12.472  1.00 36.69 ? 43  LYS A N   1 
ATOM   329  C CA  . LYS A 1 46  ? 2.223   -10.695 12.089  1.00 35.93 ? 43  LYS A CA  1 
ATOM   330  C C   . LYS A 1 46  ? 2.642   -10.800 10.604  1.00 33.86 ? 43  LYS A C   1 
ATOM   331  O O   . LYS A 1 46  ? 2.358   -11.804 9.948   1.00 30.69 ? 43  LYS A O   1 
ATOM   332  C CB  . LYS A 1 46  ? 1.700   -12.052 12.549  1.00 37.49 ? 43  LYS A CB  1 
ATOM   333  C CG  . LYS A 1 46  ? 2.249   -12.480 13.906  1.00 43.18 ? 43  LYS A CG  1 
ATOM   334  C CD  . LYS A 1 46  ? 1.667   -11.669 15.070  1.00 49.15 ? 43  LYS A CD  1 
ATOM   335  C CE  . LYS A 1 46  ? 2.636   -11.669 16.255  1.00 51.68 ? 43  LYS A CE  1 
ATOM   336  N NZ  . LYS A 1 46  ? 1.871   -11.603 17.530  1.00 53.40 ? 43  LYS A NZ  1 
ATOM   337  N N   . PRO A 1 47  ? 3.354   -9.777  10.078  1.00 32.81 ? 44  PRO A N   1 
ATOM   338  C CA  . PRO A 1 47  ? 3.703   -9.793  8.645   1.00 30.66 ? 44  PRO A CA  1 
ATOM   339  C C   . PRO A 1 47  ? 4.701   -10.900 8.363   1.00 27.67 ? 44  PRO A C   1 
ATOM   340  O O   . PRO A 1 47  ? 5.472   -11.248 9.230   1.00 27.85 ? 44  PRO A O   1 
ATOM   341  C CB  . PRO A 1 47  ? 4.419   -8.428  8.424   1.00 30.50 ? 44  PRO A CB  1 
ATOM   342  C CG  . PRO A 1 47  ? 4.083   -7.601  9.640   1.00 33.37 ? 44  PRO A CG  1 
ATOM   343  C CD  . PRO A 1 47  ? 3.935   -8.617  10.776  1.00 33.64 ? 44  PRO A CD  1 
ATOM   344  N N   . MET A 1 48  ? 4.703   -11.425 7.152   1.00 25.35 ? 45  MET A N   1 
ATOM   345  C CA  . MET A 1 48  ? 5.688   -12.401 6.731   1.00 25.25 ? 45  MET A CA  1 
ATOM   346  C C   . MET A 1 48  ? 7.087   -11.774 6.594   1.00 24.85 ? 45  MET A C   1 
ATOM   347  O O   . MET A 1 48  ? 8.088   -12.394 6.932   1.00 23.96 ? 45  MET A O   1 
ATOM   348  C CB  . MET A 1 48  ? 5.279   -12.945 5.367   1.00 26.09 ? 45  MET A CB  1 
ATOM   349  C CG  . MET A 1 48  ? 6.327   -13.875 4.712   1.00 28.24 ? 45  MET A CG  1 
ATOM   350  S SD  . MET A 1 48  ? 5.673   -14.406 3.121   1.00 32.65 ? 45  MET A SD  1 
ATOM   351  C CE  . MET A 1 48  ? 4.576   -15.701 3.688   1.00 35.09 ? 45  MET A CE  1 
ATOM   352  N N   . PHE A 1 49  ? 7.136   -10.574 6.023   1.00 23.75 ? 46  PHE A N   1 
ATOM   353  C CA  . PHE A 1 49  ? 8.406   -9.860  5.798   1.00 23.33 ? 46  PHE A CA  1 
ATOM   354  C C   . PHE A 1 49  ? 8.662   -8.812  6.850   1.00 22.76 ? 46  PHE A C   1 
ATOM   355  O O   . PHE A 1 49  ? 7.727   -8.150  7.285   1.00 23.86 ? 46  PHE A O   1 
ATOM   356  C CB  . PHE A 1 49  ? 8.336   -9.165  4.445   1.00 22.79 ? 46  PHE A CB  1 
ATOM   357  C CG  . PHE A 1 49  ? 8.377   -10.112 3.299   1.00 24.38 ? 46  PHE A CG  1 
ATOM   358  C CD1 . PHE A 1 49  ? 9.598   -10.623 2.873   1.00 24.83 ? 46  PHE A CD1 1 
ATOM   359  C CD2 . PHE A 1 49  ? 7.182   -10.519 2.671   1.00 25.52 ? 46  PHE A CD2 1 
ATOM   360  C CE1 . PHE A 1 49  ? 9.659   -11.505 1.790   1.00 29.04 ? 46  PHE A CE1 1 
ATOM   361  C CE2 . PHE A 1 49  ? 7.201   -11.437 1.621   1.00 25.41 ? 46  PHE A CE2 1 
ATOM   362  C CZ  . PHE A 1 49  ? 8.472   -11.915 1.160   1.00 26.33 ? 46  PHE A CZ  1 
ATOM   363  N N   . THR A 1 50  ? 9.921   -8.630  7.255   1.00 23.48 ? 47  THR A N   1 
ATOM   364  C CA  . THR A 1 50  ? 10.201  -7.580  8.236   1.00 22.93 ? 47  THR A CA  1 
ATOM   365  C C   . THR A 1 50  ? 9.929   -6.212  7.582   1.00 22.48 ? 47  THR A C   1 
ATOM   366  O O   . THR A 1 50  ? 9.831   -6.117  6.356   1.00 21.70 ? 47  THR A O   1 
ATOM   367  C CB  . THR A 1 50  ? 11.669  -7.604  8.711   1.00 22.80 ? 47  THR A CB  1 
ATOM   368  O OG1 . THR A 1 50  ? 12.540  -7.344  7.596   1.00 22.82 ? 47  THR A OG1 1 
ATOM   369  C CG2 . THR A 1 50  ? 12.032  -8.954  9.370   1.00 24.61 ? 47  THR A CG2 1 
ATOM   370  N N   . LEU A 1 51  ? 9.775   -5.176  8.399   1.00 21.41 ? 48  LEU A N   1 
ATOM   371  C CA  . LEU A 1 51  ? 9.592   -3.842  7.888   1.00 21.19 ? 48  LEU A CA  1 
ATOM   372  C C   . LEU A 1 51  ? 10.738  -3.459  6.928   1.00 21.29 ? 48  LEU A C   1 
ATOM   373  O O   . LEU A 1 51  ? 10.478  -2.931  5.824   1.00 20.92 ? 48  LEU A O   1 
ATOM   374  C CB  . LEU A 1 51  ? 9.460   -2.825  9.048   1.00 21.52 ? 48  LEU A CB  1 
ATOM   375  C CG  . LEU A 1 51  ? 9.142   -1.373  8.611   1.00 21.93 ? 48  LEU A CG  1 
ATOM   376  C CD1 . LEU A 1 51  ? 7.913   -1.262  7.664   1.00 18.90 ? 48  LEU A CD1 1 
ATOM   377  C CD2 . LEU A 1 51  ? 9.021   -0.407  9.817   1.00 25.07 ? 48  LEU A CD2 1 
ATOM   378  N N   . ASP A 1 52  ? 11.978  -3.765  7.308   1.00 20.57 ? 49  ASP A N   1 
ATOM   379  C CA  . ASP A 1 52  ? 13.115  -3.430  6.453   1.00 21.55 ? 49  ASP A CA  1 
ATOM   380  C C   . ASP A 1 52  ? 13.056  -4.168  5.152   1.00 20.98 ? 49  ASP A C   1 
ATOM   381  O O   . ASP A 1 52  ? 13.341  -3.580  4.097   1.00 21.34 ? 49  ASP A O   1 
ATOM   382  C CB  . ASP A 1 52  ? 14.469  -3.726  7.137   1.00 21.39 ? 49  ASP A CB  1 
ATOM   383  C CG  . ASP A 1 52  ? 14.764  -2.785  8.285   1.00 22.67 ? 49  ASP A CG  1 
ATOM   384  O OD1 . ASP A 1 52  ? 14.175  -1.707  8.383   1.00 24.04 ? 49  ASP A OD1 1 
ATOM   385  O OD2 . ASP A 1 52  ? 15.634  -3.108  9.082   1.00 26.55 ? 49  ASP A OD2 1 
ATOM   386  N N   . GLU A 1 53  ? 12.663  -5.448  5.195   1.00 20.56 ? 50  GLU A N   1 
ATOM   387  C CA  . GLU A 1 53  ? 12.510  -6.200  3.949   1.00 20.38 ? 50  GLU A CA  1 
ATOM   388  C C   . GLU A 1 53  ? 11.421  -5.608  3.066   1.00 19.42 ? 50  GLU A C   1 
ATOM   389  O O   . GLU A 1 53  ? 11.555  -5.553  1.859   1.00 19.55 ? 50  GLU A O   1 
ATOM   390  C CB  . GLU A 1 53  ? 12.181  -7.645  4.225   1.00 20.43 ? 50  GLU A CB  1 
ATOM   391  C CG  . GLU A 1 53  ? 13.393  -8.420  4.855   1.00 23.52 ? 50  GLU A CG  1 
ATOM   392  C CD  . GLU A 1 53  ? 13.008  -9.821  5.321   1.00 25.53 ? 50  GLU A CD  1 
ATOM   393  O OE1 . GLU A 1 53  ? 11.812  -10.058 5.658   1.00 23.27 ? 50  GLU A OE1 1 
ATOM   394  O OE2 . GLU A 1 53  ? 13.922  -10.670 5.328   1.00 30.86 ? 50  GLU A OE2 1 
ATOM   395  N N   . ARG A 1 54  ? 10.315  -5.212  3.676   1.00 19.06 ? 51  ARG A N   1 
ATOM   396  C CA  . ARG A 1 54  ? 9.212   -4.610  2.898   1.00 18.40 ? 51  ARG A CA  1 
ATOM   397  C C   . ARG A 1 54  ? 9.585   -3.259  2.280   1.00 18.56 ? 51  ARG A C   1 
ATOM   398  O O   . ARG A 1 54  ? 9.177   -2.945  1.146   1.00 18.42 ? 51  ARG A O   1 
ATOM   399  C CB  . ARG A 1 54  ? 7.967   -4.486  3.798   1.00 17.79 ? 51  ARG A CB  1 
ATOM   400  C CG  . ARG A 1 54  ? 7.389   -5.891  4.141   1.00 18.09 ? 51  ARG A CG  1 
ATOM   401  C CD  . ARG A 1 54  ? 6.140   -5.772  5.048   1.00 20.48 ? 51  ARG A CD  1 
ATOM   402  N NE  . ARG A 1 54  ? 6.497   -5.675  6.466   1.00 22.23 ? 51  ARG A NE  1 
ATOM   403  C CZ  . ARG A 1 54  ? 5.879   -4.912  7.368   1.00 22.61 ? 51  ARG A CZ  1 
ATOM   404  N NH1 . ARG A 1 54  ? 6.291   -4.965  8.631   1.00 21.61 ? 51  ARG A NH1 1 
ATOM   405  N NH2 . ARG A 1 54  ? 4.871   -4.100  7.040   1.00 20.54 ? 51  ARG A NH2 1 
ATOM   406  N N   . VAL A 1 55  ? 10.320  -2.462  3.032   1.00 18.99 ? 52  VAL A N   1 
ATOM   407  C CA  . VAL A 1 55  ? 10.757  -1.147  2.550   1.00 19.44 ? 52  VAL A CA  1 
ATOM   408  C C   . VAL A 1 55  ? 11.698  -1.364  1.360   1.00 18.68 ? 52  VAL A C   1 
ATOM   409  O O   . VAL A 1 55  ? 11.572  -0.671  0.325   1.00 17.98 ? 52  VAL A O   1 
ATOM   410  C CB  . VAL A 1 55  ? 11.420  -0.359  3.676   1.00 19.57 ? 52  VAL A CB  1 
ATOM   411  C CG1 . VAL A 1 55  ? 12.233  0.819   3.110   1.00 18.12 ? 52  VAL A CG1 1 
ATOM   412  C CG2 . VAL A 1 55  ? 10.320  0.194   4.653   1.00 18.88 ? 52  VAL A CG2 1 
ATOM   413  N N   . ALA A 1 56  ? 12.617  -2.338  1.482   1.00 18.27 ? 53  ALA A N   1 
ATOM   414  C CA  . ALA A 1 56  ? 13.592  -2.585  0.403   1.00 18.61 ? 53  ALA A CA  1 
ATOM   415  C C   . ALA A 1 56  ? 12.886  -3.049  -0.856  1.00 18.93 ? 53  ALA A C   1 
ATOM   416  O O   . ALA A 1 56  ? 13.196  -2.555  -1.968  1.00 19.06 ? 53  ALA A O   1 
ATOM   417  C CB  . ALA A 1 56  ? 14.677  -3.633  0.842   1.00 18.15 ? 53  ALA A CB  1 
ATOM   418  N N   . LEU A 1 57  ? 11.906  -3.968  -0.715  1.00 18.08 ? 54  LEU A N   1 
ATOM   419  C CA  . LEU A 1 57  ? 11.135  -4.394  -1.889  1.00 18.79 ? 54  LEU A CA  1 
ATOM   420  C C   . LEU A 1 57  ? 10.382  -3.232  -2.512  1.00 18.26 ? 54  LEU A C   1 
ATOM   421  O O   . LEU A 1 57  ? 10.406  -3.089  -3.748  1.00 19.19 ? 54  LEU A O   1 
ATOM   422  C CB  . LEU A 1 57  ? 10.144  -5.528  -1.544  1.00 19.07 ? 54  LEU A CB  1 
ATOM   423  C CG  . LEU A 1 57  ? 10.829  -6.878  -1.257  1.00 20.17 ? 54  LEU A CG  1 
ATOM   424  C CD1 . LEU A 1 57  ? 9.788   -7.893  -0.704  1.00 21.31 ? 54  LEU A CD1 1 
ATOM   425  C CD2 . LEU A 1 57  ? 11.496  -7.417  -2.532  1.00 23.16 ? 54  LEU A CD2 1 
ATOM   426  N N   . ALA A 1 58  ? 9.690   -2.434  -1.699  1.00 17.61 ? 55  ALA A N   1 
ATOM   427  C CA  . ALA A 1 58  ? 8.912   -1.306  -2.258  1.00 19.41 ? 55  ALA A CA  1 
ATOM   428  C C   . ALA A 1 58  ? 9.808   -0.274  -2.973  1.00 18.21 ? 55  ALA A C   1 
ATOM   429  O O   . ALA A 1 58  ? 9.419   0.301   -3.990  1.00 19.45 ? 55  ALA A O   1 
ATOM   430  C CB  . ALA A 1 58  ? 8.075   -0.616  -1.170  1.00 18.16 ? 55  ALA A CB  1 
ATOM   431  N N   . LYS A 1 59  ? 10.994  0.006   -2.408  1.00 17.89 ? 56  LYS A N   1 
ATOM   432  C CA  . LYS A 1 59  ? 11.968  0.873   -3.094  1.00 19.40 ? 56  LYS A CA  1 
ATOM   433  C C   . LYS A 1 59  ? 12.403  0.346   -4.447  1.00 19.62 ? 56  LYS A C   1 
ATOM   434  O O   . LYS A 1 59  ? 12.493  1.114   -5.396  1.00 20.04 ? 56  LYS A O   1 
ATOM   435  C CB  . LYS A 1 59  ? 13.220  1.099   -2.214  1.00 17.47 ? 56  LYS A CB  1 
ATOM   436  C CG  . LYS A 1 59  ? 12.944  1.989   -1.048  1.00 18.80 ? 56  LYS A CG  1 
ATOM   437  C CD  . LYS A 1 59  ? 14.237  2.035   -0.195  1.00 25.20 ? 56  LYS A CD  1 
ATOM   438  C CE  . LYS A 1 59  ? 14.163  2.980   0.960   1.00 25.93 ? 56  LYS A CE  1 
ATOM   439  N NZ  . LYS A 1 59  ? 15.483  2.883   1.748   1.00 29.86 ? 56  LYS A NZ  1 
ATOM   440  N N   . LYS A 1 60  ? 12.656  -0.949  -4.559  1.00 20.14 ? 57  LYS A N   1 
ATOM   441  C CA  A LYS A 1 60  ? 13.028  -1.509  -5.849  0.60 21.55 ? 57  LYS A CA  1 
ATOM   442  C CA  B LYS A 1 60  ? 13.029  -1.514  -5.846  0.40 21.29 ? 57  LYS A CA  1 
ATOM   443  C C   . LYS A 1 60  ? 11.907  -1.354  -6.843  1.00 21.56 ? 57  LYS A C   1 
ATOM   444  O O   . LYS A 1 60  ? 12.129  -1.019  -7.990  1.00 21.64 ? 57  LYS A O   1 
ATOM   445  C CB  A LYS A 1 60  ? 13.317  -3.003  -5.749  0.60 22.39 ? 57  LYS A CB  1 
ATOM   446  C CB  B LYS A 1 60  ? 13.334  -3.002  -5.723  0.40 21.90 ? 57  LYS A CB  1 
ATOM   447  C CG  A LYS A 1 60  ? 14.669  -3.346  -5.185  0.60 26.02 ? 57  LYS A CG  1 
ATOM   448  C CG  B LYS A 1 60  ? 14.699  -3.300  -5.164  0.40 24.29 ? 57  LYS A CG  1 
ATOM   449  C CD  A LYS A 1 60  ? 14.961  -4.843  -5.418  0.60 29.61 ? 57  LYS A CD  1 
ATOM   450  C CD  B LYS A 1 60  ? 14.942  -4.808  -5.103  0.40 26.91 ? 57  LYS A CD  1 
ATOM   451  C CE  A LYS A 1 60  ? 16.341  -5.218  -4.919  0.60 29.12 ? 57  LYS A CE  1 
ATOM   452  C CE  B LYS A 1 60  ? 16.401  -5.088  -4.814  0.40 26.39 ? 57  LYS A CE  1 
ATOM   453  N NZ  A LYS A 1 60  ? 16.796  -6.524  -5.497  0.60 30.77 ? 57  LYS A NZ  1 
ATOM   454  N NZ  B LYS A 1 60  ? 17.293  -4.613  -5.922  0.40 27.64 ? 57  LYS A NZ  1 
ATOM   455  N N   . VAL A 1 61  ? 10.699  -1.625  -6.398  1.00 20.32 ? 58  VAL A N   1 
ATOM   456  C CA  . VAL A 1 61  ? 9.570   -1.663  -7.322  1.00 20.68 ? 58  VAL A CA  1 
ATOM   457  C C   . VAL A 1 61  ? 9.131   -0.228  -7.724  1.00 20.68 ? 58  VAL A C   1 
ATOM   458  O O   . VAL A 1 61  ? 8.637   0.006   -8.841  1.00 20.71 ? 58  VAL A O   1 
ATOM   459  C CB  . VAL A 1 61  ? 8.436   -2.499  -6.605  1.00 21.69 ? 58  VAL A CB  1 
ATOM   460  C CG1 . VAL A 1 61  ? 7.051   -2.236  -7.181  1.00 23.16 ? 58  VAL A CG1 1 
ATOM   461  C CG2 . VAL A 1 61  ? 8.849   -3.979  -6.606  1.00 21.40 ? 58  VAL A CG2 1 
ATOM   462  N N   . THR A 1 62  ? 9.271   0.734   -6.817  1.00 19.95 ? 59  THR A N   1 
ATOM   463  C CA  . THR A 1 62  ? 8.861   2.121   -7.110  1.00 19.20 ? 59  THR A CA  1 
ATOM   464  C C   . THR A 1 62  ? 9.990   3.028   -7.585  1.00 19.24 ? 59  THR A C   1 
ATOM   465  O O   . THR A 1 62  ? 9.761   4.203   -7.868  1.00 18.10 ? 59  THR A O   1 
ATOM   466  C CB  . THR A 1 62  ? 8.195   2.817   -5.910  1.00 19.14 ? 59  THR A CB  1 
ATOM   467  O OG1 . THR A 1 62  ? 9.106   2.963   -4.824  1.00 19.28 ? 59  THR A OG1 1 
ATOM   468  C CG2 . THR A 1 62  ? 6.930   1.998   -5.465  1.00 19.21 ? 59  THR A CG2 1 
ATOM   469  N N   . ALA A 1 63  ? 11.198  2.468   -7.754  1.00 18.29 ? 60  ALA A N   1 
ATOM   470  C CA  . ALA A 1 63  ? 12.353  3.264   -8.169  1.00 18.55 ? 60  ALA A CA  1 
ATOM   471  C C   . ALA A 1 63  ? 12.136  4.177   -9.417  1.00 19.48 ? 60  ALA A C   1 
ATOM   472  O O   . ALA A 1 63  ? 12.653  5.298   -9.448  1.00 20.85 ? 60  ALA A O   1 
ATOM   473  C CB  . ALA A 1 63  ? 13.565  2.316   -8.414  1.00 18.08 ? 60  ALA A CB  1 
ATOM   474  N N   . PRO A 1 64  ? 11.437  3.679   -10.467 1.00 20.84 ? 61  PRO A N   1 
ATOM   475  C CA  . PRO A 1 64  ? 11.202  4.521   -11.668 1.00 22.23 ? 61  PRO A CA  1 
ATOM   476  C C   . PRO A 1 64  ? 10.288  5.738   -11.413 1.00 22.46 ? 61  PRO A C   1 
ATOM   477  O O   . PRO A 1 64  ? 10.263  6.648   -12.236 1.00 22.09 ? 61  PRO A O   1 
ATOM   478  C CB  . PRO A 1 64  ? 10.503  3.574   -12.651 1.00 24.00 ? 61  PRO A CB  1 
ATOM   479  C CG  . PRO A 1 64  ? 10.536  2.182   -12.019 1.00 24.73 ? 61  PRO A CG  1 
ATOM   480  C CD  . PRO A 1 64  ? 10.783  2.362   -10.556 1.00 21.64 ? 61  PRO A CD  1 
ATOM   481  N N   . LEU A 1 65  ? 9.558   5.753   -10.288 1.00 20.09 ? 62  LEU A N   1 
ATOM   482  C CA  . LEU A 1 65  ? 8.591   6.829   -9.994  1.00 20.21 ? 62  LEU A CA  1 
ATOM   483  C C   . LEU A 1 65  ? 9.285   7.947   -9.197  1.00 20.10 ? 62  LEU A C   1 
ATOM   484  O O   . LEU A 1 65  ? 9.472   7.816   -7.980  1.00 18.60 ? 62  LEU A O   1 
ATOM   485  C CB  . LEU A 1 65  ? 7.384   6.248   -9.211  1.00 18.51 ? 62  LEU A CB  1 
ATOM   486  C CG  . LEU A 1 65  ? 6.645   5.100   -9.911  1.00 21.84 ? 62  LEU A CG  1 
ATOM   487  C CD1 . LEU A 1 65  ? 5.548   4.488   -8.993  1.00 19.54 ? 62  LEU A CD1 1 
ATOM   488  C CD2 . LEU A 1 65  ? 6.057   5.545   -11.289 1.00 21.98 ? 62  LEU A CD2 1 
ATOM   489  N N   . LYS A 1 66  ? 9.634   9.042   -9.886  1.00 20.12 ? 63  LYS A N   1 
ATOM   490  C CA  A LYS A 1 66  ? 10.468  10.148  -9.351  0.60 22.30 ? 63  LYS A CA  1 
ATOM   491  C CA  B LYS A 1 66  ? 10.528  10.055  -9.324  0.40 21.56 ? 63  LYS A CA  1 
ATOM   492  C C   . LYS A 1 66  ? 9.943   10.747  -8.085  1.00 22.88 ? 63  LYS A C   1 
ATOM   493  O O   . LYS A 1 66  ? 10.694  11.112  -7.177  1.00 23.08 ? 63  LYS A O   1 
ATOM   494  C CB  A LYS A 1 66  ? 10.526  11.328  -10.354 0.60 23.16 ? 63  LYS A CB  1 
ATOM   495  C CB  B LYS A 1 66  ? 10.986  11.051  -10.437 0.40 21.60 ? 63  LYS A CB  1 
ATOM   496  C CG  A LYS A 1 66  ? 11.603  11.289  -11.359 0.60 24.63 ? 63  LYS A CG  1 
ATOM   497  C CG  B LYS A 1 66  ? 11.573  12.379  -9.963  0.40 20.85 ? 63  LYS A CG  1 
ATOM   498  C CD  A LYS A 1 66  ? 11.678  12.607  -12.161 0.60 23.73 ? 63  LYS A CD  1 
ATOM   499  C CD  B LYS A 1 66  ? 12.271  13.187  -11.081 0.40 23.27 ? 63  LYS A CD  1 
ATOM   500  C CE  A LYS A 1 66  ? 12.359  13.762  -11.355 0.60 24.59 ? 63  LYS A CE  1 
ATOM   501  C CE  B LYS A 1 66  ? 11.389  13.359  -12.318 0.40 21.90 ? 63  LYS A CE  1 
ATOM   502  N NZ  A LYS A 1 66  ? 12.830  14.915  -12.192 0.60 25.87 ? 63  LYS A NZ  1 
ATOM   503  N NZ  B LYS A 1 66  ? 11.999  14.281  -13.351 0.40 20.75 ? 63  LYS A NZ  1 
ATOM   504  N N   . ASN A 1 67  ? 8.608   10.901  -8.035  1.00 22.68 ? 64  ASN A N   1 
ATOM   505  C CA  . ASN A 1 67  ? 7.989   11.678  -6.961  1.00 21.77 ? 64  ASN A CA  1 
ATOM   506  C C   . ASN A 1 67  ? 7.351   10.739  -5.888  1.00 21.06 ? 64  ASN A C   1 
ATOM   507  O O   . ASN A 1 67  ? 6.537   11.160  -5.078  1.00 20.45 ? 64  ASN A O   1 
ATOM   508  C CB  . ASN A 1 67  ? 6.949   12.631  -7.571  1.00 21.90 ? 64  ASN A CB  1 
ATOM   509  C CG  . ASN A 1 67  ? 5.731   11.883  -8.126  1.00 24.55 ? 64  ASN A CG  1 
ATOM   510  O OD1 . ASN A 1 67  ? 5.834   10.711  -8.528  1.00 22.98 ? 64  ASN A OD1 1 
ATOM   511  N ND2 . ASN A 1 67  ? 4.562   12.550  -8.120  1.00 22.05 ? 64  ASN A ND2 1 
ATOM   512  N N   . VAL A 1 68  ? 7.783   9.482   -5.876  1.00 19.26 ? 65  VAL A N   1 
ATOM   513  C CA  . VAL A 1 68  ? 7.390   8.507   -4.831  1.00 19.74 ? 65  VAL A CA  1 
ATOM   514  C C   . VAL A 1 68  ? 8.519   8.295   -3.837  1.00 20.25 ? 65  VAL A C   1 
ATOM   515  O O   . VAL A 1 68  ? 9.695   8.094   -4.223  1.00 20.58 ? 65  VAL A O   1 
ATOM   516  C CB  . VAL A 1 68  ? 6.971   7.165   -5.436  1.00 19.06 ? 65  VAL A CB  1 
ATOM   517  C CG1 . VAL A 1 68  ? 6.780   6.056   -4.347  1.00 18.92 ? 65  VAL A CG1 1 
ATOM   518  C CG2 . VAL A 1 68  ? 5.696   7.393   -6.283  1.00 20.38 ? 65  VAL A CG2 1 
ATOM   519  N N   . GLU A 1 69  ? 8.168   8.362   -2.574  1.00 19.90 ? 66  GLU A N   1 
ATOM   520  C CA  . GLU A 1 69  ? 9.102   8.107   -1.494  1.00 21.67 ? 66  GLU A CA  1 
ATOM   521  C C   . GLU A 1 69  ? 8.546   6.957   -0.614  1.00 21.77 ? 66  GLU A C   1 
ATOM   522  O O   . GLU A 1 69  ? 7.385   7.006   -0.199  1.00 22.64 ? 66  GLU A O   1 
ATOM   523  C CB  . GLU A 1 69  ? 9.182   9.415   -0.699  1.00 22.03 ? 66  GLU A CB  1 
ATOM   524  C CG  . GLU A 1 69  ? 9.973   9.368   0.535   1.00 26.05 ? 66  GLU A CG  1 
ATOM   525  C CD  . GLU A 1 69  ? 10.003  10.698  1.253   1.00 31.76 ? 66  GLU A CD  1 
ATOM   526  O OE1 . GLU A 1 69  ? 9.081   11.562  1.088   1.00 33.58 ? 66  GLU A OE1 1 
ATOM   527  O OE2 . GLU A 1 69  ? 10.972  10.879  2.000   1.00 34.11 ? 66  GLU A OE2 1 
ATOM   528  N N   . VAL A 1 70  ? 9.370   5.954   -0.311  1.00 21.03 ? 67  VAL A N   1 
ATOM   529  C CA  . VAL A 1 70  ? 8.959   4.825   0.523   1.00 19.98 ? 67  VAL A CA  1 
ATOM   530  C C   . VAL A 1 70  ? 9.456   5.046   1.932   1.00 21.30 ? 67  VAL A C   1 
ATOM   531  O O   . VAL A 1 70  ? 10.665  5.274   2.129   1.00 19.53 ? 67  VAL A O   1 
ATOM   532  C CB  . VAL A 1 70  ? 9.548   3.468   0.033   1.00 19.30 ? 67  VAL A CB  1 
ATOM   533  C CG1 . VAL A 1 70  ? 9.110   2.298   1.003   1.00 20.04 ? 67  VAL A CG1 1 
ATOM   534  C CG2 . VAL A 1 70  ? 9.125   3.161   -1.427  1.00 20.36 ? 67  VAL A CG2 1 
ATOM   535  N N   . LEU A 1 71  ? 8.550   5.018   2.910   1.00 20.42 ? 68  LEU A N   1 
ATOM   536  C CA  . LEU A 1 71  ? 8.931   5.185   4.341   1.00 21.82 ? 68  LEU A CA  1 
ATOM   537  C C   . LEU A 1 71  ? 8.187   4.183   5.204   1.00 22.73 ? 68  LEU A C   1 
ATOM   538  O O   . LEU A 1 71  ? 6.964   3.983   5.033   1.00 22.31 ? 68  LEU A O   1 
ATOM   539  C CB  . LEU A 1 71  ? 8.579   6.590   4.834   1.00 20.34 ? 68  LEU A CB  1 
ATOM   540  C CG  . LEU A 1 71  ? 9.334   7.768   4.202   1.00 21.60 ? 68  LEU A CG  1 
ATOM   541  C CD1 . LEU A 1 71  ? 8.684   9.075   4.663   1.00 19.40 ? 68  LEU A CD1 1 
ATOM   542  C CD2 . LEU A 1 71  ? 10.792  7.705   4.635   1.00 20.55 ? 68  LEU A CD2 1 
ATOM   543  N N   . GLY A 1 72  ? 8.910   3.531   6.111   1.00 22.99 ? 69  GLY A N   1 
ATOM   544  C CA  . GLY A 1 72  ? 8.259   2.646   7.086   1.00 23.53 ? 69  GLY A CA  1 
ATOM   545  C C   . GLY A 1 72  ? 7.847   3.500   8.278   1.00 24.66 ? 69  GLY A C   1 
ATOM   546  O O   . GLY A 1 72  ? 8.462   4.541   8.532   1.00 22.87 ? 69  GLY A O   1 
ATOM   547  N N   . PHE A 1 73  ? 6.770   3.109   8.971   1.00 23.26 ? 70  PHE A N   1 
ATOM   548  C CA  . PHE A 1 73  ? 6.336   3.842   10.170  1.00 25.26 ? 70  PHE A CA  1 
ATOM   549  C C   . PHE A 1 73  ? 5.663   2.917   11.151  1.00 26.88 ? 70  PHE A C   1 
ATOM   550  O O   . PHE A 1 73  ? 5.004   1.957   10.744  1.00 26.03 ? 70  PHE A O   1 
ATOM   551  C CB  . PHE A 1 73  ? 5.424   5.045   9.852   1.00 24.33 ? 70  PHE A CB  1 
ATOM   552  C CG  . PHE A 1 73  ? 4.026   4.671   9.414   1.00 25.64 ? 70  PHE A CG  1 
ATOM   553  C CD1 . PHE A 1 73  ? 2.952   4.780   10.313  1.00 27.45 ? 70  PHE A CD1 1 
ATOM   554  C CD2 . PHE A 1 73  ? 3.782   4.194   8.131   1.00 21.63 ? 70  PHE A CD2 1 
ATOM   555  C CE1 . PHE A 1 73  ? 1.637   4.419   9.914   1.00 27.77 ? 70  PHE A CE1 1 
ATOM   556  C CE2 . PHE A 1 73  ? 2.477   3.832   7.715   1.00 24.93 ? 70  PHE A CE2 1 
ATOM   557  C CZ  . PHE A 1 73  ? 1.408   3.949   8.608   1.00 27.32 ? 70  PHE A CZ  1 
ATOM   558  N N   . SER A 1 74  ? 5.839   3.225   12.443  1.00 28.27 ? 71  SER A N   1 
ATOM   559  C CA  A SER A 1 74  ? 5.213   2.450   13.512  0.60 29.74 ? 71  SER A CA  1 
ATOM   560  C CA  B SER A 1 74  ? 5.217   2.447   13.514  0.40 29.67 ? 71  SER A CA  1 
ATOM   561  C C   . SER A 1 74  ? 4.162   3.237   14.289  1.00 30.30 ? 71  SER A C   1 
ATOM   562  O O   . SER A 1 74  ? 3.551   2.731   15.214  1.00 31.28 ? 71  SER A O   1 
ATOM   563  C CB  A SER A 1 74  ? 6.279   2.016   14.493  0.60 29.62 ? 71  SER A CB  1 
ATOM   564  C CB  B SER A 1 74  ? 6.279   1.934   14.488  0.40 29.55 ? 71  SER A CB  1 
ATOM   565  O OG  A SER A 1 74  ? 6.831   3.172   15.090  0.60 29.62 ? 71  SER A OG  1 
ATOM   566  O OG  B SER A 1 74  ? 7.322   1.254   13.811  0.40 29.55 ? 71  SER A OG  1 
ATOM   567  N N   . GLU A 1 75  ? 3.940   4.487   13.947  1.00 31.42 ? 72  GLU A N   1 
ATOM   568  C CA  . GLU A 1 75  ? 3.002   5.201   14.783  1.00 33.50 ? 72  GLU A CA  1 
ATOM   569  C C   . GLU A 1 75  ? 1.608   5.207   14.172  1.00 33.67 ? 72  GLU A C   1 
ATOM   570  O O   . GLU A 1 75  ? 1.327   4.551   13.167  1.00 32.34 ? 72  GLU A O   1 
ATOM   571  C CB  . GLU A 1 75  ? 3.501   6.632   15.068  1.00 33.94 ? 72  GLU A CB  1 
ATOM   572  C CG  . GLU A 1 75  ? 3.491   7.575   13.849  1.00 37.57 ? 72  GLU A CG  1 
ATOM   573  C CD  . GLU A 1 75  ? 4.853   7.720   13.159  1.00 42.59 ? 72  GLU A CD  1 
ATOM   574  O OE1 . GLU A 1 75  ? 5.265   8.873   12.872  1.00 44.16 ? 72  GLU A OE1 1 
ATOM   575  O OE2 . GLU A 1 75  ? 5.521   6.692   12.920  1.00 43.91 ? 72  GLU A OE2 1 
ATOM   576  N N   . LEU A 1 76  ? 0.729   5.983   14.798  1.00 34.39 ? 73  LEU A N   1 
ATOM   577  C CA  . LEU A 1 76  ? -0.562  6.277   14.222  1.00 34.77 ? 73  LEU A CA  1 
ATOM   578  C C   . LEU A 1 76  ? -0.392  6.887   12.820  1.00 35.00 ? 73  LEU A C   1 
ATOM   579  O O   . LEU A 1 76  ? 0.334   7.854   12.622  1.00 35.37 ? 73  LEU A O   1 
ATOM   580  C CB  . LEU A 1 76  ? -1.301  7.219   15.151  1.00 34.12 ? 73  LEU A CB  1 
ATOM   581  C CG  . LEU A 1 76  ? -2.809  7.268   14.993  1.00 34.90 ? 73  LEU A CG  1 
ATOM   582  C CD1 . LEU A 1 76  ? -3.488  5.924   15.303  1.00 30.12 ? 73  LEU A CD1 1 
ATOM   583  C CD2 . LEU A 1 76  ? -3.277  8.349   15.946  1.00 34.08 ? 73  LEU A CD2 1 
ATOM   584  N N   . MET A 1 77  ? -1.074  6.306   11.848  1.00 34.59 ? 74  MET A N   1 
ATOM   585  C CA  . MET A 1 77  ? -1.027  6.776   10.488  1.00 34.75 ? 74  MET A CA  1 
ATOM   586  C C   . MET A 1 77  ? -1.368  8.264   10.359  1.00 34.99 ? 74  MET A C   1 
ATOM   587  O O   . MET A 1 77  ? -0.681  9.035   9.666   1.00 33.82 ? 74  MET A O   1 
ATOM   588  C CB  . MET A 1 77  ? -1.982  5.969   9.654   1.00 35.83 ? 74  MET A CB  1 
ATOM   589  C CG  . MET A 1 77  ? -1.513  5.831   8.297   1.00 37.73 ? 74  MET A CG  1 
ATOM   590  S SD  . MET A 1 77  ? -2.223  6.965   7.165   1.00 45.22 ? 74  MET A SD  1 
ATOM   591  C CE  . MET A 1 77  ? -3.319  8.047   8.025   1.00 43.28 ? 74  MET A CE  1 
ATOM   592  N N   . ALA A 1 78  ? -2.438  8.677   11.026  1.00 33.19 ? 75  ALA A N   1 
ATOM   593  C CA  . ALA A 1 78  ? -2.761  10.081  11.064  1.00 33.23 ? 75  ALA A CA  1 
ATOM   594  C C   . ALA A 1 78  ? -1.588  10.943  11.597  1.00 32.16 ? 75  ALA A C   1 
ATOM   595  O O   . ALA A 1 78  ? -1.374  12.026  11.090  1.00 32.34 ? 75  ALA A O   1 
ATOM   596  C CB  . ALA A 1 78  ? -4.032  10.332  11.880  1.00 32.54 ? 75  ALA A CB  1 
ATOM   597  N N   . GLU A 1 79  ? -0.856  10.477  12.604  1.00 32.44 ? 76  GLU A N   1 
ATOM   598  C CA  . GLU A 1 79  ? 0.261   11.258  13.177  1.00 32.38 ? 76  GLU A CA  1 
ATOM   599  C C   . GLU A 1 79  ? 1.418   11.360  12.169  1.00 31.33 ? 76  GLU A C   1 
ATOM   600  O O   . GLU A 1 79  ? 2.032   12.427  11.968  1.00 29.73 ? 76  GLU A O   1 
ATOM   601  C CB  . GLU A 1 79  ? 0.760   10.608  14.476  1.00 33.57 ? 76  GLU A CB  1 
ATOM   602  C CG  . GLU A 1 79  ? -0.224  10.711  15.665  1.00 39.69 ? 76  GLU A CG  1 
ATOM   603  C CD  . GLU A 1 79  ? -0.505  12.165  16.097  1.00 46.39 ? 76  GLU A CD  1 
ATOM   604  O OE1 . GLU A 1 79  ? 0.462   12.932  16.302  1.00 49.19 ? 76  GLU A OE1 1 
ATOM   605  O OE2 . GLU A 1 79  ? -1.697  12.544  16.233  1.00 50.66 ? 76  GLU A OE2 1 
ATOM   606  N N   . PHE A 1 80  ? 1.691   10.235  11.520  1.00 30.41 ? 77  PHE A N   1 
ATOM   607  C CA  . PHE A 1 80  ? 2.712   10.156  10.470  1.00 29.82 ? 77  PHE A CA  1 
ATOM   608  C C   . PHE A 1 80  ? 2.351   11.102  9.333   1.00 29.25 ? 77  PHE A C   1 
ATOM   609  O O   . PHE A 1 80  ? 3.216   11.844  8.873   1.00 28.90 ? 77  PHE A O   1 
ATOM   610  C CB  . PHE A 1 80  ? 2.853   8.706   9.998   1.00 29.82 ? 77  PHE A CB  1 
ATOM   611  C CG  . PHE A 1 80  ? 3.928   8.495   8.963   1.00 30.45 ? 77  PHE A CG  1 
ATOM   612  C CD1 . PHE A 1 80  ? 5.240   8.327   9.354   1.00 33.59 ? 77  PHE A CD1 1 
ATOM   613  C CD2 . PHE A 1 80  ? 3.612   8.456   7.602   1.00 33.14 ? 77  PHE A CD2 1 
ATOM   614  C CE1 . PHE A 1 80  ? 6.248   8.120   8.406   1.00 34.18 ? 77  PHE A CE1 1 
ATOM   615  C CE2 . PHE A 1 80  ? 4.625   8.258   6.645   1.00 34.25 ? 77  PHE A CE2 1 
ATOM   616  C CZ  . PHE A 1 80  ? 5.930   8.075   7.063   1.00 30.69 ? 77  PHE A CZ  1 
ATOM   617  N N   . ALA A 1 81  ? 1.084   11.123  8.895   1.00 28.41 ? 78  ALA A N   1 
ATOM   618  C CA  . ALA A 1 81  ? 0.678   12.051  7.830   1.00 28.17 ? 78  ALA A CA  1 
ATOM   619  C C   . ALA A 1 81  ? 0.851   13.519  8.214   1.00 28.67 ? 78  ALA A C   1 
ATOM   620  O O   . ALA A 1 81  ? 1.222   14.354  7.383   1.00 28.33 ? 78  ALA A O   1 
ATOM   621  C CB  . ALA A 1 81  ? -0.760  11.800  7.381   1.00 29.43 ? 78  ALA A CB  1 
ATOM   622  N N   . LYS A 1 82  ? 0.510   13.835  9.457   1.00 29.12 ? 79  LYS A N   1 
ATOM   623  C CA  A LYS A 1 82  ? 0.632   15.192  9.967   0.60 29.50 ? 79  LYS A CA  1 
ATOM   624  C CA  B LYS A 1 82  ? 0.640   15.192  9.979   0.40 29.00 ? 79  LYS A CA  1 
ATOM   625  C C   . LYS A 1 82  ? 2.114   15.587  9.928   1.00 28.95 ? 79  LYS A C   1 
ATOM   626  O O   . LYS A 1 82  ? 2.475   16.658  9.438   1.00 28.60 ? 79  LYS A O   1 
ATOM   627  C CB  A LYS A 1 82  ? 0.091   15.262  11.403  0.60 30.12 ? 79  LYS A CB  1 
ATOM   628  C CB  B LYS A 1 82  ? 0.139   15.253  11.426  0.40 29.35 ? 79  LYS A CB  1 
ATOM   629  C CG  A LYS A 1 82  ? -0.687  16.540  11.754  0.60 32.60 ? 79  LYS A CG  1 
ATOM   630  C CG  B LYS A 1 82  ? -1.345  14.999  11.617  0.40 29.23 ? 79  LYS A CG  1 
ATOM   631  C CD  A LYS A 1 82  ? -0.104  17.799  11.131  0.60 33.26 ? 79  LYS A CD  1 
ATOM   632  C CD  B LYS A 1 82  ? -1.613  14.588  13.048  0.40 30.18 ? 79  LYS A CD  1 
ATOM   633  C CE  A LYS A 1 82  ? -1.118  18.938  11.151  0.60 35.96 ? 79  LYS A CE  1 
ATOM   634  C CE  B LYS A 1 82  ? -3.064  14.240  13.254  0.40 29.84 ? 79  LYS A CE  1 
ATOM   635  N NZ  A LYS A 1 82  ? -0.462  20.245  10.815  0.60 36.62 ? 79  LYS A NZ  1 
ATOM   636  N NZ  B LYS A 1 82  ? -3.782  15.400  13.863  0.40 29.11 ? 79  LYS A NZ  1 
ATOM   637  N N   . LYS A 1 83  ? 2.951   14.685  10.425  1.00 28.89 ? 80  LYS A N   1 
ATOM   638  C CA  . LYS A 1 83  ? 4.390   14.859  10.458  1.00 29.37 ? 80  LYS A CA  1 
ATOM   639  C C   . LYS A 1 83  ? 4.949   15.205  9.089   1.00 28.07 ? 80  LYS A C   1 
ATOM   640  O O   . LYS A 1 83  ? 5.883   16.008  8.969   1.00 26.43 ? 80  LYS A O   1 
ATOM   641  C CB  . LYS A 1 83  ? 5.035   13.563  10.914  1.00 30.35 ? 80  LYS A CB  1 
ATOM   642  C CG  . LYS A 1 83  ? 6.513   13.728  11.150  1.00 35.47 ? 80  LYS A CG  1 
ATOM   643  C CD  . LYS A 1 83  ? 7.180   12.415  11.487  1.00 41.98 ? 80  LYS A CD  1 
ATOM   644  C CE  . LYS A 1 83  ? 8.694   12.593  11.552  1.00 45.20 ? 80  LYS A CE  1 
ATOM   645  N NZ  . LYS A 1 83  ? 9.341   11.266  11.388  1.00 47.66 ? 80  LYS A NZ  1 
ATOM   646  N N   . HIS A 1 84  ? 4.398   14.574  8.055   1.00 25.67 ? 81  HIS A N   1 
ATOM   647  C CA  . HIS A 1 84  ? 4.881   14.746  6.694   1.00 26.02 ? 81  HIS A CA  1 
ATOM   648  C C   . HIS A 1 84  ? 4.061   15.744  5.910   1.00 25.57 ? 81  HIS A C   1 
ATOM   649  O O   . HIS A 1 84  ? 4.258   15.884  4.711   1.00 25.06 ? 81  HIS A O   1 
ATOM   650  C CB  . HIS A 1 84  ? 4.956   13.396  5.977   1.00 26.51 ? 81  HIS A CB  1 
ATOM   651  C CG  . HIS A 1 84  ? 6.086   12.551  6.461   1.00 27.42 ? 81  HIS A CG  1 
ATOM   652  N ND1 . HIS A 1 84  ? 7.379   12.707  5.998   1.00 28.77 ? 81  HIS A ND1 1 
ATOM   653  C CD2 . HIS A 1 84  ? 6.148   11.643  7.453   1.00 27.73 ? 81  HIS A CD2 1 
ATOM   654  C CE1 . HIS A 1 84  ? 8.174   11.878  6.649   1.00 28.30 ? 81  HIS A CE1 1 
ATOM   655  N NE2 . HIS A 1 84  ? 7.446   11.210  7.528   1.00 29.17 ? 81  HIS A NE2 1 
ATOM   656  N N   . ASN A 1 85  ? 3.155   16.448  6.602   1.00 26.17 ? 82  ASN A N   1 
ATOM   657  C CA  . ASN A 1 85  ? 2.310   17.477  5.972   1.00 27.54 ? 82  ASN A CA  1 
ATOM   658  C C   . ASN A 1 85  ? 1.529   16.905  4.768   1.00 27.78 ? 82  ASN A C   1 
ATOM   659  O O   . ASN A 1 85  ? 1.410   17.546  3.732   1.00 28.56 ? 82  ASN A O   1 
ATOM   660  C CB  . ASN A 1 85  ? 3.154   18.718  5.539   1.00 28.71 ? 82  ASN A CB  1 
ATOM   661  C CG  . ASN A 1 85  ? 3.995   19.289  6.674   1.00 30.61 ? 82  ASN A CG  1 
ATOM   662  O OD1 . ASN A 1 85  ? 3.478   19.645  7.733   1.00 35.57 ? 82  ASN A OD1 1 
ATOM   663  N ND2 . ASN A 1 85  ? 5.307   19.381  6.447   1.00 34.99 ? 82  ASN A ND2 1 
ATOM   664  N N   . ALA A 1 86  ? 1.014   15.688  4.907   1.00 26.93 ? 83  ALA A N   1 
ATOM   665  C CA  . ALA A 1 86  ? 0.239   15.070  3.815   1.00 27.12 ? 83  ALA A CA  1 
ATOM   666  C C   . ALA A 1 86  ? -1.180  15.543  4.012   1.00 26.84 ? 83  ALA A C   1 
ATOM   667  O O   . ALA A 1 86  ? -1.602  15.775  5.156   1.00 27.61 ? 83  ALA A O   1 
ATOM   668  C CB  . ALA A 1 86  ? 0.301   13.574  3.896   1.00 27.10 ? 83  ALA A CB  1 
ATOM   669  N N   . ASN A 1 87  ? -1.880  15.762  2.906   1.00 25.76 ? 84  ASN A N   1 
ATOM   670  C CA  . ASN A 1 87  ? -3.251  16.267  2.948   1.00 25.89 ? 84  ASN A CA  1 
ATOM   671  C C   . ASN A 1 87  ? -4.196  15.284  2.218   1.00 25.02 ? 84  ASN A C   1 
ATOM   672  O O   . ASN A 1 87  ? -5.392  15.490  2.159   1.00 22.42 ? 84  ASN A O   1 
ATOM   673  C CB  . ASN A 1 87  ? -3.326  17.693  2.332   1.00 27.61 ? 84  ASN A CB  1 
ATOM   674  C CG  . ASN A 1 87  ? -2.359  17.882  1.114   1.00 30.13 ? 84  ASN A CG  1 
ATOM   675  O OD1 . ASN A 1 87  ? -2.067  16.951  0.392   1.00 28.87 ? 84  ASN A OD1 1 
ATOM   676  N ND2 . ASN A 1 87  ? -1.860  19.098  0.921   1.00 33.55 ? 84  ASN A ND2 1 
ATOM   677  N N   . ILE A 1 88  ? -3.637  14.211  1.659   1.00 24.11 ? 85  ILE A N   1 
ATOM   678  C CA  . ILE A 1 88  ? -4.470  13.277  0.859   1.00 23.28 ? 85  ILE A CA  1 
ATOM   679  C C   . ILE A 1 88  ? -4.007  11.890  1.174   1.00 22.67 ? 85  ILE A C   1 
ATOM   680  O O   . ILE A 1 88  ? -2.805  11.624  1.230   1.00 21.73 ? 85  ILE A O   1 
ATOM   681  C CB  . ILE A 1 88  ? -4.316  13.531  -0.643  1.00 23.16 ? 85  ILE A CB  1 
ATOM   682  C CG1 . ILE A 1 88  ? -4.920  14.903  -1.008  1.00 27.05 ? 85  ILE A CG1 1 
ATOM   683  C CG2 . ILE A 1 88  ? -5.044  12.424  -1.435  1.00 23.41 ? 85  ILE A CG2 1 
ATOM   684  C CD1 . ILE A 1 88  ? -4.792  15.244  -2.475  1.00 27.96 ? 85  ILE A CD1 1 
ATOM   685  N N   . LEU A 1 89  ? -4.958  11.013  1.449   1.00 21.11 ? 86  LEU A N   1 
ATOM   686  C CA  . LEU A 1 89  ? -4.655  9.629   1.702   1.00 21.95 ? 86  LEU A CA  1 
ATOM   687  C C   . LEU A 1 89  ? -5.284  8.869   0.530   1.00 21.44 ? 86  LEU A C   1 
ATOM   688  O O   . LEU A 1 89  ? -6.477  9.072   0.228   1.00 20.17 ? 86  LEU A O   1 
ATOM   689  C CB  . LEU A 1 89  ? -5.343  9.299   3.025   1.00 24.24 ? 86  LEU A CB  1 
ATOM   690  C CG  . LEU A 1 89  ? -5.048  7.981   3.704   1.00 29.35 ? 86  LEU A CG  1 
ATOM   691  C CD1 . LEU A 1 89  ? -5.505  8.115   5.145   1.00 32.00 ? 86  LEU A CD1 1 
ATOM   692  C CD2 . LEU A 1 89  ? -5.806  6.954   2.999   1.00 37.23 ? 86  LEU A CD2 1 
ATOM   693  N N   . VAL A 1 90  ? -4.507  8.029   -0.147  1.00 20.21 ? 87  VAL A N   1 
ATOM   694  C CA  . VAL A 1 90  ? -4.988  7.283   -1.317  1.00 21.50 ? 87  VAL A CA  1 
ATOM   695  C C   . VAL A 1 90  ? -5.102  5.836   -0.881  1.00 21.65 ? 87  VAL A C   1 
ATOM   696  O O   . VAL A 1 90  ? -4.156  5.325   -0.244  1.00 21.74 ? 87  VAL A O   1 
ATOM   697  C CB  . VAL A 1 90  ? -3.944  7.266   -2.484  1.00 23.20 ? 87  VAL A CB  1 
ATOM   698  C CG1 . VAL A 1 90  ? -4.523  6.489   -3.669  1.00 25.18 ? 87  VAL A CG1 1 
ATOM   699  C CG2 . VAL A 1 90  ? -3.661  8.588   -2.942  1.00 25.15 ? 87  VAL A CG2 1 
ATOM   700  N N   . ARG A 1 91  ? -6.224  5.173   -1.225  1.00 20.42 ? 88  ARG A N   1 
ATOM   701  C CA  . ARG A 1 91  ? -6.396  3.764   -0.905  1.00 21.54 ? 88  ARG A CA  1 
ATOM   702  C C   . ARG A 1 91  ? -7.075  3.080   -2.092  1.00 20.33 ? 88  ARG A C   1 
ATOM   703  O O   . ARG A 1 91  ? -7.728  3.716   -2.909  1.00 19.63 ? 88  ARG A O   1 
ATOM   704  C CB  . ARG A 1 91  ? -7.296  3.587   0.324   1.00 22.82 ? 88  ARG A CB  1 
ATOM   705  C CG  . ARG A 1 91  ? -6.789  4.132   1.653   1.00 25.19 ? 88  ARG A CG  1 
ATOM   706  C CD  . ARG A 1 91  ? -5.819  3.101   2.265   1.00 24.81 ? 88  ARG A CD  1 
ATOM   707  N NE  . ARG A 1 91  ? -6.556  1.908   2.768   1.00 22.53 ? 88  ARG A NE  1 
ATOM   708  C CZ  . ARG A 1 91  ? -5.967  0.797   3.231   1.00 26.42 ? 88  ARG A CZ  1 
ATOM   709  N NH1 . ARG A 1 91  ? -4.629  0.735   3.341   1.00 24.37 ? 88  ARG A NH1 1 
ATOM   710  N NH2 . ARG A 1 91  ? -6.702  -0.255  3.596   1.00 20.45 ? 88  ARG A NH2 1 
ATOM   711  N N   . GLY A 1 92  ? -6.900  1.763   -2.209  1.00 20.56 ? 89  GLY A N   1 
ATOM   712  C CA  . GLY A 1 92  ? -7.584  1.032   -3.276  1.00 18.62 ? 89  GLY A CA  1 
ATOM   713  C C   . GLY A 1 92  ? -8.958  0.460   -2.919  1.00 17.67 ? 89  GLY A C   1 
ATOM   714  O O   . GLY A 1 92  ? -9.243  0.167   -1.747  1.00 19.40 ? 89  GLY A O   1 
ATOM   715  N N   . LEU A 1 93  ? -9.794  0.219   -3.931  1.00 18.21 ? 90  LEU A N   1 
ATOM   716  C CA  . LEU A 1 93  ? -11.066 -0.503  -3.779  1.00 17.61 ? 90  LEU A CA  1 
ATOM   717  C C   . LEU A 1 93  ? -11.054 -1.540  -4.893  1.00 18.31 ? 90  LEU A C   1 
ATOM   718  O O   . LEU A 1 93  ? -11.302 -1.235  -6.033  1.00 18.47 ? 90  LEU A O   1 
ATOM   719  C CB  . LEU A 1 93  ? -12.303 0.406   -3.999  1.00 17.17 ? 90  LEU A CB  1 
ATOM   720  C CG  . LEU A 1 93  ? -12.552 1.370   -2.867  1.00 18.53 ? 90  LEU A CG  1 
ATOM   721  C CD1 . LEU A 1 93  ? -13.685 2.338   -3.257  1.00 19.04 ? 90  LEU A CD1 1 
ATOM   722  C CD2 . LEU A 1 93  ? -12.960 0.512   -1.593  1.00 17.60 ? 90  LEU A CD2 1 
ATOM   723  N N   . ARG A 1 94  ? -10.766 -2.791  -4.558  1.00 20.06 ? 91  ARG A N   1 
ATOM   724  C CA  . ARG A 1 94  ? -10.682 -3.829  -5.619  1.00 19.95 ? 91  ARG A CA  1 
ATOM   725  C C   . ARG A 1 94  ? -12.036 -4.265  -6.085  1.00 20.79 ? 91  ARG A C   1 
ATOM   726  O O   . ARG A 1 94  ? -12.157 -4.740  -7.248  1.00 21.50 ? 91  ARG A O   1 
ATOM   727  C CB  . ARG A 1 94  ? -9.957  -5.097  -5.108  1.00 19.53 ? 91  ARG A CB  1 
ATOM   728  C CG  . ARG A 1 94  ? -8.490  -4.880  -4.724  1.00 21.02 ? 91  ARG A CG  1 
ATOM   729  C CD  . ARG A 1 94  ? -7.894  -6.037  -3.915  1.00 23.59 ? 91  ARG A CD  1 
ATOM   730  N NE  . ARG A 1 94  ? -8.564  -6.146  -2.616  1.00 24.82 ? 91  ARG A NE  1 
ATOM   731  C CZ  . ARG A 1 94  ? -8.357  -7.144  -1.743  1.00 31.73 ? 91  ARG A CZ  1 
ATOM   732  N NH1 . ARG A 1 94  ? -7.509  -8.157  -2.038  1.00 27.35 ? 91  ARG A NH1 1 
ATOM   733  N NH2 . ARG A 1 94  ? -8.996  -7.131  -0.560  1.00 27.96 ? 91  ARG A NH2 1 
ATOM   734  N N   . SER A 1 95  ? -13.013 -4.231  -5.186  1.00 19.17 ? 92  SER A N   1 
ATOM   735  C CA  . SER A 1 95  ? -14.352 -4.710  -5.535  1.00 18.69 ? 92  SER A CA  1 
ATOM   736  C C   . SER A 1 95  ? -15.239 -4.194  -4.424  1.00 18.51 ? 92  SER A C   1 
ATOM   737  O O   . SER A 1 95  ? -14.729 -3.607  -3.428  1.00 19.91 ? 92  SER A O   1 
ATOM   738  C CB  . SER A 1 95  ? -14.399 -6.282  -5.553  1.00 19.58 ? 92  SER A CB  1 
ATOM   739  O OG  . SER A 1 95  ? -14.424 -6.732  -4.209  1.00 20.99 ? 92  SER A OG  1 
ATOM   740  N N   . VAL A 1 96  ? -16.530 -4.421  -4.524  1.00 18.43 ? 93  VAL A N   1 
ATOM   741  C CA  . VAL A 1 96  ? -17.477 -4.011  -3.463  1.00 20.38 ? 93  VAL A CA  1 
ATOM   742  C C   . VAL A 1 96  ? -17.080 -4.448  -2.088  1.00 20.03 ? 93  VAL A C   1 
ATOM   743  O O   . VAL A 1 96  ? -17.385 -3.774  -1.105  1.00 18.55 ? 93  VAL A O   1 
ATOM   744  C CB  . VAL A 1 96  ? -18.885 -4.626  -3.607  1.00 22.75 ? 93  VAL A CB  1 
ATOM   745  C CG1 . VAL A 1 96  ? -19.608 -3.994  -4.640  1.00 22.79 ? 93  VAL A CG1 1 
ATOM   746  C CG2 . VAL A 1 96  ? -18.804 -6.091  -3.844  1.00 26.03 ? 93  VAL A CG2 1 
ATOM   747  N N   . SER A 1 97  ? -16.462 -5.604  -2.003  1.00 18.61 ? 94  SER A N   1 
ATOM   748  C CA  . SER A 1 97  ? -16.143 -6.162  -0.673  1.00 20.13 ? 94  SER A CA  1 
ATOM   749  C C   . SER A 1 97  ? -15.154 -5.304  0.122   1.00 19.61 ? 94  SER A C   1 
ATOM   750  O O   . SER A 1 97  ? -15.133 -5.422  1.325   1.00 20.66 ? 94  SER A O   1 
ATOM   751  C CB  . SER A 1 97  ? -15.494 -7.523  -0.871  1.00 21.81 ? 94  SER A CB  1 
ATOM   752  O OG  . SER A 1 97  ? -16.514 -8.374  -1.419  1.00 23.81 ? 94  SER A OG  1 
ATOM   753  N N   . ASP A 1 98  ? -14.339 -4.486  -0.568  1.00 17.26 ? 95  ASP A N   1 
ATOM   754  C CA  . ASP A 1 98  ? -13.300 -3.618  0.112   1.00 16.78 ? 95  ASP A CA  1 
ATOM   755  C C   . ASP A 1 98  ? -13.952 -2.356  0.701   1.00 16.36 ? 95  ASP A C   1 
ATOM   756  O O   . ASP A 1 98  ? -13.357 -1.642  1.504   1.00 15.91 ? 95  ASP A O   1 
ATOM   757  C CB  . ASP A 1 98  ? -12.263 -3.149  -0.912  1.00 17.11 ? 95  ASP A CB  1 
ATOM   758  C CG  . ASP A 1 98  ? -11.198 -4.215  -1.229  1.00 21.95 ? 95  ASP A CG  1 
ATOM   759  O OD1 . ASP A 1 98  ? -11.206 -5.291  -0.576  1.00 24.96 ? 95  ASP A OD1 1 
ATOM   760  O OD2 . ASP A 1 98  ? -10.290 -3.943  -2.046  1.00 21.49 ? 95  ASP A OD2 1 
ATOM   761  N N   . PHE A 1 99  ? -15.195 -2.104  0.307   1.00 15.77 ? 96  PHE A N   1 
ATOM   762  C CA  . PHE A 1 99  ? -15.775 -0.803  0.673   1.00 15.86 ? 96  PHE A CA  1 
ATOM   763  C C   . PHE A 1 99  ? -15.931 -0.648  2.194   1.00 16.19 ? 96  PHE A C   1 
ATOM   764  O O   . PHE A 1 99  ? -15.601 0.398   2.744   1.00 16.06 ? 96  PHE A O   1 
ATOM   765  C CB  . PHE A 1 99  ? -17.123 -0.571  -0.008  1.00 15.30 ? 96  PHE A CB  1 
ATOM   766  C CG  . PHE A 1 99  ? -17.714 0.793   0.315   1.00 17.12 ? 96  PHE A CG  1 
ATOM   767  C CD1 . PHE A 1 99  ? -17.399 1.884   -0.503  1.00 20.23 ? 96  PHE A CD1 1 
ATOM   768  C CD2 . PHE A 1 99  ? -18.518 0.974   1.436   1.00 17.02 ? 96  PHE A CD2 1 
ATOM   769  C CE1 . PHE A 1 99  ? -17.943 3.185   -0.219  1.00 19.49 ? 96  PHE A CE1 1 
ATOM   770  C CE2 . PHE A 1 99  ? -19.090 2.218   1.760   1.00 18.15 ? 96  PHE A CE2 1 
ATOM   771  C CZ  . PHE A 1 99  ? -18.764 3.354   0.935   1.00 19.65 ? 96  PHE A CZ  1 
ATOM   772  N N   . GLU A 1 100 ? -16.471 -1.668  2.874   1.00 15.91 ? 97  GLU A N   1 
ATOM   773  C CA  . GLU A 1 100 ? -16.722 -1.530  4.306   1.00 15.92 ? 97  GLU A CA  1 
ATOM   774  C C   . GLU A 1 100 ? -15.514 -1.039  5.075   1.00 17.29 ? 97  GLU A C   1 
ATOM   775  O O   . GLU A 1 100 ? -15.620 -0.085  5.843   1.00 17.96 ? 97  GLU A O   1 
ATOM   776  C CB  . GLU A 1 100 ? -17.174 -2.860  4.959   1.00 17.30 ? 97  GLU A CB  1 
ATOM   777  C CG  . GLU A 1 100 ? -17.581 -2.684  6.494   1.00 18.19 ? 97  GLU A CG  1 
ATOM   778  C CD  . GLU A 1 100 ? -17.639 -4.048  7.287   1.00 21.35 ? 97  GLU A CD  1 
ATOM   779  O OE1 . GLU A 1 100 ? -16.868 -4.981  6.957   1.00 22.41 ? 97  GLU A OE1 1 
ATOM   780  O OE2 . GLU A 1 100 ? -18.474 -4.164  8.202   1.00 23.60 ? 97  GLU A OE2 1 
ATOM   781  N N   . TYR A 1 101 ? -14.365 -1.718  4.902   1.00 15.11 ? 98  TYR A N   1 
ATOM   782  C CA  . TYR A 1 101 ? -13.222 -1.368  5.700   1.00 16.90 ? 98  TYR A CA  1 
ATOM   783  C C   . TYR A 1 101 ? -12.689 0.014   5.301   1.00 17.05 ? 98  TYR A C   1 
ATOM   784  O O   . TYR A 1 101 ? -12.287 0.790   6.169   1.00 15.93 ? 98  TYR A O   1 
ATOM   785  C CB  . TYR A 1 101 ? -12.107 -2.398  5.494   1.00 17.92 ? 98  TYR A CB  1 
ATOM   786  C CG  . TYR A 1 101 ? -10.885 -2.117  6.349   1.00 20.26 ? 98  TYR A CG  1 
ATOM   787  C CD1 . TYR A 1 101 ? -11.005 -2.008  7.728   1.00 24.19 ? 98  TYR A CD1 1 
ATOM   788  C CD2 . TYR A 1 101 ? -9.635  -2.059  5.771   1.00 23.02 ? 98  TYR A CD2 1 
ATOM   789  C CE1 . TYR A 1 101 ? -9.866  -1.782  8.527   1.00 28.03 ? 98  TYR A CE1 1 
ATOM   790  C CE2 . TYR A 1 101 ? -8.485  -1.883  6.534   1.00 28.07 ? 98  TYR A CE2 1 
ATOM   791  C CZ  . TYR A 1 101 ? -8.608  -1.721  7.914   1.00 30.62 ? 98  TYR A CZ  1 
ATOM   792  O OH  . TYR A 1 101 ? -7.457  -1.523  8.680   1.00 33.09 ? 98  TYR A OH  1 
ATOM   793  N N   . GLU A 1 102 ? -12.719 0.345   4.010   1.00 15.64 ? 99  GLU A N   1 
ATOM   794  C CA  . GLU A 1 102 ? -12.265 1.715   3.622   1.00 15.47 ? 99  GLU A CA  1 
ATOM   795  C C   . GLU A 1 102 ? -13.159 2.792   4.203   1.00 15.20 ? 99  GLU A C   1 
ATOM   796  O O   . GLU A 1 102 ? -12.667 3.842   4.600   1.00 17.07 ? 99  GLU A O   1 
ATOM   797  C CB  . GLU A 1 102 ? -12.195 1.884   2.104   1.00 15.03 ? 99  GLU A CB  1 
ATOM   798  C CG  . GLU A 1 102 ? -11.124 0.997   1.424   1.00 15.61 ? 99  GLU A CG  1 
ATOM   799  C CD  . GLU A 1 102 ? -9.765  1.027   2.116   1.00 22.03 ? 99  GLU A CD  1 
ATOM   800  O OE1 . GLU A 1 102 ? -9.292  2.109   2.554   1.00 18.27 ? 99  GLU A OE1 1 
ATOM   801  O OE2 . GLU A 1 102 ? -9.140  -0.052  2.194   1.00 19.86 ? 99  GLU A OE2 1 
ATOM   802  N N   . TRP A 1 103 ? -14.451 2.549   4.256   1.00 13.32 ? 100 TRP A N   1 
ATOM   803  C CA  . TRP A 1 103 ? -15.387 3.510   4.836   1.00 15.08 ? 100 TRP A CA  1 
ATOM   804  C C   . TRP A 1 103 ? -15.100 3.688   6.350   1.00 16.57 ? 100 TRP A C   1 
ATOM   805  O O   . TRP A 1 103 ? -15.140 4.822   6.913   1.00 15.91 ? 100 TRP A O   1 
ATOM   806  C CB  . TRP A 1 103 ? -16.760 2.961   4.577   1.00 15.64 ? 100 TRP A CB  1 
ATOM   807  C CG  . TRP A 1 103 ? -17.916 3.569   5.353   1.00 17.10 ? 100 TRP A CG  1 
ATOM   808  C CD1 . TRP A 1 103 ? -18.370 4.874   5.320   1.00 18.91 ? 100 TRP A CD1 1 
ATOM   809  C CD2 . TRP A 1 103 ? -18.762 2.852   6.273   1.00 19.05 ? 100 TRP A CD2 1 
ATOM   810  N NE1 . TRP A 1 103 ? -19.505 4.988   6.138   1.00 20.78 ? 100 TRP A NE1 1 
ATOM   811  C CE2 . TRP A 1 103 ? -19.763 3.763   6.730   1.00 21.14 ? 100 TRP A CE2 1 
ATOM   812  C CE3 . TRP A 1 103 ? -18.802 1.502   6.730   1.00 23.34 ? 100 TRP A CE3 1 
ATOM   813  C CZ2 . TRP A 1 103 ? -20.785 3.373   7.659   1.00 23.52 ? 100 TRP A CZ2 1 
ATOM   814  C CZ3 . TRP A 1 103 ? -19.842 1.114   7.671   1.00 24.87 ? 100 TRP A CZ3 1 
ATOM   815  C CH2 . TRP A 1 103 ? -20.813 2.060   8.093   1.00 22.43 ? 100 TRP A CH2 1 
ATOM   816  N N   . GLN A 1 104 ? -14.847 2.566   7.039   1.00 16.15 ? 101 GLN A N   1 
ATOM   817  C CA  . GLN A 1 104 ? -14.547 2.614   8.483   1.00 17.11 ? 101 GLN A CA  1 
ATOM   818  C C   . GLN A 1 104 ? -13.251 3.398   8.675   1.00 17.80 ? 101 GLN A C   1 
ATOM   819  O O   . GLN A 1 104 ? -13.220 4.288   9.545   1.00 19.12 ? 101 GLN A O   1 
ATOM   820  C CB  . GLN A 1 104 ? -14.349 1.163   9.062   1.00 16.37 ? 101 GLN A CB  1 
ATOM   821  C CG  . GLN A 1 104 ? -15.709 0.415   9.118   1.00 17.93 ? 101 GLN A CG  1 
ATOM   822  C CD  . GLN A 1 104 ? -15.602 -1.066  9.515   1.00 22.35 ? 101 GLN A CD  1 
ATOM   823  O OE1 . GLN A 1 104 ? -16.577 -1.681  10.078  1.00 24.60 ? 101 GLN A OE1 1 
ATOM   824  N NE2 . GLN A 1 104 ? -14.448 -1.652  9.187   1.00 16.44 ? 101 GLN A NE2 1 
ATOM   825  N N   . LEU A 1 105 ? -12.191 3.064   7.937   1.00 17.09 ? 102 LEU A N   1 
ATOM   826  C CA  A LEU A 1 105 ? -10.890 3.717   8.093   0.70 18.46 ? 102 LEU A CA  1 
ATOM   827  C CA  B LEU A 1 105 ? -10.907 3.712   8.082   0.30 17.58 ? 102 LEU A CA  1 
ATOM   828  C C   . LEU A 1 105 ? -11.012 5.226   7.800   1.00 19.22 ? 102 LEU A C   1 
ATOM   829  O O   . LEU A 1 105 ? -10.452 6.089   8.534   1.00 17.48 ? 102 LEU A O   1 
ATOM   830  C CB  A LEU A 1 105 ? -9.813  3.162   7.143   0.70 19.89 ? 102 LEU A CB  1 
ATOM   831  C CB  B LEU A 1 105 ? -9.933  3.073   7.101   0.30 17.99 ? 102 LEU A CB  1 
ATOM   832  C CG  A LEU A 1 105 ? -9.103  1.839   7.402   0.70 22.29 ? 102 LEU A CG  1 
ATOM   833  C CG  B LEU A 1 105 ? -8.483  3.451   7.291   0.30 16.03 ? 102 LEU A CG  1 
ATOM   834  C CD1 A LEU A 1 105 ? -8.346  1.352   6.163   0.70 24.20 ? 102 LEU A CD1 1 
ATOM   835  C CD1 B LEU A 1 105 ? -8.151  3.329   8.790   0.30 15.76 ? 102 LEU A CD1 1 
ATOM   836  C CD2 A LEU A 1 105 ? -8.180  1.949   8.636   0.70 24.25 ? 102 LEU A CD2 1 
ATOM   837  C CD2 B LEU A 1 105 ? -7.578  2.558   6.431   0.30 16.41 ? 102 LEU A CD2 1 
ATOM   838  N N   . ALA A 1 106 ? -11.729 5.542   6.720   1.00 17.57 ? 103 ALA A N   1 
ATOM   839  C CA  . ALA A 1 106 ? -11.833 6.941   6.285   1.00 18.69 ? 103 ALA A CA  1 
ATOM   840  C C   . ALA A 1 106 ? -12.556 7.758   7.339   1.00 18.21 ? 103 ALA A C   1 
ATOM   841  O O   . ALA A 1 106 ? -12.185 8.920   7.600   1.00 18.66 ? 103 ALA A O   1 
ATOM   842  C CB  . ALA A 1 106 ? -12.636 7.014   4.932   1.00 17.41 ? 103 ALA A CB  1 
ATOM   843  N N   . ASN A 1 107 ? -13.613 7.203   7.931   1.00 18.32 ? 104 ASN A N   1 
ATOM   844  C CA  . ASN A 1 107 ? -14.302 7.913   8.993   1.00 19.25 ? 104 ASN A CA  1 
ATOM   845  C C   . ASN A 1 107 ? -13.464 8.098   10.255  1.00 19.83 ? 104 ASN A C   1 
ATOM   846  O O   . ASN A 1 107 ? -13.473 9.177   10.865  1.00 19.18 ? 104 ASN A O   1 
ATOM   847  C CB  . ASN A 1 107 ? -15.631 7.267   9.319   1.00 19.26 ? 104 ASN A CB  1 
ATOM   848  C CG  . ASN A 1 107 ? -16.688 7.728   8.391   1.00 24.62 ? 104 ASN A CG  1 
ATOM   849  O OD1 . ASN A 1 107 ? -17.153 8.875   8.510   1.00 24.73 ? 104 ASN A OD1 1 
ATOM   850  N ND2 . ASN A 1 107 ? -17.053 6.895   7.432   1.00 23.43 ? 104 ASN A ND2 1 
ATOM   851  N N   . MET A 1 108 ? -12.781 7.047   10.668  1.00 18.47 ? 105 MET A N   1 
ATOM   852  C CA  A MET A 1 108 ? -11.846 7.131   11.778  0.70 18.80 ? 105 MET A CA  1 
ATOM   853  C CA  B MET A 1 108 ? -11.854 7.141   11.788  0.30 19.44 ? 105 MET A CA  1 
ATOM   854  C C   . MET A 1 108 ? -10.766 8.216   11.500  1.00 19.28 ? 105 MET A C   1 
ATOM   855  O O   . MET A 1 108 ? -10.471 9.047   12.373  1.00 19.93 ? 105 MET A O   1 
ATOM   856  C CB  A MET A 1 108 ? -11.180 5.770   12.014  0.70 18.24 ? 105 MET A CB  1 
ATOM   857  C CB  B MET A 1 108 ? -11.236 5.762   12.090  0.30 19.40 ? 105 MET A CB  1 
ATOM   858  C CG  A MET A 1 108 ? -10.047 5.812   13.042  0.70 18.41 ? 105 MET A CG  1 
ATOM   859  C CG  B MET A 1 108 ? -10.758 5.554   13.537  0.30 21.60 ? 105 MET A CG  1 
ATOM   860  S SD  A MET A 1 108 ? -10.757 6.421   14.622  0.70 21.04 ? 105 MET A SD  1 
ATOM   861  S SD  B MET A 1 108 ? -11.923 4.697   14.656  0.30 25.43 ? 105 MET A SD  1 
ATOM   862  C CE  A MET A 1 108 ? -11.668 4.977   15.249  0.70 22.97 ? 105 MET A CE  1 
ATOM   863  C CE  B MET A 1 108 ? -13.446 5.090   13.877  0.30 12.58 ? 105 MET A CE  1 
ATOM   864  N N   . ASN A 1 109 ? -10.174 8.197   10.298  1.00 19.23 ? 106 ASN A N   1 
ATOM   865  C CA  . ASN A 1 109 ? -9.129  9.159   9.918   1.00 19.86 ? 106 ASN A CA  1 
ATOM   866  C C   . ASN A 1 109 ? -9.653  10.600  9.854   1.00 21.19 ? 106 ASN A C   1 
ATOM   867  O O   . ASN A 1 109 ? -8.905  11.556  10.149  1.00 21.75 ? 106 ASN A O   1 
ATOM   868  C CB  . ASN A 1 109 ? -8.412  8.753   8.628   1.00 20.11 ? 106 ASN A CB  1 
ATOM   869  C CG  . ASN A 1 109 ? -7.419  7.614   8.871   1.00 21.48 ? 106 ASN A CG  1 
ATOM   870  O OD1 . ASN A 1 109 ? -6.892  7.528   9.972   1.00 22.07 ? 106 ASN A OD1 1 
ATOM   871  N ND2 . ASN A 1 109 ? -7.191  6.751   7.894   1.00 18.16 ? 106 ASN A ND2 1 
ATOM   872  N N   . ARG A 1 110 ? -10.917 10.752  9.508   1.00 22.16 ? 107 ARG A N   1 
ATOM   873  C CA  A ARG A 1 110 ? -11.589 12.051  9.525   0.60 23.65 ? 107 ARG A CA  1 
ATOM   874  C CA  B ARG A 1 110 ? -11.553 12.062  9.518   0.40 23.11 ? 107 ARG A CA  1 
ATOM   875  C C   . ARG A 1 110 ? -11.573 12.634  10.941  1.00 23.91 ? 107 ARG A C   1 
ATOM   876  O O   . ARG A 1 110 ? -11.356 13.864  11.142  1.00 23.07 ? 107 ARG A O   1 
ATOM   877  C CB  A ARG A 1 110 ? -13.049 11.893  9.109   0.60 24.66 ? 107 ARG A CB  1 
ATOM   878  C CB  B ARG A 1 110 ? -12.977 11.972  8.974   0.40 23.76 ? 107 ARG A CB  1 
ATOM   879  C CG  A ARG A 1 110 ? -13.364 12.058  7.635   0.60 28.17 ? 107 ARG A CG  1 
ATOM   880  C CG  B ARG A 1 110 ? -13.773 13.259  9.118   0.40 24.71 ? 107 ARG A CG  1 
ATOM   881  C CD  A ARG A 1 110 ? -14.917 12.273  7.482   0.60 31.80 ? 107 ARG A CD  1 
ATOM   882  C CD  B ARG A 1 110 ? -13.711 14.067  7.862   0.40 27.76 ? 107 ARG A CD  1 
ATOM   883  N NE  A ARG A 1 110 ? -15.322 13.579  8.017   0.60 36.78 ? 107 ARG A NE  1 
ATOM   884  N NE  B ARG A 1 110 ? -14.322 13.310  6.780   0.40 33.02 ? 107 ARG A NE  1 
ATOM   885  C CZ  A ARG A 1 110 ? -16.577 13.994  8.233   0.60 38.71 ? 107 ARG A CZ  1 
ATOM   886  C CZ  B ARG A 1 110 ? -14.899 13.850  5.713   0.40 35.27 ? 107 ARG A CZ  1 
ATOM   887  N NH1 A ARG A 1 110 ? -17.626 13.217  7.976   0.60 39.49 ? 107 ARG A NH1 1 
ATOM   888  N NH1 B ARG A 1 110 ? -15.428 13.063  4.784   0.40 35.24 ? 107 ARG A NH1 1 
ATOM   889  N NH2 A ARG A 1 110 ? -16.780 15.212  8.722   0.60 39.54 ? 107 ARG A NH2 1 
ATOM   890  N NH2 B ARG A 1 110 ? -14.941 15.173  5.574   0.40 35.92 ? 107 ARG A NH2 1 
ATOM   891  N N   . HIS A 1 111 ? -11.833 11.774  11.926  1.00 23.21 ? 108 HIS A N   1 
ATOM   892  C CA  . HIS A 1 111 ? -11.767 12.225  13.326  1.00 24.74 ? 108 HIS A CA  1 
ATOM   893  C C   . HIS A 1 111 ? -10.336 12.496  13.731  1.00 24.92 ? 108 HIS A C   1 
ATOM   894  O O   . HIS A 1 111 ? -10.039 13.501  14.386  1.00 24.56 ? 108 HIS A O   1 
ATOM   895  C CB  . HIS A 1 111 ? -12.366 11.207  14.317  1.00 23.50 ? 108 HIS A CB  1 
ATOM   896  C CG  . HIS A 1 111 ? -11.939 11.452  15.735  1.00 27.30 ? 108 HIS A CG  1 
ATOM   897  N ND1 . HIS A 1 111 ? -12.436 12.492  16.489  1.00 27.95 ? 108 HIS A ND1 1 
ATOM   898  C CD2 . HIS A 1 111 ? -11.038 10.818  16.525  1.00 27.42 ? 108 HIS A CD2 1 
ATOM   899  C CE1 . HIS A 1 111 ? -11.861 12.494  17.679  1.00 30.17 ? 108 HIS A CE1 1 
ATOM   900  N NE2 . HIS A 1 111 ? -11.015 11.478  17.728  1.00 31.16 ? 108 HIS A NE2 1 
ATOM   901  N N   . LEU A 1 112 ? -9.424  11.602  13.370  1.00 25.23 ? 109 LEU A N   1 
ATOM   902  C CA  . LEU A 1 112 ? -8.043  11.768  13.809  1.00 26.15 ? 109 LEU A CA  1 
ATOM   903  C C   . LEU A 1 112 ? -7.319  12.985  13.154  1.00 28.38 ? 109 LEU A C   1 
ATOM   904  O O   . LEU A 1 112 ? -6.514  13.682  13.813  1.00 28.04 ? 109 LEU A O   1 
ATOM   905  C CB  . LEU A 1 112 ? -7.245  10.476  13.597  1.00 25.16 ? 109 LEU A CB  1 
ATOM   906  C CG  . LEU A 1 112 ? -7.755  9.284   14.408  1.00 24.25 ? 109 LEU A CG  1 
ATOM   907  C CD1 . LEU A 1 112 ? -7.089  8.011   13.990  1.00 21.89 ? 109 LEU A CD1 1 
ATOM   908  C CD2 . LEU A 1 112 ? -7.687  9.486   15.949  1.00 22.49 ? 109 LEU A CD2 1 
ATOM   909  N N   . MET A 1 113 ? -7.613  13.244  11.876  1.00 28.40 ? 110 MET A N   1 
ATOM   910  C CA  A MET A 1 113 ? -6.993  14.353  11.157  0.60 29.27 ? 110 MET A CA  1 
ATOM   911  C CA  B MET A 1 113 ? -6.980  14.336  11.148  0.40 28.67 ? 110 MET A CA  1 
ATOM   912  C C   . MET A 1 113 ? -7.968  14.917  10.149  1.00 28.75 ? 110 MET A C   1 
ATOM   913  O O   . MET A 1 113 ? -7.979  14.495  8.981   1.00 27.63 ? 110 MET A O   1 
ATOM   914  C CB  A MET A 1 113 ? -5.721  13.908  10.462  0.60 30.21 ? 110 MET A CB  1 
ATOM   915  C CB  B MET A 1 113 ? -5.731  13.830  10.435  0.40 29.03 ? 110 MET A CB  1 
ATOM   916  C CG  A MET A 1 113 ? -4.783  15.104  10.149  0.60 33.72 ? 110 MET A CG  1 
ATOM   917  C CG  B MET A 1 113 ? -4.845  14.958  9.886   0.40 29.85 ? 110 MET A CG  1 
ATOM   918  S SD  A MET A 1 113 ? -3.596  14.816  8.840   0.60 43.25 ? 110 MET A SD  1 
ATOM   919  S SD  B MET A 1 113 ? -3.427  14.356  8.974   0.40 33.36 ? 110 MET A SD  1 
ATOM   920  C CE  A MET A 1 113 ? -2.722  13.399  9.458   0.60 41.88 ? 110 MET A CE  1 
ATOM   921  C CE  B MET A 1 113 ? -2.778  15.919  8.338   0.40 29.13 ? 110 MET A CE  1 
ATOM   922  N N   . PRO A 1 114 ? -8.793  15.877  10.596  1.00 29.37 ? 111 PRO A N   1 
ATOM   923  C CA  . PRO A 1 114 ? -9.893  16.401  9.796   1.00 30.29 ? 111 PRO A CA  1 
ATOM   924  C C   . PRO A 1 114 ? -9.467  16.965  8.456   1.00 30.40 ? 111 PRO A C   1 
ATOM   925  O O   . PRO A 1 114 ? -10.263 16.949  7.527   1.00 31.19 ? 111 PRO A O   1 
ATOM   926  C CB  . PRO A 1 114 ? -10.507 17.491  10.697  1.00 30.93 ? 111 PRO A CB  1 
ATOM   927  C CG  . PRO A 1 114 ? -10.034 17.179  12.049  1.00 30.81 ? 111 PRO A CG  1 
ATOM   928  C CD  . PRO A 1 114 ? -8.751  16.492  11.940  1.00 29.77 ? 111 PRO A CD  1 
ATOM   929  N N   . LYS A 1 115 ? -8.232  17.433  8.341   1.00 30.76 ? 112 LYS A N   1 
ATOM   930  C CA  . LYS A 1 115 ? -7.759  18.010  7.062   1.00 32.40 ? 112 LYS A CA  1 
ATOM   931  C C   . LYS A 1 115 ? -7.254  17.001  6.015   1.00 31.10 ? 112 LYS A C   1 
ATOM   932  O O   . LYS A 1 115 ? -7.009  17.373  4.859   1.00 31.99 ? 112 LYS A O   1 
ATOM   933  C CB  . LYS A 1 115 ? -6.700  19.110  7.259   1.00 33.83 ? 112 LYS A CB  1 
ATOM   934  C CG  . LYS A 1 115 ? -5.844  19.039  8.555   1.00 39.35 ? 112 LYS A CG  1 
ATOM   935  C CD  . LYS A 1 115 ? -6.700  19.277  9.818   1.00 44.02 ? 112 LYS A CD  1 
ATOM   936  C CE  . LYS A 1 115 ? -5.978  18.888  11.108  1.00 47.47 ? 112 LYS A CE  1 
ATOM   937  N NZ  . LYS A 1 115 ? -5.529  17.486  11.089  1.00 46.71 ? 112 LYS A NZ  1 
ATOM   938  N N   . LEU A 1 116 ? -7.064  15.751  6.422   1.00 27.76 ? 113 LEU A N   1 
ATOM   939  C CA  . LEU A 1 116 ? -6.595  14.745  5.499   1.00 25.40 ? 113 LEU A CA  1 
ATOM   940  C C   . LEU A 1 116 ? -7.797  14.155  4.747   1.00 23.44 ? 113 LEU A C   1 
ATOM   941  O O   . LEU A 1 116 ? -8.697  13.627  5.349   1.00 23.47 ? 113 LEU A O   1 
ATOM   942  C CB  . LEU A 1 116 ? -5.902  13.653  6.273   1.00 25.42 ? 113 LEU A CB  1 
ATOM   943  C CG  . LEU A 1 116 ? -5.322  12.407  5.616   1.00 28.25 ? 113 LEU A CG  1 
ATOM   944  C CD1 . LEU A 1 116 ? -4.096  12.703  4.844   1.00 31.38 ? 113 LEU A CD1 1 
ATOM   945  C CD2 . LEU A 1 116 ? -5.020  11.441  6.816   1.00 32.57 ? 113 LEU A CD2 1 
ATOM   946  N N   . GLU A 1 117 ? -7.793  14.260  3.438   1.00 21.09 ? 114 GLU A N   1 
ATOM   947  C CA  A GLU A 1 117 ? -8.892  13.763  2.633   0.60 20.02 ? 114 GLU A CA  1 
ATOM   948  C CA  B GLU A 1 117 ? -8.911  13.752  2.648   0.40 19.87 ? 114 GLU A CA  1 
ATOM   949  C C   . GLU A 1 117 ? -8.532  12.353  2.153   1.00 19.68 ? 114 GLU A C   1 
ATOM   950  O O   . GLU A 1 117 ? -7.437  12.164  1.668   1.00 21.66 ? 114 GLU A O   1 
ATOM   951  C CB  A GLU A 1 117 ? -9.037  14.673  1.426   0.60 19.87 ? 114 GLU A CB  1 
ATOM   952  C CB  B GLU A 1 117 ? -9.189  14.689  1.467   0.40 19.50 ? 114 GLU A CB  1 
ATOM   953  C CG  A GLU A 1 117 ? -9.997  14.159  0.434   0.60 20.78 ? 114 GLU A CG  1 
ATOM   954  C CG  B GLU A 1 117 ? -9.630  16.101  1.869   0.40 18.85 ? 114 GLU A CG  1 
ATOM   955  C CD  A GLU A 1 117 ? -11.389 14.124  1.004   0.60 24.06 ? 114 GLU A CD  1 
ATOM   956  C CD  B GLU A 1 117 ? -11.101 16.149  2.222   0.40 19.08 ? 114 GLU A CD  1 
ATOM   957  O OE1 A GLU A 1 117 ? -11.804 15.133  1.640   0.60 24.63 ? 114 GLU A OE1 1 
ATOM   958  O OE1 B GLU A 1 117 ? -11.860 15.369  1.625   0.40 21.65 ? 114 GLU A OE1 1 
ATOM   959  O OE2 A GLU A 1 117 ? -12.044 13.103  0.799   0.60 22.76 ? 114 GLU A OE2 1 
ATOM   960  O OE2 B GLU A 1 117 ? -11.513 16.958  3.078   0.40 20.79 ? 114 GLU A OE2 1 
ATOM   961  N N   . SER A 1 118 ? -9.441  11.401  2.245   1.00 17.17 ? 115 SER A N   1 
ATOM   962  C CA  . SER A 1 118 ? -9.199  10.076  1.689   1.00 17.10 ? 115 SER A CA  1 
ATOM   963  C C   . SER A 1 118 ? -9.807  9.992   0.293   1.00 17.50 ? 115 SER A C   1 
ATOM   964  O O   . SER A 1 118 ? -10.961 10.427  0.096   1.00 17.80 ? 115 SER A O   1 
ATOM   965  C CB  . SER A 1 118 ? -9.893  9.003   2.542   1.00 18.20 ? 115 SER A CB  1 
ATOM   966  O OG  . SER A 1 118 ? -9.298  8.932   3.805   1.00 21.30 ? 115 SER A OG  1 
ATOM   967  N N   . VAL A 1 119 ? -9.066  9.410   -0.644  1.00 16.77 ? 116 VAL A N   1 
ATOM   968  C CA  A VAL A 1 119 ? -9.557  9.249   -2.013  0.60 18.00 ? 116 VAL A CA  1 
ATOM   969  C CA  B VAL A 1 119 ? -9.547  9.257   -2.023  0.40 17.79 ? 116 VAL A CA  1 
ATOM   970  C C   . VAL A 1 119 ? -9.247  7.836   -2.460  1.00 18.25 ? 116 VAL A C   1 
ATOM   971  O O   . VAL A 1 119 ? -8.258  7.236   -1.989  1.00 19.43 ? 116 VAL A O   1 
ATOM   972  C CB  A VAL A 1 119 ? -8.951  10.302  -2.977  0.60 18.67 ? 116 VAL A CB  1 
ATOM   973  C CB  B VAL A 1 119 ? -8.903  10.304  -2.973  0.40 18.23 ? 116 VAL A CB  1 
ATOM   974  C CG1 A VAL A 1 119 ? -9.024  11.698  -2.369  0.60 19.64 ? 116 VAL A CG1 1 
ATOM   975  C CG1 B VAL A 1 119 ? -7.392  10.215  -2.925  0.40 18.41 ? 116 VAL A CG1 1 
ATOM   976  C CG2 A VAL A 1 119 ? -7.510  9.949   -3.355  0.60 18.94 ? 116 VAL A CG2 1 
ATOM   977  C CG2 B VAL A 1 119 ? -9.412  10.155  -4.419  0.40 18.46 ? 116 VAL A CG2 1 
ATOM   978  N N   . PHE A 1 120 ? -10.079 7.300   -3.340  1.00 16.23 ? 117 PHE A N   1 
ATOM   979  C CA  . PHE A 1 120 ? -10.004 5.869   -3.659  1.00 16.87 ? 117 PHE A CA  1 
ATOM   980  C C   . PHE A 1 120 ? -9.803  5.637   -5.118  1.00 17.52 ? 117 PHE A C   1 
ATOM   981  O O   . PHE A 1 120 ? -10.428 6.323   -5.934  1.00 16.26 ? 117 PHE A O   1 
ATOM   982  C CB  . PHE A 1 120 ? -11.315 5.160   -3.165  1.00 16.48 ? 117 PHE A CB  1 
ATOM   983  C CG  . PHE A 1 120 ? -11.484 5.304   -1.686  1.00 16.14 ? 117 PHE A CG  1 
ATOM   984  C CD1 . PHE A 1 120 ? -10.742 4.501   -0.831  1.00 15.33 ? 117 PHE A CD1 1 
ATOM   985  C CD2 . PHE A 1 120 ? -12.254 6.362   -1.164  1.00 16.99 ? 117 PHE A CD2 1 
ATOM   986  C CE1 . PHE A 1 120 ? -10.808 4.705   0.550   1.00 16.97 ? 117 PHE A CE1 1 
ATOM   987  C CE2 . PHE A 1 120 ? -12.344 6.567   0.202   1.00 16.93 ? 117 PHE A CE2 1 
ATOM   988  C CZ  . PHE A 1 120 ? -11.585 5.714   1.077   1.00 15.69 ? 117 PHE A CZ  1 
ATOM   989  N N   . LEU A 1 121 ? -8.957  4.657   -5.448  1.00 17.95 ? 118 LEU A N   1 
ATOM   990  C CA  A LEU A 1 121 ? -8.752  4.257   -6.827  0.60 18.61 ? 118 LEU A CA  1 
ATOM   991  C CA  B LEU A 1 121 ? -8.771  4.264   -6.836  0.40 18.57 ? 118 LEU A CA  1 
ATOM   992  C C   . LEU A 1 121 ? -9.167  2.804   -7.003  1.00 18.75 ? 118 LEU A C   1 
ATOM   993  O O   . LEU A 1 121 ? -8.936  2.023   -6.146  1.00 19.66 ? 118 LEU A O   1 
ATOM   994  C CB  A LEU A 1 121 ? -7.260  4.320   -7.179  0.60 18.29 ? 118 LEU A CB  1 
ATOM   995  C CB  B LEU A 1 121 ? -7.301  4.399   -7.252  0.40 18.43 ? 118 LEU A CB  1 
ATOM   996  C CG  A LEU A 1 121 ? -6.638  5.717   -7.112  0.60 20.91 ? 118 LEU A CG  1 
ATOM   997  C CG  B LEU A 1 121 ? -6.766  5.809   -7.517  0.40 19.62 ? 118 LEU A CG  1 
ATOM   998  C CD1 A LEU A 1 121 ? -5.149  5.572   -7.509  0.60 20.94 ? 118 LEU A CD1 1 
ATOM   999  C CD1 B LEU A 1 121 ? -7.036  6.726   -6.348  0.40 17.15 ? 118 LEU A CD1 1 
ATOM   1000 C CD2 A LEU A 1 121 ? -7.388  6.636   -8.047  0.60 18.19 ? 118 LEU A CD2 1 
ATOM   1001 C CD2 B LEU A 1 121 ? -5.249  5.706   -7.803  0.40 20.45 ? 118 LEU A CD2 1 
ATOM   1002 N N   . ILE A 1 122 ? -9.721  2.456   -8.159  1.00 19.69 ? 119 ILE A N   1 
ATOM   1003 C CA  . ILE A 1 122 ? -10.034 1.034   -8.430  1.00 19.51 ? 119 ILE A CA  1 
ATOM   1004 C C   . ILE A 1 122 ? -8.884  0.476   -9.282  1.00 20.80 ? 119 ILE A C   1 
ATOM   1005 O O   . ILE A 1 122 ? -8.560  1.053   -10.305 1.00 20.60 ? 119 ILE A O   1 
ATOM   1006 C CB  . ILE A 1 122 ? -11.351 0.947   -9.226  1.00 20.03 ? 119 ILE A CB  1 
ATOM   1007 C CG1 . ILE A 1 122 ? -12.508 1.428   -8.369  1.00 19.85 ? 119 ILE A CG1 1 
ATOM   1008 C CG2 . ILE A 1 122 ? -11.648 -0.548  -9.695  1.00 21.56 ? 119 ILE A CG2 1 
ATOM   1009 C CD1 . ILE A 1 122 ? -13.800 1.472   -9.166  1.00 20.34 ? 119 ILE A CD1 1 
ATOM   1010 N N   . PRO A 1 123 ? -8.238  -0.629  -8.842  1.00 22.95 ? 120 PRO A N   1 
ATOM   1011 C CA  . PRO A 1 123 ? -7.092  -1.159  -9.598  1.00 22.89 ? 120 PRO A CA  1 
ATOM   1012 C C   . PRO A 1 123 ? -7.557  -1.651  -10.942 1.00 24.51 ? 120 PRO A C   1 
ATOM   1013 O O   . PRO A 1 123 ? -8.741  -1.981  -11.098 1.00 23.52 ? 120 PRO A O   1 
ATOM   1014 C CB  . PRO A 1 123 ? -6.550  -2.336  -8.748  1.00 25.42 ? 120 PRO A CB  1 
ATOM   1015 C CG  . PRO A 1 123 ? -7.390  -2.415  -7.494  1.00 25.25 ? 120 PRO A CG  1 
ATOM   1016 C CD  . PRO A 1 123 ? -8.547  -1.365  -7.610  1.00 22.31 ? 120 PRO A CD  1 
ATOM   1017 N N   . SER A 1 124 ? -6.641  -1.687  -11.924 1.00 24.47 ? 121 SER A N   1 
ATOM   1018 C CA  A SER A 1 124 ? -6.899  -2.328  -13.203 0.70 26.32 ? 121 SER A CA  1 
ATOM   1019 C CA  B SER A 1 124 ? -6.953  -2.321  -13.207 0.30 26.03 ? 121 SER A CA  1 
ATOM   1020 C C   . SER A 1 124 ? -7.612  -3.708  -13.035 1.00 26.60 ? 121 SER A C   1 
ATOM   1021 O O   . SER A 1 124 ? -7.290  -4.448  -12.098 1.00 26.00 ? 121 SER A O   1 
ATOM   1022 C CB  A SER A 1 124 ? -5.552  -2.583  -13.887 0.70 25.88 ? 121 SER A CB  1 
ATOM   1023 C CB  B SER A 1 124 ? -5.675  -2.477  -14.032 0.30 25.91 ? 121 SER A CB  1 
ATOM   1024 O OG  A SER A 1 124 ? -5.743  -3.457  -14.962 0.70 28.25 ? 121 SER A OG  1 
ATOM   1025 O OG  B SER A 1 124 ? -5.081  -1.213  -14.236 0.30 26.61 ? 121 SER A OG  1 
ATOM   1026 N N   . GLU A 1 125 ? -8.504  -4.067  -13.966 1.00 28.35 ? 122 GLU A N   1 
ATOM   1027 C CA  A GLU A 1 125 ? -9.083  -5.427  -14.014 0.60 30.26 ? 122 GLU A CA  1 
ATOM   1028 C CA  B GLU A 1 125 ? -9.079  -5.434  -14.073 0.40 29.73 ? 122 GLU A CA  1 
ATOM   1029 C C   . GLU A 1 125 ? -8.011  -6.540  -14.033 1.00 30.27 ? 122 GLU A C   1 
ATOM   1030 O O   . GLU A 1 125 ? -8.266  -7.670  -13.596 1.00 31.51 ? 122 GLU A O   1 
ATOM   1031 C CB  A GLU A 1 125 ? -10.028 -5.556  -15.230 0.60 30.84 ? 122 GLU A CB  1 
ATOM   1032 C CB  B GLU A 1 125 ? -9.925  -5.580  -15.368 0.40 29.97 ? 122 GLU A CB  1 
ATOM   1033 C CG  A GLU A 1 125 ? -9.454  -6.265  -16.485 0.60 35.03 ? 122 GLU A CG  1 
ATOM   1034 C CG  B GLU A 1 125 ? -9.320  -4.885  -16.624 0.40 31.65 ? 122 GLU A CG  1 
ATOM   1035 C CD  A GLU A 1 125 ? -8.343  -5.515  -17.278 0.60 42.59 ? 122 GLU A CD  1 
ATOM   1036 C CD  B GLU A 1 125 ? -9.663  -5.576  -17.971 0.40 34.35 ? 122 GLU A CD  1 
ATOM   1037 O OE1 A GLU A 1 125 ? -7.780  -4.491  -16.811 0.60 45.63 ? 122 GLU A OE1 1 
ATOM   1038 O OE1 B GLU A 1 125 ? -10.748 -5.326  -18.533 0.40 34.64 ? 122 GLU A OE1 1 
ATOM   1039 O OE2 A GLU A 1 125 ? -8.028  -5.991  -18.402 0.60 45.17 ? 122 GLU A OE2 1 
ATOM   1040 O OE2 B GLU A 1 125 ? -8.826  -6.356  -18.492 0.40 36.05 ? 122 GLU A OE2 1 
ATOM   1041 N N   . LYS A 1 126 ? -6.798  -6.237  -14.500 1.00 29.35 ? 123 LYS A N   1 
ATOM   1042 C CA  . LYS A 1 126 ? -5.724  -7.236  -14.488 1.00 30.03 ? 123 LYS A CA  1 
ATOM   1043 C C   . LYS A 1 126 ? -5.380  -7.706  -13.065 1.00 28.71 ? 123 LYS A C   1 
ATOM   1044 O O   . LYS A 1 126 ? -4.849  -8.821  -12.859 1.00 27.43 ? 123 LYS A O   1 
ATOM   1045 C CB  . LYS A 1 126 ? -4.431  -6.637  -15.107 1.00 30.88 ? 123 LYS A CB  1 
ATOM   1046 C CG  . LYS A 1 126 ? -4.560  -6.039  -16.508 1.00 36.34 ? 123 LYS A CG  1 
ATOM   1047 C CD  . LYS A 1 126 ? -3.192  -5.739  -17.121 1.00 44.61 ? 123 LYS A CD  1 
ATOM   1048 C CE  . LYS A 1 126 ? -2.346  -7.021  -17.116 1.00 49.89 ? 123 LYS A CE  1 
ATOM   1049 N NZ  . LYS A 1 126 ? -1.027  -6.943  -17.831 1.00 54.52 ? 123 LYS A NZ  1 
ATOM   1050 N N   . TRP A 1 127 ? -5.588  -6.820  -12.081 1.00 26.80 ? 124 TRP A N   1 
ATOM   1051 C CA  . TRP A 1 127 ? -5.014  -7.081  -10.745 1.00 26.53 ? 124 TRP A CA  1 
ATOM   1052 C C   . TRP A 1 127 ? -6.093  -7.085  -9.678  1.00 24.73 ? 124 TRP A C   1 
ATOM   1053 O O   . TRP A 1 127 ? -5.795  -7.394  -8.554  1.00 24.46 ? 124 TRP A O   1 
ATOM   1054 C CB  . TRP A 1 127 ? -4.095  -5.955  -10.299 1.00 27.15 ? 124 TRP A CB  1 
ATOM   1055 C CG  . TRP A 1 127 ? -3.152  -5.475  -11.366 1.00 32.10 ? 124 TRP A CG  1 
ATOM   1056 C CD1 . TRP A 1 127 ? -3.021  -4.196  -11.829 1.00 33.24 ? 124 TRP A CD1 1 
ATOM   1057 C CD2 . TRP A 1 127 ? -2.209  -6.274  -12.086 1.00 33.05 ? 124 TRP A CD2 1 
ATOM   1058 N NE1 . TRP A 1 127 ? -2.046  -4.154  -12.813 1.00 34.38 ? 124 TRP A NE1 1 
ATOM   1059 C CE2 . TRP A 1 127 ? -1.532  -5.417  -12.981 1.00 36.10 ? 124 TRP A CE2 1 
ATOM   1060 C CE3 . TRP A 1 127 ? -1.884  -7.643  -12.073 1.00 33.12 ? 124 TRP A CE3 1 
ATOM   1061 C CZ2 . TRP A 1 127 ? -0.529  -5.881  -13.853 1.00 36.05 ? 124 TRP A CZ2 1 
ATOM   1062 C CZ3 . TRP A 1 127 ? -0.917  -8.100  -12.940 1.00 35.60 ? 124 TRP A CZ3 1 
ATOM   1063 C CH2 . TRP A 1 127 ? -0.250  -7.224  -13.826 1.00 37.92 ? 124 TRP A CH2 1 
ATOM   1064 N N   . SER A 1 128 ? -7.305  -6.687  -10.000 1.00 24.40 ? 125 SER A N   1 
ATOM   1065 C CA  A SER A 1 128 ? -8.286  -6.502  -8.921  0.70 24.67 ? 125 SER A CA  1 
ATOM   1066 C CA  B SER A 1 128 ? -8.341  -6.530  -8.970  0.30 25.30 ? 125 SER A CA  1 
ATOM   1067 C C   . SER A 1 128 ? -8.573  -7.792  -8.125  1.00 25.00 ? 125 SER A C   1 
ATOM   1068 O O   . SER A 1 128 ? -8.915  -7.713  -6.936  1.00 25.93 ? 125 SER A O   1 
ATOM   1069 C CB  A SER A 1 128 ? -9.583  -5.854  -9.397  0.70 23.57 ? 125 SER A CB  1 
ATOM   1070 C CB  B SER A 1 128 ? -9.660  -6.061  -9.586  0.30 24.86 ? 125 SER A CB  1 
ATOM   1071 O OG  A SER A 1 128 ? -10.210 -6.650  -10.357 0.70 22.32 ? 125 SER A OG  1 
ATOM   1072 O OG  B SER A 1 128 ? -9.630  -4.667  -9.823  0.30 27.77 ? 125 SER A OG  1 
ATOM   1073 N N   . PHE A 1 129 ? -8.461  -8.965  -8.748  1.00 24.35 ? 126 PHE A N   1 
ATOM   1074 C CA  . PHE A 1 129 ? -8.801  -10.210 -8.002  1.00 24.99 ? 126 PHE A CA  1 
ATOM   1075 C C   . PHE A 1 129 ? -7.669  -10.688 -7.069  1.00 26.72 ? 126 PHE A C   1 
ATOM   1076 O O   . PHE A 1 129 ? -7.825  -11.747 -6.405  1.00 27.36 ? 126 PHE A O   1 
ATOM   1077 C CB  . PHE A 1 129 ? -9.122  -11.335 -9.009  1.00 25.63 ? 126 PHE A CB  1 
ATOM   1078 C CG  . PHE A 1 129 ? -7.938  -11.659 -9.882  1.00 27.64 ? 126 PHE A CG  1 
ATOM   1079 C CD1 . PHE A 1 129 ? -6.923  -12.508 -9.415  1.00 32.30 ? 126 PHE A CD1 1 
ATOM   1080 C CD2 . PHE A 1 129 ? -7.825  -11.088 -11.139 1.00 31.98 ? 126 PHE A CD2 1 
ATOM   1081 C CE1 . PHE A 1 129 ? -5.821  -12.814 -10.217 1.00 35.57 ? 126 PHE A CE1 1 
ATOM   1082 C CE2 . PHE A 1 129 ? -6.735  -11.366 -11.957 1.00 33.42 ? 126 PHE A CE2 1 
ATOM   1083 C CZ  . PHE A 1 129 ? -5.723  -12.222 -11.495 1.00 35.71 ? 126 PHE A CZ  1 
ATOM   1084 N N   . ILE A 1 130 ? -6.537  -9.973  -7.043  1.00 26.08 ? 127 ILE A N   1 
ATOM   1085 C CA  . ILE A 1 130 ? -5.348  -10.489 -6.359  1.00 28.59 ? 127 ILE A CA  1 
ATOM   1086 C C   . ILE A 1 130 ? -5.486  -10.328 -4.874  1.00 28.99 ? 127 ILE A C   1 
ATOM   1087 O O   . ILE A 1 130 ? -5.741  -9.214  -4.372  1.00 28.88 ? 127 ILE A O   1 
ATOM   1088 C CB  . ILE A 1 130 ? -4.024  -9.787  -6.805  1.00 29.39 ? 127 ILE A CB  1 
ATOM   1089 C CG1 . ILE A 1 130 ? -3.656  -10.238 -8.229  1.00 29.03 ? 127 ILE A CG1 1 
ATOM   1090 C CG2 . ILE A 1 130 ? -2.853  -10.100 -5.844  1.00 31.93 ? 127 ILE A CG2 1 
ATOM   1091 C CD1 . ILE A 1 130 ? -2.587  -9.313  -8.888  1.00 31.44 ? 127 ILE A CD1 1 
ATOM   1092 N N   . SER A 1 131 ? -5.394  -11.451 -4.174  1.00 27.21 ? 128 SER A N   1 
ATOM   1093 C CA  . SER A 1 131 ? -5.396  -11.408 -2.738  1.00 26.48 ? 128 SER A CA  1 
ATOM   1094 C C   . SER A 1 131 ? -4.012  -11.887 -2.313  1.00 26.02 ? 128 SER A C   1 
ATOM   1095 O O   . SER A 1 131 ? -3.594  -12.976 -2.708  1.00 22.48 ? 128 SER A O   1 
ATOM   1096 C CB  . SER A 1 131 ? -6.448  -12.373 -2.244  1.00 27.29 ? 128 SER A CB  1 
ATOM   1097 O OG  . SER A 1 131 ? -6.081  -12.944 -1.029  1.00 26.02 ? 128 SER A OG  1 
ATOM   1098 N N   . SER A 1 132 ? -3.342  -11.114 -1.481  1.00 25.58 ? 129 SER A N   1 
ATOM   1099 C CA  A SER A 1 132 ? -2.031  -11.527 -0.982  0.60 26.14 ? 129 SER A CA  1 
ATOM   1100 C CA  B SER A 1 132 ? -2.027  -11.483 -0.971  0.40 25.02 ? 129 SER A CA  1 
ATOM   1101 C C   . SER A 1 132 ? -2.031  -12.836 -0.240  1.00 24.28 ? 129 SER A C   1 
ATOM   1102 O O   . SER A 1 132 ? -1.113  -13.610 -0.385  1.00 24.15 ? 129 SER A O   1 
ATOM   1103 C CB  A SER A 1 132 ? -1.434  -10.449 -0.078  0.60 27.44 ? 129 SER A CB  1 
ATOM   1104 C CB  B SER A 1 132 ? -1.490  -10.356 -0.059  0.40 25.71 ? 129 SER A CB  1 
ATOM   1105 O OG  A SER A 1 132 ? -0.579  -9.688  -0.850  0.60 30.92 ? 129 SER A OG  1 
ATOM   1106 O OG  B SER A 1 132 ? -0.244  -10.714 0.505   0.40 23.77 ? 129 SER A OG  1 
ATOM   1107 N N   . SER A 1 133 ? -3.058  -13.095 0.575   1.00 23.73 ? 130 SER A N   1 
ATOM   1108 C CA  A SER A 1 133 ? -3.113  -14.359 1.294   0.70 23.41 ? 130 SER A CA  1 
ATOM   1109 C CA  B SER A 1 133 ? -3.085  -14.358 1.298   0.30 22.22 ? 130 SER A CA  1 
ATOM   1110 C C   . SER A 1 133 ? -3.170  -15.505 0.300   1.00 22.06 ? 130 SER A C   1 
ATOM   1111 O O   . SER A 1 133 ? -2.527  -16.514 0.485   1.00 21.51 ? 130 SER A O   1 
ATOM   1112 C CB  A SER A 1 133 ? -4.352  -14.440 2.203   0.70 24.92 ? 130 SER A CB  1 
ATOM   1113 C CB  B SER A 1 133 ? -4.216  -14.436 2.341   0.30 22.98 ? 130 SER A CB  1 
ATOM   1114 O OG  A SER A 1 133 ? -4.278  -13.431 3.192   0.70 29.86 ? 130 SER A OG  1 
ATOM   1115 O OG  B SER A 1 133 ? -5.485  -14.123 1.803   0.30 20.67 ? 130 SER A OG  1 
ATOM   1116 N N   . LEU A 1 134 ? -3.974  -15.352 -0.755  1.00 20.07 ? 131 LEU A N   1 
ATOM   1117 C CA  . LEU A 1 134 ? -4.093  -16.434 -1.703  1.00 19.98 ? 131 LEU A CA  1 
ATOM   1118 C C   . LEU A 1 134 ? -2.788  -16.593 -2.497  1.00 18.77 ? 131 LEU A C   1 
ATOM   1119 O O   . LEU A 1 134 ? -2.380  -17.684 -2.761  1.00 18.79 ? 131 LEU A O   1 
ATOM   1120 C CB  . LEU A 1 134 ? -5.256  -16.159 -2.654  1.00 20.23 ? 131 LEU A CB  1 
ATOM   1121 C CG  . LEU A 1 134 ? -5.690  -17.300 -3.541  1.00 22.69 ? 131 LEU A CG  1 
ATOM   1122 C CD1 . LEU A 1 134 ? -5.993  -18.636 -2.729  1.00 24.27 ? 131 LEU A CD1 1 
ATOM   1123 C CD2 . LEU A 1 134 ? -6.973  -16.828 -4.241  1.00 28.22 ? 131 LEU A CD2 1 
ATOM   1124 N N   . VAL A 1 135 ? -2.133  -15.487 -2.851  1.00 18.04 ? 132 VAL A N   1 
ATOM   1125 C CA  . VAL A 1 135 ? -0.816  -15.609 -3.538  1.00 18.78 ? 132 VAL A CA  1 
ATOM   1126 C C   . VAL A 1 135 ? 0.177   -16.363 -2.676  1.00 18.59 ? 132 VAL A C   1 
ATOM   1127 O O   . VAL A 1 135 ? 0.913   -17.256 -3.164  1.00 18.53 ? 132 VAL A O   1 
ATOM   1128 C CB  . VAL A 1 135 ? -0.242  -14.224 -3.920  1.00 19.45 ? 132 VAL A CB  1 
ATOM   1129 C CG1 . VAL A 1 135 ? 1.231   -14.328 -4.425  1.00 19.39 ? 132 VAL A CG1 1 
ATOM   1130 C CG2 . VAL A 1 135 ? -1.159  -13.575 -4.988  1.00 18.84 ? 132 VAL A CG2 1 
ATOM   1131 N N   . LYS A 1 136 ? 0.192   -16.044 -1.389  1.00 19.37 ? 133 LYS A N   1 
ATOM   1132 C CA  . LYS A 1 136 ? 1.128   -16.783 -0.476  1.00 20.51 ? 133 LYS A CA  1 
ATOM   1133 C C   . LYS A 1 136 ? 0.769   -18.233 -0.396  1.00 21.43 ? 133 LYS A C   1 
ATOM   1134 O O   . LYS A 1 136 ? 1.670   -19.104 -0.375  1.00 22.00 ? 133 LYS A O   1 
ATOM   1135 C CB  . LYS A 1 136 ? 1.075   -16.160 0.923   1.00 21.70 ? 133 LYS A CB  1 
ATOM   1136 C CG  . LYS A 1 136 ? 1.707   -14.789 0.969   1.00 19.97 ? 133 LYS A CG  1 
ATOM   1137 C CD  . LYS A 1 136 ? 1.397   -14.155 2.315   1.00 24.32 ? 133 LYS A CD  1 
ATOM   1138 C CE  . LYS A 1 136 ? 2.069   -12.796 2.423   1.00 23.47 ? 133 LYS A CE  1 
ATOM   1139 N NZ  . LYS A 1 136 ? 1.571   -12.090 3.657   1.00 21.35 ? 133 LYS A NZ  1 
ATOM   1140 N N   . GLU A 1 137 ? -0.544  -18.518 -0.351  1.00 21.27 ? 134 GLU A N   1 
ATOM   1141 C CA  . GLU A 1 137 ? -1.013  -19.915 -0.267  1.00 21.60 ? 134 GLU A CA  1 
ATOM   1142 C C   . GLU A 1 137 ? -0.562  -20.704 -1.499  1.00 21.09 ? 134 GLU A C   1 
ATOM   1143 O O   . GLU A 1 137 ? -0.057  -21.847 -1.397  1.00 21.77 ? 134 GLU A O   1 
ATOM   1144 C CB  . GLU A 1 137 ? -2.559  -19.982 -0.060  1.00 21.57 ? 134 GLU A CB  1 
ATOM   1145 C CG  . GLU A 1 137 ? -3.149  -21.402 -0.218  1.00 24.08 ? 134 GLU A CG  1 
ATOM   1146 C CD  . GLU A 1 137 ? -4.691  -21.475 0.022   1.00 31.48 ? 134 GLU A CD  1 
ATOM   1147 O OE1 . GLU A 1 137 ? -5.207  -20.818 0.959   1.00 32.30 ? 134 GLU A OE1 1 
ATOM   1148 O OE2 . GLU A 1 137 ? -5.400  -22.182 -0.737  1.00 32.22 ? 134 GLU A OE2 1 
ATOM   1149 N N   . VAL A 1 138 ? -0.711  -20.090 -2.664  1.00 20.58 ? 135 VAL A N   1 
ATOM   1150 C CA  . VAL A 1 138 ? -0.284  -20.713 -3.920  1.00 20.05 ? 135 VAL A CA  1 
ATOM   1151 C C   . VAL A 1 138 ? 1.246   -20.914 -3.900  1.00 20.56 ? 135 VAL A C   1 
ATOM   1152 O O   . VAL A 1 138 ? 1.747   -22.018 -4.208  1.00 21.59 ? 135 VAL A O   1 
ATOM   1153 C CB  . VAL A 1 138 ? -0.692  -19.848 -5.121  1.00 19.97 ? 135 VAL A CB  1 
ATOM   1154 C CG1 . VAL A 1 138 ? -0.015  -20.308 -6.389  1.00 18.74 ? 135 VAL A CG1 1 
ATOM   1155 C CG2 . VAL A 1 138 ? -2.235  -19.857 -5.292  1.00 18.54 ? 135 VAL A CG2 1 
ATOM   1156 N N   . ALA A 1 139 ? 1.981   -19.866 -3.538  1.00 21.10 ? 136 ALA A N   1 
ATOM   1157 C CA  . ALA A 1 139 ? 3.452   -19.970 -3.375  1.00 22.26 ? 136 ALA A CA  1 
ATOM   1158 C C   . ALA A 1 139 ? 3.858   -21.085 -2.418  1.00 23.42 ? 136 ALA A C   1 
ATOM   1159 O O   . ALA A 1 139 ? 4.806   -21.827 -2.732  1.00 22.59 ? 136 ALA A O   1 
ATOM   1160 C CB  . ALA A 1 139 ? 4.089   -18.621 -2.957  1.00 21.33 ? 136 ALA A CB  1 
ATOM   1161 N N   . ARG A 1 140 ? 3.138   -21.253 -1.293  1.00 24.72 ? 137 ARG A N   1 
ATOM   1162 C CA  . ARG A 1 140 ? 3.508   -22.303 -0.317  1.00 27.57 ? 137 ARG A CA  1 
ATOM   1163 C C   . ARG A 1 140 ? 3.422   -23.679 -0.951  1.00 28.19 ? 137 ARG A C   1 
ATOM   1164 O O   . ARG A 1 140 ? 4.207   -24.586 -0.608  1.00 28.65 ? 137 ARG A O   1 
ATOM   1165 C CB  . ARG A 1 140 ? 2.661   -22.273 0.966   1.00 27.64 ? 137 ARG A CB  1 
ATOM   1166 C CG  . ARG A 1 140 ? 3.113   -21.195 1.891   1.00 32.23 ? 137 ARG A CG  1 
ATOM   1167 C CD  . ARG A 1 140 ? 2.460   -21.226 3.279   1.00 39.81 ? 137 ARG A CD  1 
ATOM   1168 N NE  . ARG A 1 140 ? 2.558   -19.876 3.862   1.00 44.25 ? 137 ARG A NE  1 
ATOM   1169 C CZ  . ARG A 1 140 ? 1.591   -18.957 3.812   1.00 47.02 ? 137 ARG A CZ  1 
ATOM   1170 N NH1 . ARG A 1 140 ? 0.390   -19.238 3.257   1.00 46.46 ? 137 ARG A NH1 1 
ATOM   1171 N NH2 . ARG A 1 140 ? 1.809   -17.757 4.347   1.00 49.02 ? 137 ARG A NH2 1 
ATOM   1172 N N   . HIS A 1 141 ? 2.494   -23.825 -1.897  1.00 28.27 ? 138 HIS A N   1 
ATOM   1173 C CA  . HIS A 1 141 ? 2.322   -25.088 -2.603  1.00 28.84 ? 138 HIS A CA  1 
ATOM   1174 C C   . HIS A 1 141 ? 3.108   -25.230 -3.897  1.00 28.47 ? 138 HIS A C   1 
ATOM   1175 O O   . HIS A 1 141 ? 2.822   -26.142 -4.688  1.00 28.78 ? 138 HIS A O   1 
ATOM   1176 C CB  . HIS A 1 141 ? 0.857   -25.325 -2.867  1.00 29.53 ? 138 HIS A CB  1 
ATOM   1177 C CG  . HIS A 1 141 ? 0.082   -25.582 -1.627  1.00 32.48 ? 138 HIS A CG  1 
ATOM   1178 N ND1 . HIS A 1 141 ? -0.023  -26.842 -1.077  1.00 37.21 ? 138 HIS A ND1 1 
ATOM   1179 C CD2 . HIS A 1 141 ? -0.612  -24.748 -0.817  1.00 35.09 ? 138 HIS A CD2 1 
ATOM   1180 C CE1 . HIS A 1 141 ? -0.775  -26.773 0.011   1.00 39.25 ? 138 HIS A CE1 1 
ATOM   1181 N NE2 . HIS A 1 141 ? -1.135  -25.512 0.195   1.00 36.54 ? 138 HIS A NE2 1 
ATOM   1182 N N   . GLY A 1 142 ? 4.084   -24.349 -4.096  1.00 26.88 ? 139 GLY A N   1 
ATOM   1183 C CA  . GLY A 1 142 ? 4.900   -24.366 -5.303  1.00 26.69 ? 139 GLY A CA  1 
ATOM   1184 C C   . GLY A 1 142 ? 4.208   -23.935 -6.597  1.00 26.00 ? 139 GLY A C   1 
ATOM   1185 O O   . GLY A 1 142 ? 4.699   -24.246 -7.681  1.00 25.32 ? 139 GLY A O   1 
ATOM   1186 N N   . GLY A 1 143 ? 3.070   -23.230 -6.518  1.00 23.73 ? 140 GLY A N   1 
ATOM   1187 C CA  . GLY A 1 143 ? 2.404   -22.837 -7.746  1.00 23.47 ? 140 GLY A CA  1 
ATOM   1188 C C   . GLY A 1 143 ? 3.035   -21.573 -8.318  1.00 23.48 ? 140 GLY A C   1 
ATOM   1189 O O   . GLY A 1 143 ? 3.650   -20.822 -7.596  1.00 23.42 ? 140 GLY A O   1 
ATOM   1190 N N   . ASP A 1 144 ? 2.857   -21.328 -9.603  1.00 23.97 ? 141 ASP A N   1 
ATOM   1191 C CA  . ASP A 1 144 ? 3.443   -20.146 -10.243 1.00 24.83 ? 141 ASP A CA  1 
ATOM   1192 C C   . ASP A 1 144 ? 2.716   -18.854 -9.843  1.00 23.83 ? 141 ASP A C   1 
ATOM   1193 O O   . ASP A 1 144 ? 1.524   -18.701 -10.102 1.00 23.39 ? 141 ASP A O   1 
ATOM   1194 C CB  . ASP A 1 144 ? 3.368   -20.309 -11.765 1.00 25.96 ? 141 ASP A CB  1 
ATOM   1195 C CG  . ASP A 1 144 ? 3.809   -19.055 -12.497 1.00 30.25 ? 141 ASP A CG  1 
ATOM   1196 O OD1 . ASP A 1 144 ? 4.782   -18.451 -12.068 1.00 31.34 ? 141 ASP A OD1 1 
ATOM   1197 O OD2 . ASP A 1 144 ? 3.154   -18.646 -13.470 1.00 36.65 ? 141 ASP A OD2 1 
ATOM   1198 N N   . ILE A 1 145 ? 3.424   -17.913 -9.231  1.00 23.49 ? 142 ILE A N   1 
ATOM   1199 C CA  . ILE A 1 145 ? 2.776   -16.617 -8.863  1.00 23.53 ? 142 ILE A CA  1 
ATOM   1200 C C   . ILE A 1 145 ? 3.381   -15.440 -9.635  1.00 23.23 ? 142 ILE A C   1 
ATOM   1201 O O   . ILE A 1 145 ? 3.127   -14.287 -9.316  1.00 20.20 ? 142 ILE A O   1 
ATOM   1202 C CB  . ILE A 1 145 ? 2.939   -16.353 -7.380  1.00 24.57 ? 142 ILE A CB  1 
ATOM   1203 C CG1 . ILE A 1 145 ? 4.416   -16.514 -7.039  1.00 25.99 ? 142 ILE A CG1 1 
ATOM   1204 C CG2 . ILE A 1 145 ? 1.978   -17.272 -6.582  1.00 25.08 ? 142 ILE A CG2 1 
ATOM   1205 C CD1 . ILE A 1 145 ? 4.873   -15.864 -5.817  1.00 31.44 ? 142 ILE A CD1 1 
ATOM   1206 N N   . THR A 1 146 ? 4.175   -15.744 -10.668 1.00 23.40 ? 143 THR A N   1 
ATOM   1207 C CA  . THR A 1 146 ? 4.879   -14.695 -11.412 1.00 25.73 ? 143 THR A CA  1 
ATOM   1208 C C   . THR A 1 146 ? 3.979   -13.596 -11.995 1.00 25.16 ? 143 THR A C   1 
ATOM   1209 O O   . THR A 1 146 ? 4.373   -12.477 -12.001 1.00 25.87 ? 143 THR A O   1 
ATOM   1210 C CB  . THR A 1 146 ? 5.862   -15.268 -12.509 1.00 26.51 ? 143 THR A CB  1 
ATOM   1211 O OG1 . THR A 1 146 ? 5.100   -15.900 -13.524 1.00 30.87 ? 143 THR A OG1 1 
ATOM   1212 C CG2 . THR A 1 146 ? 6.767   -16.298 -11.929 1.00 25.84 ? 143 THR A CG2 1 
ATOM   1213 N N   . PRO A 1 147 ? 2.744   -13.902 -12.435 1.00 26.53 ? 144 PRO A N   1 
ATOM   1214 C CA  . PRO A 1 147 ? 1.919   -12.790 -12.918 1.00 26.66 ? 144 PRO A CA  1 
ATOM   1215 C C   . PRO A 1 147 ? 1.506   -11.791 -11.851 1.00 25.85 ? 144 PRO A C   1 
ATOM   1216 O O   . PRO A 1 147 ? 1.111   -10.679 -12.197 1.00 28.54 ? 144 PRO A O   1 
ATOM   1217 C CB  . PRO A 1 147 ? 0.638   -13.487 -13.408 1.00 28.27 ? 144 PRO A CB  1 
ATOM   1218 C CG  . PRO A 1 147 ? 0.986   -14.884 -13.535 1.00 28.73 ? 144 PRO A CG  1 
ATOM   1219 C CD  . PRO A 1 147 ? 2.047   -15.187 -12.546 1.00 26.28 ? 144 PRO A CD  1 
ATOM   1220 N N   . PHE A 1 148 ? 1.593   -12.134 -10.571 1.00 23.92 ? 145 PHE A N   1 
ATOM   1221 C CA  . PHE A 1 148 ? 0.887   -11.334 -9.536  1.00 22.95 ? 145 PHE A CA  1 
ATOM   1222 C C   . PHE A 1 148 ? 1.766   -10.360 -8.783  1.00 22.85 ? 145 PHE A C   1 
ATOM   1223 O O   . PHE A 1 148 ? 1.290   -9.408  -8.159  1.00 23.08 ? 145 PHE A O   1 
ATOM   1224 C CB  . PHE A 1 148 ? 0.200   -12.274 -8.534  1.00 23.55 ? 145 PHE A CB  1 
ATOM   1225 C CG  . PHE A 1 148 ? -0.557  -13.389 -9.197  1.00 23.91 ? 145 PHE A CG  1 
ATOM   1226 C CD1 . PHE A 1 148 ? -1.605  -13.100 -10.078 1.00 29.02 ? 145 PHE A CD1 1 
ATOM   1227 C CD2 . PHE A 1 148 ? -0.206  -14.707 -8.983  1.00 23.39 ? 145 PHE A CD2 1 
ATOM   1228 C CE1 . PHE A 1 148 ? -2.319  -14.134 -10.705 1.00 25.88 ? 145 PHE A CE1 1 
ATOM   1229 C CE2 . PHE A 1 148 ? -0.913  -15.766 -9.628  1.00 27.31 ? 145 PHE A CE2 1 
ATOM   1230 C CZ  . PHE A 1 148 ? -1.957  -15.466 -10.479 1.00 26.42 ? 145 PHE A CZ  1 
ATOM   1231 N N   . LEU A 1 149 ? 3.062   -10.602 -8.835  1.00 22.39 ? 146 LEU A N   1 
ATOM   1232 C CA  . LEU A 1 149 ? 4.027   -9.814  -8.036  1.00 22.26 ? 146 LEU A CA  1 
ATOM   1233 C C   . LEU A 1 149 ? 5.144   -9.321  -8.949  1.00 22.62 ? 146 LEU A C   1 
ATOM   1234 O O   . LEU A 1 149 ? 5.491   -10.010 -9.928  1.00 22.90 ? 146 LEU A O   1 
ATOM   1235 C CB  . LEU A 1 149 ? 4.683   -10.739 -6.980  1.00 22.98 ? 146 LEU A CB  1 
ATOM   1236 C CG  . LEU A 1 149 ? 3.732   -11.396 -5.983  1.00 19.76 ? 146 LEU A CG  1 
ATOM   1237 C CD1 . LEU A 1 149 ? 4.514   -12.262 -5.018  1.00 22.65 ? 146 LEU A CD1 1 
ATOM   1238 C CD2 . LEU A 1 149 ? 2.934   -10.336 -5.221  1.00 21.04 ? 146 LEU A CD2 1 
ATOM   1239 N N   . PRO A 1 150 ? 5.748   -8.154  -8.625  1.00 22.95 ? 147 PRO A N   1 
ATOM   1240 C CA  . PRO A 1 150 ? 6.962   -7.748  -9.354  1.00 23.75 ? 147 PRO A CA  1 
ATOM   1241 C C   . PRO A 1 150 ? 8.062   -8.823  -9.239  1.00 23.60 ? 147 PRO A C   1 
ATOM   1242 O O   . PRO A 1 150 ? 8.150   -9.505  -8.226  1.00 24.19 ? 147 PRO A O   1 
ATOM   1243 C CB  . PRO A 1 150 ? 7.424   -6.507  -8.589  1.00 23.47 ? 147 PRO A CB  1 
ATOM   1244 C CG  . PRO A 1 150 ? 6.090   -5.901  -8.035  1.00 23.46 ? 147 PRO A CG  1 
ATOM   1245 C CD  . PRO A 1 150 ? 5.265   -7.130  -7.671  1.00 22.60 ? 147 PRO A CD  1 
ATOM   1246 N N   . LYS A 1 151 ? 8.931   -8.908  -10.226 1.00 25.18 ? 148 LYS A N   1 
ATOM   1247 C CA  . LYS A 1 151 ? 10.000  -9.912  -10.251 1.00 26.73 ? 148 LYS A CA  1 
ATOM   1248 C C   . LYS A 1 151 ? 10.812  -10.076 -8.959  1.00 25.44 ? 148 LYS A C   1 
ATOM   1249 O O   . LYS A 1 151 ? 10.979  -11.187 -8.457  1.00 25.00 ? 148 LYS A O   1 
ATOM   1250 C CB  . LYS A 1 151 ? 10.965  -9.576  -11.387 1.00 29.03 ? 148 LYS A CB  1 
ATOM   1251 C CG  . LYS A 1 151 ? 10.824  -10.472 -12.558 1.00 37.13 ? 148 LYS A CG  1 
ATOM   1252 C CD  . LYS A 1 151 ? 12.213  -11.128 -12.887 1.00 45.97 ? 148 LYS A CD  1 
ATOM   1253 C CE  . LYS A 1 151 ? 12.933  -10.445 -14.065 1.00 52.20 ? 148 LYS A CE  1 
ATOM   1254 N NZ  . LYS A 1 151 ? 12.121  -10.557 -15.342 1.00 55.54 ? 148 LYS A NZ  1 
ATOM   1255 N N   . PRO A 1 152 ? 11.329  -8.970  -8.412  1.00 24.80 ? 149 PRO A N   1 
ATOM   1256 C CA  . PRO A 1 152 ? 12.115  -9.077  -7.185  1.00 24.59 ? 149 PRO A CA  1 
ATOM   1257 C C   . PRO A 1 152 ? 11.272  -9.529  -5.984  1.00 23.12 ? 149 PRO A C   1 
ATOM   1258 O O   . PRO A 1 152 ? 11.813  -10.138 -5.056  1.00 20.83 ? 149 PRO A O   1 
ATOM   1259 C CB  . PRO A 1 152 ? 12.658  -7.653  -6.962  1.00 25.16 ? 149 PRO A CB  1 
ATOM   1260 C CG  . PRO A 1 152 ? 11.883  -6.780  -7.876  1.00 27.68 ? 149 PRO A CG  1 
ATOM   1261 C CD  . PRO A 1 152 ? 11.330  -7.607  -8.985  1.00 26.07 ? 149 PRO A CD  1 
ATOM   1262 N N   . VAL A 1 153 ? 9.957   -9.246  -6.024  1.00 21.51 ? 150 VAL A N   1 
ATOM   1263 C CA  . VAL A 1 153 ? 9.067   -9.691  -4.948  1.00 21.40 ? 150 VAL A CA  1 
ATOM   1264 C C   . VAL A 1 153 ? 8.881   -11.215 -5.083  1.00 21.57 ? 150 VAL A C   1 
ATOM   1265 O O   . VAL A 1 153 ? 8.996   -11.930 -4.117  1.00 20.87 ? 150 VAL A O   1 
ATOM   1266 C CB  . VAL A 1 153 ? 7.715   -8.959  -4.939  1.00 20.08 ? 150 VAL A CB  1 
ATOM   1267 C CG1 . VAL A 1 153 ? 6.841   -9.492  -3.756  1.00 20.53 ? 150 VAL A CG1 1 
ATOM   1268 C CG2 . VAL A 1 153 ? 7.965   -7.463  -4.735  1.00 20.06 ? 150 VAL A CG2 1 
ATOM   1269 N N   . THR A 1 154 ? 8.568   -11.684 -6.286  1.00 22.43 ? 151 THR A N   1 
ATOM   1270 C CA  . THR A 1 154 ? 8.474   -13.121 -6.499  1.00 23.13 ? 151 THR A CA  1 
ATOM   1271 C C   . THR A 1 154 ? 9.762   -13.800 -5.959  1.00 24.72 ? 151 THR A C   1 
ATOM   1272 O O   . THR A 1 154 ? 9.693   -14.771 -5.181  1.00 24.83 ? 151 THR A O   1 
ATOM   1273 C CB  . THR A 1 154 ? 8.293   -13.418 -7.982  1.00 23.30 ? 151 THR A CB  1 
ATOM   1274 O OG1 . THR A 1 154 ? 7.000   -12.953 -8.377  1.00 24.93 ? 151 THR A OG1 1 
ATOM   1275 C CG2 . THR A 1 154 ? 8.372   -14.943 -8.256  1.00 23.61 ? 151 THR A CG2 1 
ATOM   1276 N N   . LYS A 1 155 ? 10.930  -13.263 -6.338  1.00 24.69 ? 152 LYS A N   1 
ATOM   1277 C CA  . LYS A 1 155 ? 12.201  -13.809 -5.835  1.00 25.82 ? 152 LYS A CA  1 
ATOM   1278 C C   . LYS A 1 155 ? 12.292  -13.872 -4.297  1.00 25.48 ? 152 LYS A C   1 
ATOM   1279 O O   . LYS A 1 155 ? 12.687  -14.916 -3.717  1.00 25.38 ? 152 LYS A O   1 
ATOM   1280 C CB  . LYS A 1 155 ? 13.402  -13.036 -6.400  1.00 26.02 ? 152 LYS A CB  1 
ATOM   1281 C CG  . LYS A 1 155 ? 14.737  -13.632 -5.908  1.00 30.43 ? 152 LYS A CG  1 
ATOM   1282 C CD  . LYS A 1 155 ? 15.919  -12.834 -6.370  1.00 34.19 ? 152 LYS A CD  1 
ATOM   1283 C CE  . LYS A 1 155 ? 17.186  -13.667 -6.193  1.00 40.02 ? 152 LYS A CE  1 
ATOM   1284 N NZ  . LYS A 1 155 ? 18.209  -13.203 -7.163  1.00 42.94 ? 152 LYS A NZ  1 
ATOM   1285 N N   . ALA A 1 156 ? 11.942  -12.776 -3.628  1.00 24.65 ? 153 ALA A N   1 
ATOM   1286 C CA  . ALA A 1 156 ? 11.990  -12.762 -2.160  1.00 25.00 ? 153 ALA A CA  1 
ATOM   1287 C C   . ALA A 1 156 ? 10.980  -13.736 -1.530  1.00 25.36 ? 153 ALA A C   1 
ATOM   1288 O O   . ALA A 1 156 ? 11.263  -14.418 -0.511  1.00 24.24 ? 153 ALA A O   1 
ATOM   1289 C CB  . ALA A 1 156 ? 11.727  -11.332 -1.627  1.00 25.41 ? 153 ALA A CB  1 
ATOM   1290 N N   . LEU A 1 157 ? 9.789   -13.796 -2.113  1.00 25.04 ? 154 LEU A N   1 
ATOM   1291 C CA  . LEU A 1 157 ? 8.761   -14.653 -1.531  1.00 26.09 ? 154 LEU A CA  1 
ATOM   1292 C C   . LEU A 1 157 ? 9.162   -16.126 -1.608  1.00 26.70 ? 154 LEU A C   1 
ATOM   1293 O O   . LEU A 1 157 ? 9.025   -16.881 -0.634  1.00 26.97 ? 154 LEU A O   1 
ATOM   1294 C CB  . LEU A 1 157 ? 7.441   -14.455 -2.263  1.00 24.56 ? 154 LEU A CB  1 
ATOM   1295 C CG  . LEU A 1 157 ? 6.244   -15.238 -1.732  1.00 26.51 ? 154 LEU A CG  1 
ATOM   1296 C CD1 . LEU A 1 157 ? 6.029   -14.970 -0.266  1.00 26.45 ? 154 LEU A CD1 1 
ATOM   1297 C CD2 . LEU A 1 157 ? 4.946   -14.857 -2.525  1.00 26.00 ? 154 LEU A CD2 1 
ATOM   1298 N N   . LEU A 1 158 ? 9.601   -16.539 -2.786  1.00 28.21 ? 155 LEU A N   1 
ATOM   1299 C CA  . LEU A 1 158 ? 10.075  -17.903 -3.011  1.00 30.62 ? 155 LEU A CA  1 
ATOM   1300 C C   . LEU A 1 158 ? 11.206  -18.273 -2.046  1.00 30.83 ? 155 LEU A C   1 
ATOM   1301 O O   . LEU A 1 158 ? 11.193  -19.368 -1.483  1.00 30.40 ? 155 LEU A O   1 
ATOM   1302 C CB  . LEU A 1 158 ? 10.552  -18.083 -4.463  1.00 31.12 ? 155 LEU A CB  1 
ATOM   1303 C CG  . LEU A 1 158 ? 9.544   -18.656 -5.465  1.00 34.52 ? 155 LEU A CG  1 
ATOM   1304 C CD1 . LEU A 1 158 ? 8.187   -18.104 -5.232  1.00 32.33 ? 155 LEU A CD1 1 
ATOM   1305 C CD2 . LEU A 1 158 ? 9.990   -18.434 -6.937  1.00 36.47 ? 155 LEU A CD2 1 
ATOM   1306 N N   . ALA A 1 159 ? 12.148  -17.349 -1.841  1.00 30.82 ? 156 ALA A N   1 
ATOM   1307 C CA  . ALA A 1 159 ? 13.261  -17.553 -0.905  1.00 31.32 ? 156 ALA A CA  1 
ATOM   1308 C C   . ALA A 1 159 ? 12.714  -17.673 0.518   1.00 32.07 ? 156 ALA A C   1 
ATOM   1309 O O   . ALA A 1 159 ? 13.120  -18.557 1.260   1.00 31.67 ? 156 ALA A O   1 
ATOM   1310 C CB  . ALA A 1 159 ? 14.285  -16.421 -1.017  1.00 29.85 ? 156 ALA A CB  1 
ATOM   1311 N N   . LYS A 1 160 ? 11.745  -16.831 0.876   1.00 33.22 ? 157 LYS A N   1 
ATOM   1312 C CA  . LYS A 1 160 ? 11.169  -16.850 2.220   1.00 34.98 ? 157 LYS A CA  1 
ATOM   1313 C C   . LYS A 1 160 ? 10.551  -18.214 2.493   1.00 36.65 ? 157 LYS A C   1 
ATOM   1314 O O   . LYS A 1 160 ? 10.611  -18.704 3.629   1.00 36.91 ? 157 LYS A O   1 
ATOM   1315 C CB  . LYS A 1 160 ? 10.131  -15.740 2.400   1.00 35.37 ? 157 LYS A CB  1 
ATOM   1316 C CG  . LYS A 1 160 ? 9.882   -15.312 3.843   1.00 37.25 ? 157 LYS A CG  1 
ATOM   1317 C CD  . LYS A 1 160 ? 10.763  -14.129 4.225   1.00 38.82 ? 157 LYS A CD  1 
ATOM   1318 C CE  . LYS A 1 160 ? 10.576  -13.780 5.688   1.00 42.40 ? 157 LYS A CE  1 
ATOM   1319 N NZ  . LYS A 1 160 ? 11.414  -12.633 6.187   1.00 40.01 ? 157 LYS A NZ  1 
ATOM   1320 N N   . LEU A 1 161 ? 10.014  -18.850 1.447   1.00 37.35 ? 158 LEU A N   1 
ATOM   1321 C CA  . LEU A 1 161 ? 9.270   -20.115 1.579   1.00 39.27 ? 158 LEU A CA  1 
ATOM   1322 C C   . LEU A 1 161 ? 10.075  -21.410 1.334   1.00 40.80 ? 158 LEU A C   1 
ATOM   1323 O O   . LEU A 1 161 ? 9.613   -22.500 1.698   1.00 41.89 ? 158 LEU A O   1 
ATOM   1324 C CB  . LEU A 1 161 ? 8.001   -20.089 0.700   1.00 37.95 ? 158 LEU A CB  1 
ATOM   1325 C CG  . LEU A 1 161 ? 7.008   -18.997 1.101   1.00 38.92 ? 158 LEU A CG  1 
ATOM   1326 C CD1 . LEU A 1 161 ? 5.812   -18.910 0.141   1.00 36.88 ? 158 LEU A CD1 1 
ATOM   1327 C CD2 . LEU A 1 161 ? 6.507   -19.184 2.529   1.00 38.77 ? 158 LEU A CD2 1 
ATOM   1328 N N   . ALA A 1 162 ? 11.261  -21.301 0.731   1.00 42.20 ? 159 ALA A N   1 
ATOM   1329 C CA  . ALA A 1 162 ? 12.095  -22.467 0.450   1.00 43.48 ? 159 ALA A CA  1 
ATOM   1330 C C   . ALA A 1 162 ? 12.733  -23.006 1.744   1.00 44.28 ? 159 ALA A C   1 
ATOM   1331 O O   . ALA A 1 162 ? 12.727  -22.351 2.795   1.00 45.10 ? 159 ALA A O   1 
ATOM   1332 C CB  . ALA A 1 162 ? 13.179  -22.126 -0.595  1.00 43.68 ? 159 ALA A CB  1 
ATOM   1333 O OXT . ALA A 1 162 ? 13.268  -24.115 1.780   1.00 44.51 ? 159 ALA A OXT 1 
HETATM 1334 N N1A A COA B 2 .   ? -10.958 -4.626  2.590   0.60 21.35 ? 301 COA A N1A 1 
HETATM 1335 N N1A B COA B 2 .   ? -11.553 -4.676  2.866   0.40 16.35 ? 301 COA A N1A 1 
HETATM 1336 C C2A A COA B 2 .   ? -10.604 -5.934  2.919   0.60 26.09 ? 301 COA A C2A 1 
HETATM 1337 C C2A B COA B 2 .   ? -11.154 -5.981  3.136   0.40 20.23 ? 301 COA A C2A 1 
HETATM 1338 N N3A A COA B 2 .   ? -9.268  -6.273  3.003   0.60 23.45 ? 301 COA A N3A 1 
HETATM 1339 N N3A B COA B 2 .   ? -9.811  -6.317  3.030   0.40 17.82 ? 301 COA A N3A 1 
HETATM 1340 C C4A A COA B 2 .   ? -8.301  -5.331  2.761   0.60 27.74 ? 301 COA A C4A 1 
HETATM 1341 C C4A B COA B 2 .   ? -8.913  -5.362  2.678   0.40 20.58 ? 301 COA A C4A 1 
HETATM 1342 C C5A A COA B 2 .   ? -8.632  -4.011  2.416   0.60 25.86 ? 301 COA A C5A 1 
HETATM 1343 C C5A B COA B 2 .   ? -9.270  -4.042  2.414   0.40 19.00 ? 301 COA A C5A 1 
HETATM 1344 C C6A A COA B 2 .   ? -9.978  -3.670  2.349   0.60 24.02 ? 301 COA A C6A 1 
HETATM 1345 C C6A B COA B 2 .   ? -10.622 -3.705  2.525   0.40 17.49 ? 301 COA A C6A 1 
HETATM 1346 N N6A A COA B 2 .   ? -10.323 -2.388  2.261   0.60 19.94 ? 301 COA A N6A 1 
HETATM 1347 N N6A B COA B 2 .   ? -11.056 -2.470  2.249   0.40 12.76 ? 301 COA A N6A 1 
HETATM 1348 N N7A A COA B 2 .   ? -7.486  -3.288  2.240   0.60 27.70 ? 301 COA A N7A 1 
HETATM 1349 N N7A B COA B 2 .   ? -8.137  -3.341  2.094   0.40 19.79 ? 301 COA A N7A 1 
HETATM 1350 C C8A A COA B 2 .   ? -6.433  -4.132  2.456   0.60 25.88 ? 301 COA A C8A 1 
HETATM 1351 C C8A B COA B 2 .   ? -7.075  -4.210  2.169   0.40 23.27 ? 301 COA A C8A 1 
HETATM 1352 N N9A A COA B 2 .   ? -6.927  -5.390  2.774   0.60 30.50 ? 301 COA A N9A 1 
HETATM 1353 N N9A B COA B 2 .   ? -7.569  -5.454  2.527   0.40 22.35 ? 301 COA A N9A 1 
HETATM 1354 C C1B A COA B 2 .   ? -6.150  -6.584  3.169   0.60 35.66 ? 301 COA A C1B 1 
HETATM 1355 C C1B B COA B 2 .   ? -6.867  -6.711  2.749   0.40 23.64 ? 301 COA A C1B 1 
HETATM 1356 C C2B A COA B 2 .   ? -4.877  -6.697  2.322   0.60 37.92 ? 301 COA A C2B 1 
HETATM 1357 C C2B B COA B 2 .   ? -5.749  -6.765  1.719   0.40 25.94 ? 301 COA A C2B 1 
HETATM 1358 O O2B A COA B 2 .   ? -5.018  -7.162  1.000   0.60 39.10 ? 301 COA A O2B 1 
HETATM 1359 O O2B B COA B 2 .   ? -6.193  -7.316  0.503   0.40 26.14 ? 301 COA A O2B 1 
HETATM 1360 C C3B A COA B 2 .   ? -4.026  -7.579  3.192   0.60 40.51 ? 301 COA A C3B 1 
HETATM 1361 C C3B B COA B 2 .   ? -4.826  -7.695  2.413   0.40 27.14 ? 301 COA A C3B 1 
HETATM 1362 O O3B A COA B 2 .   ? -4.614  -8.880  3.225   0.60 45.35 ? 301 COA A O3B 1 
HETATM 1363 O O3B B COA B 2 .   ? -5.459  -8.982  2.264   0.40 24.20 ? 301 COA A O3B 1 
HETATM 1364 P P3B A COA B 2 .   ? -3.809  -10.040 2.445   0.60 45.80 ? 301 COA A P3B 1 
HETATM 1365 P P3B B COA B 2 .   ? -5.931  -9.746  0.876   0.40 27.96 ? 301 COA A P3B 1 
HETATM 1366 O O7A A COA B 2 .   ? -2.600  -10.282 3.314   0.60 40.47 ? 301 COA A O7A 1 
HETATM 1367 O O7A B COA B 2 .   ? -5.522  -11.175 1.028   0.40 24.36 ? 301 COA A O7A 1 
HETATM 1368 O O8A A COA B 2 .   ? -4.680  -11.238 2.161   0.60 42.50 ? 301 COA A O8A 1 
HETATM 1369 O O8A B COA B 2 .   ? -5.311  -9.164  -0.366  0.40 24.07 ? 301 COA A O8A 1 
HETATM 1370 O O9A A COA B 2 .   ? -3.412  -9.399  1.119   0.60 47.75 ? 301 COA A O9A 1 
HETATM 1371 O O9A B COA B 2 .   ? -7.425  -9.654  0.712   0.40 26.45 ? 301 COA A O9A 1 
HETATM 1372 C C4B A COA B 2 .   ? -4.230  -6.822  4.487   0.60 41.49 ? 301 COA A C4B 1 
HETATM 1373 C C4B B COA B 2 .   ? -4.912  -7.130  3.852   0.40 27.38 ? 301 COA A C4B 1 
HETATM 1374 O O4B A COA B 2 .   ? -5.647  -6.527  4.507   0.60 38.41 ? 301 COA A O4B 1 
HETATM 1375 O O4B B COA B 2 .   ? -6.279  -6.753  4.045   0.40 24.65 ? 301 COA A O4B 1 
HETATM 1376 C C5B A COA B 2 .   ? -3.290  -5.594  4.401   0.60 40.65 ? 301 COA A C5B 1 
HETATM 1377 C C5B B COA B 2 .   ? -3.937  -5.971  4.233   0.40 29.42 ? 301 COA A C5B 1 
HETATM 1378 O O5B A COA B 2 .   ? -3.172  -5.046  3.045   0.60 43.45 ? 301 COA A O5B 1 
HETATM 1379 O O5B B COA B 2 .   ? -4.332  -4.676  3.767   0.40 28.80 ? 301 COA A O5B 1 
HETATM 1380 P P1A A COA B 2 .   ? -2.380  -3.654  2.648   0.60 43.76 ? 301 COA A P1A 1 
HETATM 1381 P P1A B COA B 2 .   ? -3.717  -3.268  4.338   0.40 29.15 ? 301 COA A P1A 1 
HETATM 1382 O O1A A COA B 2 .   ? -0.958  -3.864  2.162   0.60 34.49 ? 301 COA A O1A 1 
HETATM 1383 O O1A B COA B 2 .   ? -2.299  -3.525  4.786   0.40 26.38 ? 301 COA A O1A 1 
HETATM 1384 O O2A A COA B 2 .   ? -3.084  -2.834  1.555   0.60 37.11 ? 301 COA A O2A 1 
HETATM 1385 O O2A B COA B 2 .   ? -3.833  -2.186  3.303   0.40 27.98 ? 301 COA A O2A 1 
HETATM 1386 O O3A A COA B 2 .   ? -2.404  -2.908  4.088   0.60 38.52 ? 301 COA A O3A 1 
HETATM 1387 O O3A B COA B 2 .   ? -4.636  -2.924  5.607   0.40 29.11 ? 301 COA A O3A 1 
HETATM 1388 P P2A A COA B 2 .   ? -3.767  -2.543  4.891   0.60 38.00 ? 301 COA A P2A 1 
HETATM 1389 P P2A B COA B 2 .   ? -3.959  -3.128  7.048   0.40 29.26 ? 301 COA A P2A 1 
HETATM 1390 O O4A A COA B 2 .   ? -4.040  -3.536  6.012   0.60 42.04 ? 301 COA A O4A 1 
HETATM 1391 O O4A B COA B 2 .   ? -5.042  -3.407  8.050   0.40 28.98 ? 301 COA A O4A 1 
HETATM 1392 O O5A A COA B 2 .   ? -4.934  -2.319  3.984   0.60 36.59 ? 301 COA A O5A 1 
HETATM 1393 O O5A B COA B 2 .   ? -2.814  -4.127  7.053   0.40 25.60 ? 301 COA A O5A 1 
HETATM 1394 O O6A A COA B 2 .   ? -3.503  -1.143  5.598   0.60 35.35 ? 301 COA A O6A 1 
HETATM 1395 O O6A B COA B 2 .   ? -3.341  -1.663  7.211   0.40 28.18 ? 301 COA A O6A 1 
HETATM 1396 C CBP A COA B 2 .   ? -3.258  0.210   7.457   0.60 32.32 ? 301 COA A CBP 1 
HETATM 1397 C CBP B COA B 2 .   ? -3.379  0.684   7.316   0.40 27.28 ? 301 COA A CBP 1 
HETATM 1398 C CCP A COA B 2 .   ? -4.140  -0.841  6.808   0.60 32.24 ? 301 COA A CCP 1 
HETATM 1399 C CCP B COA B 2 .   ? -3.925  -0.547  6.598   0.40 26.61 ? 301 COA A CCP 1 
HETATM 1400 C CDP A COA B 2 .   ? -3.077  1.364   6.462   0.60 33.61 ? 301 COA A CDP 1 
HETATM 1401 C CDP B COA B 2 .   ? -3.722  1.949   6.527   0.40 24.51 ? 301 COA A CDP 1 
HETATM 1402 C CEP A COA B 2 .   ? -1.916  -0.467  7.727   0.60 33.06 ? 301 COA A CEP 1 
HETATM 1403 C CEP B COA B 2 .   ? -1.854  0.585   7.398   0.40 25.79 ? 301 COA A CEP 1 
HETATM 1404 C CAP A COA B 2 .   ? -3.939  0.777   8.697   0.60 31.44 ? 301 COA A CAP 1 
HETATM 1405 C CAP B COA B 2 .   ? -4.063  0.746   8.679   0.40 28.49 ? 301 COA A CAP 1 
HETATM 1406 O OAP A COA B 2 .   ? -4.422  -0.202  9.610   0.60 30.01 ? 301 COA A OAP 1 
HETATM 1407 O OAP B COA B 2 .   ? -4.184  -0.515  9.320   0.40 27.87 ? 301 COA A OAP 1 
HETATM 1408 C C9P A COA B 2 .   ? -3.069  1.820   9.353   0.60 30.47 ? 301 COA A C9P 1 
HETATM 1409 C C9P B COA B 2 .   ? -3.439  1.775   9.576   0.40 30.38 ? 301 COA A C9P 1 
HETATM 1410 O O9P A COA B 2 .   ? -3.298  3.179   9.061   0.60 24.26 ? 301 COA A O9P 1 
HETATM 1411 O O9P B COA B 2 .   ? -2.210  1.538   10.248  0.40 29.94 ? 301 COA A O9P 1 
HETATM 1412 N N8P A COA B 2 .   ? -2.117  1.401   10.205  0.60 29.57 ? 301 COA A N8P 1 
HETATM 1413 N N8P B COA B 2 .   ? -4.144  2.899   9.707   0.40 29.03 ? 301 COA A N8P 1 
HETATM 1414 C C7P A COA B 2 .   ? -1.384  2.287   11.096  0.60 27.96 ? 301 COA A C7P 1 
HETATM 1415 C C7P B COA B 2 .   ? -5.122  3.006   10.781  0.40 28.79 ? 301 COA A C7P 1 
HETATM 1416 C C6P A COA B 2 .   ? -2.038  2.373   12.487  0.60 28.62 ? 301 COA A C6P 1 
HETATM 1417 C C6P B COA B 2 .   ? -4.501  2.684   12.149  0.40 27.66 ? 301 COA A C6P 1 
HETATM 1418 C C5P A COA B 2 .   ? -3.305  3.223   12.423  0.60 27.69 ? 301 COA A C5P 1 
HETATM 1419 C C5P B COA B 2 .   ? -3.194  3.423   12.375  0.40 28.47 ? 301 COA A C5P 1 
HETATM 1420 O O5P A COA B 2 .   ? -3.174  4.435   12.193  0.60 29.41 ? 301 COA A O5P 1 
HETATM 1421 O O5P B COA B 2 .   ? -3.189  4.660   12.239  0.40 28.92 ? 301 COA A O5P 1 
HETATM 1422 N N4P A COA B 2 .   ? -4.505  2.654   12.634  0.60 23.47 ? 301 COA A N4P 1 
HETATM 1423 N N4P B COA B 2 .   ? -2.109  2.701   12.741  0.40 27.22 ? 301 COA A N4P 1 
HETATM 1424 C C3P A COA B 2 .   ? -5.765  3.388   12.558  0.60 22.80 ? 301 COA A C3P 1 
HETATM 1425 C C3P B COA B 2 .   ? -2.272  1.370   13.325  0.40 26.57 ? 301 COA A C3P 1 
HETATM 1426 C C2P A COA B 2 .   ? -6.077  3.904   11.154  0.60 25.76 ? 301 COA A C2P 1 
HETATM 1427 C C2P B COA B 2 .   ? -1.138  0.354   13.142  0.40 29.07 ? 301 COA A C2P 1 
HETATM 1428 S S1P A COA B 2 .   ? -7.794  4.478   11.050  0.60 28.57 ? 301 COA A S1P 1 
HETATM 1429 S S1P B COA B 2 .   ? -1.331  -1.259  14.004  0.40 27.58 ? 301 COA A S1P 1 
HETATM 1430 O O   . HOH C 3 .   ? -16.600 10.769  14.370  1.00 35.11 ? 160 HOH A O   1 
HETATM 1431 O O   . HOH C 3 .   ? 7.888   -25.161 -3.437  1.00 39.96 ? 161 HOH A O   1 
HETATM 1432 O O   . HOH C 3 .   ? 11.400  -6.224  -12.945 1.00 43.85 ? 162 HOH A O   1 
HETATM 1433 O O   . HOH C 3 .   ? 20.831  -12.866 -7.773  1.00 48.16 ? 163 HOH A O   1 
HETATM 1434 O O   . HOH C 3 .   ? 13.559  -17.178 -7.330  1.00 38.65 ? 164 HOH A O   1 
HETATM 1435 O O   . HOH C 3 .   ? -5.160  4.701   7.808   1.00 38.77 ? 165 HOH A O   1 
HETATM 1436 O O   . HOH C 3 .   ? -6.249  4.577   5.051   1.00 38.31 ? 166 HOH A O   1 
HETATM 1437 O O   . HOH C 3 .   ? 1.548   13.380  -14.268 1.00 38.54 ? 167 HOH A O   1 
HETATM 1438 O O   . HOH C 3 .   ? -13.941 -4.264  3.548   1.00 16.14 ? 168 HOH A O   1 
HETATM 1439 O O   . HOH C 3 .   ? -17.815 -3.810  1.603   1.00 16.12 ? 169 HOH A O   1 
HETATM 1440 O O   . HOH C 3 .   ? -10.005 4.370   3.819   1.00 17.92 ? 170 HOH A O   1 
HETATM 1441 O O   . HOH C 3 .   ? -8.575  6.491   5.216   1.00 17.69 ? 171 HOH A O   1 
HETATM 1442 O O   . HOH C 3 .   ? -19.428 -6.421  8.886   1.00 19.56 ? 172 HOH A O   1 
HETATM 1443 O O   . HOH C 3 .   ? -7.508  -1.034  0.251   1.00 24.12 ? 173 HOH A O   1 
HETATM 1444 O O   . HOH C 3 .   ? -20.483 -2.739  8.938   1.00 16.79 ? 174 HOH A O   1 
HETATM 1445 O O   . HOH C 3 .   ? -17.777 -5.618  -7.131  1.00 17.03 ? 175 HOH A O   1 
HETATM 1446 O O   . HOH C 3 .   ? 15.170  -1.591  4.200   1.00 17.86 ? 176 HOH A O   1 
HETATM 1447 O O   . HOH C 3 .   ? -10.479 10.412  5.904   1.00 16.45 ? 177 HOH A O   1 
HETATM 1448 O O   . HOH C 3 .   ? -13.567 9.889   0.823   1.00 17.15 ? 178 HOH A O   1 
HETATM 1449 O O   . HOH C 3 .   ? 11.719  4.059   6.321   1.00 23.05 ? 179 HOH A O   1 
HETATM 1450 O O   . HOH C 3 .   ? 1.344   -3.135  -11.960 1.00 27.11 ? 180 HOH A O   1 
HETATM 1451 O O   . HOH C 3 .   ? -8.788  12.054  7.361   1.00 27.42 ? 181 HOH A O   1 
HETATM 1452 O O   . HOH C 3 .   ? 12.739  -4.433  10.089  1.00 22.81 ? 182 HOH A O   1 
HETATM 1453 O O   . HOH C 3 .   ? -19.221 -0.766  10.587  1.00 21.24 ? 183 HOH A O   1 
HETATM 1454 O O   . HOH C 3 .   ? -4.538  6.974   11.731  1.00 27.07 ? 184 HOH A O   1 
HETATM 1455 O O   . HOH C 3 .   ? 6.871   -4.598  0.343   1.00 19.35 ? 185 HOH A O   1 
HETATM 1456 O O   . HOH C 3 .   ? -16.763 -8.856  -4.366  1.00 28.85 ? 186 HOH A O   1 
HETATM 1457 O O   . HOH C 3 .   ? 12.138  8.275   -13.195 1.00 22.93 ? 187 HOH A O   1 
HETATM 1458 O O   . HOH C 3 .   ? -4.145  -0.887  -2.304  1.00 26.76 ? 188 HOH A O   1 
HETATM 1459 O O   . HOH C 3 .   ? 13.172  3.609   -4.809  1.00 24.78 ? 189 HOH A O   1 
HETATM 1460 O O   . HOH C 3 .   ? -5.276  0.380   -0.214  1.00 22.07 ? 190 HOH A O   1 
HETATM 1461 O O   . HOH C 3 .   ? 11.799  5.788   -1.885  1.00 21.48 ? 191 HOH A O   1 
HETATM 1462 O O   . HOH C 3 .   ? 14.036  0.211   6.141   1.00 23.59 ? 192 HOH A O   1 
HETATM 1463 O O   . HOH C 3 .   ? 11.289  6.668   -6.264  1.00 21.56 ? 193 HOH A O   1 
HETATM 1464 O O   . HOH C 3 .   ? 1.809   -23.487 -11.207 1.00 21.66 ? 194 HOH A O   1 
HETATM 1465 O O   . HOH C 3 .   ? 2.069   2.269   12.094  1.00 30.10 ? 195 HOH A O   1 
HETATM 1466 O O   . HOH C 3 .   ? -4.273  0.745   -14.545 1.00 32.31 ? 196 HOH A O   1 
HETATM 1467 O O   . HOH C 3 .   ? -7.687  -3.070  -1.457  1.00 28.35 ? 197 HOH A O   1 
HETATM 1468 O O   . HOH C 3 .   ? -0.448  1.725   -13.532 1.00 31.63 ? 198 HOH A O   1 
HETATM 1469 O O   . HOH C 3 .   ? 13.403  -13.699 1.058   1.00 33.98 ? 199 HOH A O   1 
HETATM 1470 O O   . HOH C 3 .   ? -14.396 -5.487  5.844   1.00 27.58 ? 200 HOH A O   1 
HETATM 1471 O O   . HOH C 3 .   ? 1.861   0.057   12.924  1.00 31.22 ? 201 HOH A O   1 
HETATM 1472 O O   . HOH C 3 .   ? 0.582   -9.779  6.040   1.00 24.39 ? 202 HOH A O   1 
HETATM 1473 O O   . HOH C 3 .   ? 1.745   -13.756 5.810   1.00 27.21 ? 203 HOH A O   1 
HETATM 1474 O O   . HOH C 3 .   ? -12.866 14.146  4.258   1.00 32.94 ? 204 HOH A O   1 
HETATM 1475 O O   . HOH C 3 .   ? 7.188   -12.072 -10.809 1.00 30.03 ? 205 HOH A O   1 
HETATM 1476 O O   . HOH C 3 .   ? -5.434  -6.448  -6.189  1.00 41.78 ? 206 HOH A O   1 
HETATM 1477 O O   . HOH C 3 .   ? -22.419 6.293   5.406   1.00 49.03 ? 207 HOH A O   1 
HETATM 1478 O O   . HOH C 3 .   ? 5.207   1.938   -12.596 1.00 27.19 ? 208 HOH A O   1 
HETATM 1479 O O   . HOH C 3 .   ? -8.382  -14.402 -0.512  1.00 30.80 ? 209 HOH A O   1 
HETATM 1480 O O   . HOH C 3 .   ? 13.672  -7.336  0.810   1.00 27.79 ? 210 HOH A O   1 
HETATM 1481 O O   . HOH C 3 .   ? 2.770   7.387   -13.249 1.00 32.07 ? 211 HOH A O   1 
HETATM 1482 O O   . HOH C 3 .   ? -2.574  -0.118  0.717   1.00 33.43 ? 212 HOH A O   1 
HETATM 1483 O O   . HOH C 3 .   ? -2.080  -17.400 2.908   1.00 34.24 ? 213 HOH A O   1 
HETATM 1484 O O   . HOH C 3 .   ? 11.604  -13.363 -9.821  1.00 30.25 ? 214 HOH A O   1 
HETATM 1485 O O   . HOH C 3 .   ? 0.627   -7.968  0.173   1.00 27.51 ? 215 HOH A O   1 
HETATM 1486 O O   . HOH C 3 .   ? 13.436  7.837   -9.259  1.00 18.22 ? 216 HOH A O   1 
HETATM 1487 O O   . HOH C 3 .   ? 8.236   9.620   -12.425 1.00 28.55 ? 217 HOH A O   1 
HETATM 1488 O O   . HOH C 3 .   ? 0.095   -6.596  2.627   1.00 28.42 ? 218 HOH A O   1 
HETATM 1489 O O   . HOH C 3 .   ? -14.558 -7.798  2.815   1.00 30.46 ? 219 HOH A O   1 
HETATM 1490 O O   . HOH C 3 .   ? 5.285   -5.761  -11.874 1.00 36.99 ? 220 HOH A O   1 
HETATM 1491 O O   . HOH C 3 .   ? -0.803  3.760   -15.052 1.00 32.71 ? 221 HOH A O   1 
HETATM 1492 O O   . HOH C 3 .   ? 4.559   12.370  -11.972 1.00 30.89 ? 222 HOH A O   1 
HETATM 1493 O O   . HOH C 3 .   ? 13.987  -17.071 -4.874  1.00 28.08 ? 223 HOH A O   1 
HETATM 1494 O O   . HOH C 3 .   ? 15.050  -7.514  8.181   1.00 24.55 ? 224 HOH A O   1 
HETATM 1495 O O   . HOH C 3 .   ? -9.537  -9.020  3.141   1.00 39.36 ? 225 HOH A O   1 
HETATM 1496 O O   . HOH C 3 .   ? -7.573  -19.399 0.952   1.00 28.63 ? 226 HOH A O   1 
HETATM 1497 O O   . HOH C 3 .   ? 6.359   -18.505 -9.037  1.00 30.45 ? 227 HOH A O   1 
HETATM 1498 O O   . HOH C 3 .   ? -9.777  -8.518  -11.865 1.00 43.82 ? 228 HOH A O   1 
HETATM 1499 O O   . HOH C 3 .   ? -4.530  19.089  -1.375  1.00 31.19 ? 229 HOH A O   1 
HETATM 1500 O O   . HOH C 3 .   ? -0.945  -8.229  4.614   1.00 33.88 ? 230 HOH A O   1 
HETATM 1501 O O   . HOH C 3 .   ? 8.051   -10.131 10.089  1.00 40.93 ? 231 HOH A O   1 
HETATM 1502 O O   . HOH C 3 .   ? 9.918   -5.671  11.416  1.00 33.88 ? 232 HOH A O   1 
HETATM 1503 O O   . HOH C 3 .   ? 5.592   3.783   -14.698 1.00 30.81 ? 233 HOH A O   1 
HETATM 1504 O O   . HOH C 3 .   ? -21.599 2.062   4.556   1.00 29.50 ? 234 HOH A O   1 
HETATM 1505 O O   . HOH C 3 .   ? -11.792 11.752  4.034   1.00 26.76 ? 235 HOH A O   1 
HETATM 1506 O O   . HOH C 3 .   ? 3.177   -1.528  15.013  1.00 40.19 ? 236 HOH A O   1 
HETATM 1507 O O   . HOH C 3 .   ? 14.234  -9.847  -4.188  1.00 29.21 ? 237 HOH A O   1 
HETATM 1508 O O   . HOH C 3 .   ? 7.972   16.365  -0.390  1.00 48.02 ? 238 HOH A O   1 
HETATM 1509 O O   . HOH C 3 .   ? 16.066  -5.607  3.984   1.00 32.94 ? 239 HOH A O   1 
HETATM 1510 O O   . HOH C 3 .   ? 15.667  3.663   4.238   1.00 30.95 ? 240 HOH A O   1 
HETATM 1511 O O   . HOH C 3 .   ? 19.289  -6.209  -4.835  1.00 31.42 ? 241 HOH A O   1 
HETATM 1512 O O   . HOH C 3 .   ? 13.038  9.232   2.188   1.00 39.30 ? 242 HOH A O   1 
HETATM 1513 O O   . HOH C 3 .   ? 4.846   6.267   -14.654 1.00 36.04 ? 243 HOH A O   1 
HETATM 1514 O O   . HOH C 3 .   ? -1.031  -11.955 3.338   1.00 42.69 ? 244 HOH A O   1 
HETATM 1515 O O   . HOH C 3 .   ? -6.282  -13.791 -5.579  1.00 42.75 ? 245 HOH A O   1 
HETATM 1516 O O   . HOH C 3 .   ? 1.574   -0.669  -13.110 1.00 38.28 ? 246 HOH A O   1 
HETATM 1517 O O   . HOH C 3 .   ? -6.002  -2.313  -3.558  1.00 29.07 ? 247 HOH A O   1 
HETATM 1518 O O   . HOH C 3 .   ? 8.225   -3.702  -10.678 1.00 36.22 ? 248 HOH A O   1 
HETATM 1519 O O   . HOH C 3 .   ? 11.124  4.727   -4.351  1.00 30.71 ? 249 HOH A O   1 
HETATM 1520 O O   . HOH C 3 .   ? 8.543   -1.183  -11.095 1.00 31.63 ? 250 HOH A O   1 
HETATM 1521 O O   . HOH C 3 .   ? -13.926 9.947   3.460   1.00 29.15 ? 251 HOH A O   1 
HETATM 1522 O O   . HOH C 3 .   ? 14.452  6.582   3.901   1.00 36.17 ? 252 HOH A O   1 
HETATM 1523 O O   . HOH C 3 .   ? -15.562 10.578  12.334  1.00 37.06 ? 253 HOH A O   1 
HETATM 1524 O O   . HOH C 3 .   ? -11.159 14.703  6.179   1.00 38.12 ? 254 HOH A O   1 
HETATM 1525 O O   . HOH C 3 .   ? 15.144  -4.778  -9.243  0.50 33.93 ? 255 HOH A O   1 
HETATM 1526 O O   . HOH C 3 .   ? -2.658  -6.915  -0.684  1.00 52.92 ? 256 HOH A O   1 
HETATM 1527 O O   . HOH C 3 .   ? 16.761  -7.337  5.933   1.00 31.88 ? 257 HOH A O   1 
HETATM 1528 O O   . HOH C 3 .   ? -4.417  -4.197  -5.104  1.00 40.09 ? 258 HOH A O   1 
HETATM 1529 O O   . HOH C 3 .   ? 16.094  -9.007  -6.566  1.00 38.65 ? 259 HOH A O   1 
HETATM 1530 O O   . HOH C 3 .   ? -2.565  -6.388  -3.918  1.00 40.16 ? 260 HOH A O   1 
HETATM 1531 O O   . HOH C 3 .   ? 16.637  -16.020 -4.275  1.00 40.77 ? 261 HOH A O   1 
HETATM 1532 O O   . HOH C 3 .   ? 12.880  6.575   1.735   1.00 33.41 ? 262 HOH A O   1 
HETATM 1533 O O   . HOH C 3 .   ? 14.465  -15.288 3.312   1.00 41.62 ? 263 HOH A O   1 
HETATM 1534 O O   . HOH C 3 .   ? 7.955   -14.904 7.919   1.00 32.47 ? 264 HOH A O   1 
HETATM 1535 O O   . HOH C 3 .   ? 7.629   5.718   12.865  1.00 33.39 ? 265 HOH A O   1 
HETATM 1536 O O   . HOH C 3 .   ? 8.749   -7.245  -12.390 1.00 41.61 ? 266 HOH A O   1 
HETATM 1537 O O   . HOH C 3 .   ? 14.782  -9.698  -9.395  1.00 37.35 ? 267 HOH A O   1 
HETATM 1538 O O   . HOH C 3 .   ? 10.705  10.192  -14.704 1.00 36.02 ? 268 HOH A O   1 
HETATM 1539 O O   . HOH C 3 .   ? 16.751  -6.359  -0.777  1.00 47.43 ? 269 HOH A O   1 
HETATM 1540 O O   . HOH C 3 .   ? 12.815  -0.073  10.010  1.00 38.88 ? 270 HOH A O   1 
HETATM 1541 O O   . HOH C 3 .   ? 14.156  9.273   -0.008  0.50 50.99 ? 271 HOH A O   1 
HETATM 1542 O O   . HOH C 3 .   ? -7.090  -16.564 0.886   1.00 46.01 ? 272 HOH A O   1 
HETATM 1543 O O   . HOH C 3 .   ? -21.446 5.154   3.440   1.00 46.53 ? 273 HOH A O   1 
HETATM 1544 O O   . HOH C 3 .   ? 13.238  -11.107 2.094   1.00 47.78 ? 274 HOH A O   1 
HETATM 1545 O O   . HOH C 3 .   ? 12.393  8.542   -3.958  1.00 31.98 ? 275 HOH A O   1 
HETATM 1546 O O   . HOH C 3 .   ? 2.969   -4.768  -13.473 1.00 39.05 ? 276 HOH A O   1 
HETATM 1547 O O   . HOH C 3 .   ? 10.621  -4.438  -9.963  1.00 34.97 ? 277 HOH A O   1 
HETATM 1548 O O   . HOH C 3 .   ? -1.071  -21.584 2.760   1.00 56.36 ? 278 HOH A O   1 
HETATM 1549 O O   . HOH C 3 .   ? 4.698   9.254   -12.318 1.00 46.60 ? 279 HOH A O   1 
HETATM 1550 O O   . HOH C 3 .   ? -14.298 17.546  4.188   1.00 37.50 ? 280 HOH A O   1 
HETATM 1551 O O   . HOH C 3 .   ? 10.950  11.499  -4.069  1.00 53.37 ? 281 HOH A O   1 
HETATM 1552 O O   . HOH C 3 .   ? 8.700   1.048   -15.164 1.00 38.03 ? 282 HOH A O   1 
HETATM 1553 O O   . HOH C 3 .   ? -1.131  -2.142  -14.454 1.00 42.19 ? 283 HOH A O   1 
HETATM 1554 O O   . HOH C 3 .   ? 9.645   6.994   8.555   1.00 37.84 ? 284 HOH A O   1 
HETATM 1555 O O   . HOH C 3 .   ? 12.129  -1.841  11.900  1.00 41.25 ? 285 HOH A O   1 
HETATM 1556 O O   . HOH C 3 .   ? -16.492 -4.529  11.066  1.00 30.93 ? 286 HOH A O   1 
HETATM 1557 O O   . HOH C 3 .   ? -19.303 8.191   5.386   1.00 38.49 ? 287 HOH A O   1 
HETATM 1558 O O   . HOH C 3 .   ? 4.898   -27.683 -1.825  1.00 37.07 ? 288 HOH A O   1 
HETATM 1559 O O   . HOH C 3 .   ? -3.923  -10.688 -14.612 1.00 36.92 ? 289 HOH A O   1 
HETATM 1560 O O   . HOH C 3 .   ? 9.267   9.796   8.666   1.00 40.94 ? 290 HOH A O   1 
HETATM 1561 O O   . HOH C 3 .   ? -1.201  -1.395  10.985  1.00 35.24 ? 291 HOH A O   1 
HETATM 1562 O O   . HOH C 3 .   ? 0.275   -24.462 3.044   1.00 42.41 ? 292 HOH A O   1 
HETATM 1563 O O   . HOH C 3 .   ? -1.803  -14.145 4.817   1.00 55.46 ? 293 HOH A O   1 
HETATM 1564 O O   . HOH C 3 .   ? -6.288  -5.169  7.975   1.00 53.54 ? 294 HOH A O   1 
HETATM 1565 O O   . HOH C 3 .   ? -1.998  -6.708  7.575   1.00 42.63 ? 295 HOH A O   1 
HETATM 1566 O O   . HOH C 3 .   ? 11.112  12.321  4.484   1.00 40.05 ? 296 HOH A O   1 
HETATM 1567 O O   . HOH C 3 .   ? -3.703  -3.743  -0.201  1.00 37.74 ? 297 HOH A O   1 
HETATM 1568 O O   . HOH C 3 .   ? -5.665  -4.993  -1.033  1.00 40.08 ? 298 HOH A O   1 
HETATM 1569 O O   . HOH C 3 .   ? 4.337   -9.786  -12.637 1.00 38.48 ? 299 HOH A O   1 
HETATM 1570 O O   . HOH C 3 .   ? -0.913  24.371  -2.700  1.00 43.13 ? 300 HOH A O   1 
HETATM 1571 O O   . HOH C 3 .   ? 15.360  -14.868 -12.969 1.00 68.38 ? 302 HOH A O   1 
HETATM 1572 O O   . HOH C 3 .   ? -14.103 -4.072  8.251   1.00 37.63 ? 303 HOH A O   1 
HETATM 1573 O O   . HOH C 3 .   ? -17.725 10.567  10.703  1.00 38.41 ? 304 HOH A O   1 
HETATM 1574 O O   . HOH C 3 .   ? 13.982  -19.460 -3.762  1.00 35.10 ? 305 HOH A O   1 
HETATM 1575 O O   . HOH C 3 .   ? 7.806   9.184   11.766  1.00 45.82 ? 306 HOH A O   1 
HETATM 1576 O O   . HOH C 3 .   ? 6.414   -23.860 1.112   1.00 42.06 ? 307 HOH A O   1 
HETATM 1577 O O   . HOH C 3 .   ? -9.929  -5.619  6.719   1.00 43.77 ? 308 HOH A O   1 
HETATM 1578 O O   . HOH C 3 .   ? 8.236   13.451  3.040   1.00 43.13 ? 309 HOH A O   1 
HETATM 1579 O O   . HOH C 3 .   ? 8.506   16.365  5.666   1.00 50.82 ? 310 HOH A O   1 
HETATM 1580 O O   . HOH C 3 .   ? 14.116  7.938   6.344   1.00 37.91 ? 311 HOH A O   1 
HETATM 1581 O O   . HOH C 3 .   ? 7.091   0.121   -12.923 1.00 39.72 ? 312 HOH A O   1 
HETATM 1582 O O   . HOH C 3 .   ? 15.559  -10.951 -2.435  1.00 40.02 ? 313 HOH A O   1 
HETATM 1583 O O   . HOH C 3 .   ? 9.730   14.790  -8.321  1.00 35.35 ? 314 HOH A O   1 
HETATM 1584 O O   . HOH C 3 .   ? 8.448   14.615  -10.333 1.00 32.59 ? 315 HOH A O   1 
HETATM 1585 O O   A HOH C 3 .   ? -15.815 13.875  4.530   0.60 23.03 ? 316 HOH A O   1 
HETATM 1586 O O   . HOH C 3 .   ? -9.222  0.854   -13.046 1.00 27.73 ? 317 HOH A O   1 
HETATM 1587 O O   . HOH C 3 .   ? -18.154 -9.492  0.114   1.00 35.98 ? 318 HOH A O   1 
HETATM 1588 O O   . HOH C 3 .   ? 16.410  -10.180 4.703   1.00 45.73 ? 319 HOH A O   1 
HETATM 1589 O O   . HOH C 3 .   ? 2.294   -28.717 -1.914  1.00 33.40 ? 320 HOH A O   1 
HETATM 1590 O O   . HOH C 3 .   ? 17.116  -9.698  2.187   1.00 41.12 ? 321 HOH A O   1 
HETATM 1591 O O   . HOH C 3 .   ? 17.951  -11.557 6.947   1.00 43.16 ? 322 HOH A O   1 
HETATM 1592 O O   . HOH C 3 .   ? 16.115  -6.827  1.787   1.00 46.96 ? 323 HOH A O   1 
HETATM 1593 O O   . HOH C 3 .   ? 5.930   18.116  -3.816  1.00 45.27 ? 324 HOH A O   1 
HETATM 1594 O O   . HOH C 3 .   ? 9.396   -0.044  13.265  1.00 46.07 ? 325 HOH A O   1 
HETATM 1595 O O   . HOH C 3 .   ? -14.208 13.838  15.758  1.00 41.39 ? 326 HOH A O   1 
# 
loop_
_pdbx_poly_seq_scheme.asym_id 
_pdbx_poly_seq_scheme.entity_id 
_pdbx_poly_seq_scheme.seq_id 
_pdbx_poly_seq_scheme.mon_id 
_pdbx_poly_seq_scheme.ndb_seq_num 
_pdbx_poly_seq_scheme.pdb_seq_num 
_pdbx_poly_seq_scheme.auth_seq_num 
_pdbx_poly_seq_scheme.pdb_mon_id 
_pdbx_poly_seq_scheme.auth_mon_id 
_pdbx_poly_seq_scheme.pdb_strand_id 
_pdbx_poly_seq_scheme.pdb_ins_code 
_pdbx_poly_seq_scheme.hetero 
A 1 1   SER 1   -2  ?   ?   ?   A . n 
A 1 2   ASN 2   -1  ?   ?   ?   A . n 
A 1 3   ALA 3   0   ?   ?   ?   A . n 
A 1 4   MET 4   1   1   MET MET A . n 
A 1 5   ILE 5   2   2   ILE ILE A . n 
A 1 6   THR 6   3   3   THR THR A . n 
A 1 7   LYS 7   4   4   LYS LYS A . n 
A 1 8   ALA 8   5   5   ALA ALA A . n 
A 1 9   ILE 9   6   6   ILE ILE A . n 
A 1 10  TYR 10  7   7   TYR TYR A . n 
A 1 11  PRO 11  8   8   PRO PRO A . n 
A 1 12  GLY 12  9   9   GLY GLY A . n 
A 1 13  THR 13  10  10  THR THR A . n 
A 1 14  PHE 14  11  11  PHE PHE A . n 
A 1 15  ASP 15  12  12  ASP ASP A . n 
A 1 16  PRO 16  13  13  PRO PRO A . n 
A 1 17  ILE 17  14  14  ILE ILE A . n 
A 1 18  THR 18  15  15  THR THR A . n 
A 1 19  ASN 19  16  16  ASN ASN A . n 
A 1 20  GLY 20  17  17  GLY GLY A . n 
A 1 21  HIS 21  18  18  HIS HIS A . n 
A 1 22  LEU 22  19  19  LEU LEU A . n 
A 1 23  ASP 23  20  20  ASP ASP A . n 
A 1 24  LEU 24  21  21  LEU LEU A . n 
A 1 25  VAL 25  22  22  VAL VAL A . n 
A 1 26  THR 26  23  23  THR THR A . n 
A 1 27  ARG 27  24  24  ARG ARG A . n 
A 1 28  ALA 28  25  25  ALA ALA A . n 
A 1 29  SER 29  26  26  SER SER A . n 
A 1 30  ALA 30  27  27  ALA ALA A . n 
A 1 31  MET 31  28  28  MET MET A . n 
A 1 32  PHE 32  29  29  PHE PHE A . n 
A 1 33  SER 33  30  30  SER SER A . n 
A 1 34  HIS 34  31  31  HIS HIS A . n 
A 1 35  VAL 35  32  32  VAL VAL A . n 
A 1 36  ILE 36  33  33  ILE ILE A . n 
A 1 37  LEU 37  34  34  LEU LEU A . n 
A 1 38  ALA 38  35  35  ALA ALA A . n 
A 1 39  ILE 39  36  36  ILE ILE A . n 
A 1 40  ALA 40  37  37  ALA ALA A . n 
A 1 41  ASP 41  38  38  ASP ASP A . n 
A 1 42  SER 42  39  39  SER SER A . n 
A 1 43  SER 43  40  40  SER SER A . n 
A 1 44  SER 44  41  41  SER SER A . n 
A 1 45  LYS 45  42  42  LYS LYS A . n 
A 1 46  LYS 46  43  43  LYS LYS A . n 
A 1 47  PRO 47  44  44  PRO PRO A . n 
A 1 48  MET 48  45  45  MET MET A . n 
A 1 49  PHE 49  46  46  PHE PHE A . n 
A 1 50  THR 50  47  47  THR THR A . n 
A 1 51  LEU 51  48  48  LEU LEU A . n 
A 1 52  ASP 52  49  49  ASP ASP A . n 
A 1 53  GLU 53  50  50  GLU GLU A . n 
A 1 54  ARG 54  51  51  ARG ARG A . n 
A 1 55  VAL 55  52  52  VAL VAL A . n 
A 1 56  ALA 56  53  53  ALA ALA A . n 
A 1 57  LEU 57  54  54  LEU LEU A . n 
A 1 58  ALA 58  55  55  ALA ALA A . n 
A 1 59  LYS 59  56  56  LYS LYS A . n 
A 1 60  LYS 60  57  57  LYS LYS A . n 
A 1 61  VAL 61  58  58  VAL VAL A . n 
A 1 62  THR 62  59  59  THR THR A . n 
A 1 63  ALA 63  60  60  ALA ALA A . n 
A 1 64  PRO 64  61  61  PRO PRO A . n 
A 1 65  LEU 65  62  62  LEU LEU A . n 
A 1 66  LYS 66  63  63  LYS LYS A . n 
A 1 67  ASN 67  64  64  ASN ASN A . n 
A 1 68  VAL 68  65  65  VAL VAL A . n 
A 1 69  GLU 69  66  66  GLU GLU A . n 
A 1 70  VAL 70  67  67  VAL VAL A . n 
A 1 71  LEU 71  68  68  LEU LEU A . n 
A 1 72  GLY 72  69  69  GLY GLY A . n 
A 1 73  PHE 73  70  70  PHE PHE A . n 
A 1 74  SER 74  71  71  SER SER A . n 
A 1 75  GLU 75  72  72  GLU GLU A . n 
A 1 76  LEU 76  73  73  LEU LEU A . n 
A 1 77  MET 77  74  74  MET MET A . n 
A 1 78  ALA 78  75  75  ALA ALA A . n 
A 1 79  GLU 79  76  76  GLU GLU A . n 
A 1 80  PHE 80  77  77  PHE PHE A . n 
A 1 81  ALA 81  78  78  ALA ALA A . n 
A 1 82  LYS 82  79  79  LYS LYS A . n 
A 1 83  LYS 83  80  80  LYS LYS A . n 
A 1 84  HIS 84  81  81  HIS HIS A . n 
A 1 85  ASN 85  82  82  ASN ASN A . n 
A 1 86  ALA 86  83  83  ALA ALA A . n 
A 1 87  ASN 87  84  84  ASN ASN A . n 
A 1 88  ILE 88  85  85  ILE ILE A . n 
A 1 89  LEU 89  86  86  LEU LEU A . n 
A 1 90  VAL 90  87  87  VAL VAL A . n 
A 1 91  ARG 91  88  88  ARG ARG A . n 
A 1 92  GLY 92  89  89  GLY GLY A . n 
A 1 93  LEU 93  90  90  LEU LEU A . n 
A 1 94  ARG 94  91  91  ARG ARG A . n 
A 1 95  SER 95  92  92  SER SER A . n 
A 1 96  VAL 96  93  93  VAL VAL A . n 
A 1 97  SER 97  94  94  SER SER A . n 
A 1 98  ASP 98  95  95  ASP ASP A . n 
A 1 99  PHE 99  96  96  PHE PHE A . n 
A 1 100 GLU 100 97  97  GLU GLU A . n 
A 1 101 TYR 101 98  98  TYR TYR A . n 
A 1 102 GLU 102 99  99  GLU GLU A . n 
A 1 103 TRP 103 100 100 TRP TRP A . n 
A 1 104 GLN 104 101 101 GLN GLN A . n 
A 1 105 LEU 105 102 102 LEU LEU A . n 
A 1 106 ALA 106 103 103 ALA ALA A . n 
A 1 107 ASN 107 104 104 ASN ASN A . n 
A 1 108 MET 108 105 105 MET MET A . n 
A 1 109 ASN 109 106 106 ASN ASN A . n 
A 1 110 ARG 110 107 107 ARG ARG A . n 
A 1 111 HIS 111 108 108 HIS HIS A . n 
A 1 112 LEU 112 109 109 LEU LEU A . n 
A 1 113 MET 113 110 110 MET MET A . n 
A 1 114 PRO 114 111 111 PRO PRO A . n 
A 1 115 LYS 115 112 112 LYS LYS A . n 
A 1 116 LEU 116 113 113 LEU LEU A . n 
A 1 117 GLU 117 114 114 GLU GLU A . n 
A 1 118 SER 118 115 115 SER SER A . n 
A 1 119 VAL 119 116 116 VAL VAL A . n 
A 1 120 PHE 120 117 117 PHE PHE A . n 
A 1 121 LEU 121 118 118 LEU LEU A . n 
A 1 122 ILE 122 119 119 ILE ILE A . n 
A 1 123 PRO 123 120 120 PRO PRO A . n 
A 1 124 SER 124 121 121 SER SER A . n 
A 1 125 GLU 125 122 122 GLU GLU A . n 
A 1 126 LYS 126 123 123 LYS LYS A . n 
A 1 127 TRP 127 124 124 TRP TRP A . n 
A 1 128 SER 128 125 125 SER SER A . n 
A 1 129 PHE 129 126 126 PHE PHE A . n 
A 1 130 ILE 130 127 127 ILE ILE A . n 
A 1 131 SER 131 128 128 SER SER A . n 
A 1 132 SER 132 129 129 SER SER A . n 
A 1 133 SER 133 130 130 SER SER A . n 
A 1 134 LEU 134 131 131 LEU LEU A . n 
A 1 135 VAL 135 132 132 VAL VAL A . n 
A 1 136 LYS 136 133 133 LYS LYS A . n 
A 1 137 GLU 137 134 134 GLU GLU A . n 
A 1 138 VAL 138 135 135 VAL VAL A . n 
A 1 139 ALA 139 136 136 ALA ALA A . n 
A 1 140 ARG 140 137 137 ARG ARG A . n 
A 1 141 HIS 141 138 138 HIS HIS A . n 
A 1 142 GLY 142 139 139 GLY GLY A . n 
A 1 143 GLY 143 140 140 GLY GLY A . n 
A 1 144 ASP 144 141 141 ASP ASP A . n 
A 1 145 ILE 145 142 142 ILE ILE A . n 
A 1 146 THR 146 143 143 THR THR A . n 
A 1 147 PRO 147 144 144 PRO PRO A . n 
A 1 148 PHE 148 145 145 PHE PHE A . n 
A 1 149 LEU 149 146 146 LEU LEU A . n 
A 1 150 PRO 150 147 147 PRO PRO A . n 
A 1 151 LYS 151 148 148 LYS LYS A . n 
A 1 152 PRO 152 149 149 PRO PRO A . n 
A 1 153 VAL 153 150 150 VAL VAL A . n 
A 1 154 THR 154 151 151 THR THR A . n 
A 1 155 LYS 155 152 152 LYS LYS A . n 
A 1 156 ALA 156 153 153 ALA ALA A . n 
A 1 157 LEU 157 154 154 LEU LEU A . n 
A 1 158 LEU 158 155 155 LEU LEU A . n 
A 1 159 ALA 159 156 156 ALA ALA A . n 
A 1 160 LYS 160 157 157 LYS LYS A . n 
A 1 161 LEU 161 158 158 LEU LEU A . n 
A 1 162 ALA 162 159 159 ALA ALA A . n 
# 
_pdbx_SG_project.id                    1 
_pdbx_SG_project.project_name          ? 
_pdbx_SG_project.full_name_of_center   'Center for Structural Genomics of Infectious Diseases' 
_pdbx_SG_project.initial_of_center     CSGID 
# 
loop_
_pdbx_nonpoly_scheme.asym_id 
_pdbx_nonpoly_scheme.entity_id 
_pdbx_nonpoly_scheme.mon_id 
_pdbx_nonpoly_scheme.ndb_seq_num 
_pdbx_nonpoly_scheme.pdb_seq_num 
_pdbx_nonpoly_scheme.auth_seq_num 
_pdbx_nonpoly_scheme.pdb_mon_id 
_pdbx_nonpoly_scheme.auth_mon_id 
_pdbx_nonpoly_scheme.pdb_strand_id 
_pdbx_nonpoly_scheme.pdb_ins_code 
B 2 COA 1   301 301 COA COA A . 
C 3 HOH 1   160 160 HOH HOH A . 
C 3 HOH 2   161 161 HOH HOH A . 
C 3 HOH 3   162 162 HOH HOH A . 
C 3 HOH 4   163 163 HOH HOH A . 
C 3 HOH 5   164 164 HOH HOH A . 
C 3 HOH 6   165 165 HOH HOH A . 
C 3 HOH 7   166 166 HOH HOH A . 
C 3 HOH 8   167 167 HOH HOH A . 
C 3 HOH 9   168 1   HOH HOH A . 
C 3 HOH 10  169 2   HOH HOH A . 
C 3 HOH 11  170 3   HOH HOH A . 
C 3 HOH 12  171 4   HOH HOH A . 
C 3 HOH 13  172 5   HOH HOH A . 
C 3 HOH 14  173 6   HOH HOH A . 
C 3 HOH 15  174 7   HOH HOH A . 
C 3 HOH 16  175 8   HOH HOH A . 
C 3 HOH 17  176 9   HOH HOH A . 
C 3 HOH 18  177 10  HOH HOH A . 
C 3 HOH 19  178 11  HOH HOH A . 
C 3 HOH 20  179 12  HOH HOH A . 
C 3 HOH 21  180 13  HOH HOH A . 
C 3 HOH 22  181 14  HOH HOH A . 
C 3 HOH 23  182 15  HOH HOH A . 
C 3 HOH 24  183 16  HOH HOH A . 
C 3 HOH 25  184 17  HOH HOH A . 
C 3 HOH 26  185 18  HOH HOH A . 
C 3 HOH 27  186 19  HOH HOH A . 
C 3 HOH 28  187 20  HOH HOH A . 
C 3 HOH 29  188 21  HOH HOH A . 
C 3 HOH 30  189 22  HOH HOH A . 
C 3 HOH 31  190 23  HOH HOH A . 
C 3 HOH 32  191 24  HOH HOH A . 
C 3 HOH 33  192 25  HOH HOH A . 
C 3 HOH 34  193 26  HOH HOH A . 
C 3 HOH 35  194 27  HOH HOH A . 
C 3 HOH 36  195 28  HOH HOH A . 
C 3 HOH 37  196 29  HOH HOH A . 
C 3 HOH 38  197 30  HOH HOH A . 
C 3 HOH 39  198 31  HOH HOH A . 
C 3 HOH 40  199 32  HOH HOH A . 
C 3 HOH 41  200 33  HOH HOH A . 
C 3 HOH 42  201 34  HOH HOH A . 
C 3 HOH 43  202 35  HOH HOH A . 
C 3 HOH 44  203 36  HOH HOH A . 
C 3 HOH 45  204 37  HOH HOH A . 
C 3 HOH 46  205 38  HOH HOH A . 
C 3 HOH 47  206 39  HOH HOH A . 
C 3 HOH 48  207 40  HOH HOH A . 
C 3 HOH 49  208 41  HOH HOH A . 
C 3 HOH 50  209 42  HOH HOH A . 
C 3 HOH 51  210 43  HOH HOH A . 
C 3 HOH 52  211 44  HOH HOH A . 
C 3 HOH 53  212 45  HOH HOH A . 
C 3 HOH 54  213 46  HOH HOH A . 
C 3 HOH 55  214 47  HOH HOH A . 
C 3 HOH 56  215 48  HOH HOH A . 
C 3 HOH 57  216 49  HOH HOH A . 
C 3 HOH 58  217 50  HOH HOH A . 
C 3 HOH 59  218 51  HOH HOH A . 
C 3 HOH 60  219 52  HOH HOH A . 
C 3 HOH 61  220 53  HOH HOH A . 
C 3 HOH 62  221 54  HOH HOH A . 
C 3 HOH 63  222 55  HOH HOH A . 
C 3 HOH 64  223 56  HOH HOH A . 
C 3 HOH 65  224 57  HOH HOH A . 
C 3 HOH 66  225 58  HOH HOH A . 
C 3 HOH 67  226 59  HOH HOH A . 
C 3 HOH 68  227 60  HOH HOH A . 
C 3 HOH 69  228 61  HOH HOH A . 
C 3 HOH 70  229 62  HOH HOH A . 
C 3 HOH 71  230 63  HOH HOH A . 
C 3 HOH 72  231 64  HOH HOH A . 
C 3 HOH 73  232 65  HOH HOH A . 
C 3 HOH 74  233 66  HOH HOH A . 
C 3 HOH 75  234 67  HOH HOH A . 
C 3 HOH 76  235 68  HOH HOH A . 
C 3 HOH 77  236 69  HOH HOH A . 
C 3 HOH 78  237 70  HOH HOH A . 
C 3 HOH 79  238 71  HOH HOH A . 
C 3 HOH 80  239 72  HOH HOH A . 
C 3 HOH 81  240 73  HOH HOH A . 
C 3 HOH 82  241 74  HOH HOH A . 
C 3 HOH 83  242 75  HOH HOH A . 
C 3 HOH 84  243 76  HOH HOH A . 
C 3 HOH 85  244 77  HOH HOH A . 
C 3 HOH 86  245 78  HOH HOH A . 
C 3 HOH 87  246 79  HOH HOH A . 
C 3 HOH 88  247 80  HOH HOH A . 
C 3 HOH 89  248 81  HOH HOH A . 
C 3 HOH 90  249 82  HOH HOH A . 
C 3 HOH 91  250 83  HOH HOH A . 
C 3 HOH 92  251 84  HOH HOH A . 
C 3 HOH 93  252 85  HOH HOH A . 
C 3 HOH 94  253 86  HOH HOH A . 
C 3 HOH 95  254 87  HOH HOH A . 
C 3 HOH 96  255 88  HOH HOH A . 
C 3 HOH 97  256 89  HOH HOH A . 
C 3 HOH 98  257 90  HOH HOH A . 
C 3 HOH 99  258 91  HOH HOH A . 
C 3 HOH 100 259 92  HOH HOH A . 
C 3 HOH 101 260 93  HOH HOH A . 
C 3 HOH 102 261 94  HOH HOH A . 
C 3 HOH 103 262 95  HOH HOH A . 
C 3 HOH 104 263 96  HOH HOH A . 
C 3 HOH 105 264 97  HOH HOH A . 
C 3 HOH 106 265 98  HOH HOH A . 
C 3 HOH 107 266 99  HOH HOH A . 
C 3 HOH 108 267 100 HOH HOH A . 
C 3 HOH 109 268 101 HOH HOH A . 
C 3 HOH 110 269 102 HOH HOH A . 
C 3 HOH 111 270 103 HOH HOH A . 
C 3 HOH 112 271 104 HOH HOH A . 
C 3 HOH 113 272 105 HOH HOH A . 
C 3 HOH 114 273 106 HOH HOH A . 
C 3 HOH 115 274 107 HOH HOH A . 
C 3 HOH 116 275 108 HOH HOH A . 
C 3 HOH 117 276 109 HOH HOH A . 
C 3 HOH 118 277 110 HOH HOH A . 
C 3 HOH 119 278 111 HOH HOH A . 
C 3 HOH 120 279 112 HOH HOH A . 
C 3 HOH 121 280 113 HOH HOH A . 
C 3 HOH 122 281 114 HOH HOH A . 
C 3 HOH 123 282 115 HOH HOH A . 
C 3 HOH 124 283 116 HOH HOH A . 
C 3 HOH 125 284 117 HOH HOH A . 
C 3 HOH 126 285 118 HOH HOH A . 
C 3 HOH 127 286 119 HOH HOH A . 
C 3 HOH 128 287 120 HOH HOH A . 
C 3 HOH 129 288 121 HOH HOH A . 
C 3 HOH 130 289 122 HOH HOH A . 
C 3 HOH 131 290 123 HOH HOH A . 
C 3 HOH 132 291 124 HOH HOH A . 
C 3 HOH 133 292 125 HOH HOH A . 
C 3 HOH 134 293 126 HOH HOH A . 
C 3 HOH 135 294 127 HOH HOH A . 
C 3 HOH 136 295 129 HOH HOH A . 
C 3 HOH 137 296 130 HOH HOH A . 
C 3 HOH 138 297 131 HOH HOH A . 
C 3 HOH 139 298 132 HOH HOH A . 
C 3 HOH 140 299 133 HOH HOH A . 
C 3 HOH 141 300 134 HOH HOH A . 
C 3 HOH 142 302 135 HOH HOH A . 
C 3 HOH 143 303 136 HOH HOH A . 
C 3 HOH 144 304 137 HOH HOH A . 
C 3 HOH 145 305 138 HOH HOH A . 
C 3 HOH 146 306 139 HOH HOH A . 
C 3 HOH 147 307 140 HOH HOH A . 
C 3 HOH 148 308 141 HOH HOH A . 
C 3 HOH 149 309 142 HOH HOH A . 
C 3 HOH 150 310 143 HOH HOH A . 
C 3 HOH 151 311 144 HOH HOH A . 
C 3 HOH 152 312 145 HOH HOH A . 
C 3 HOH 153 313 146 HOH HOH A . 
C 3 HOH 154 314 147 HOH HOH A . 
C 3 HOH 155 315 148 HOH HOH A . 
C 3 HOH 156 316 149 HOH HOH A . 
C 3 HOH 157 317 150 HOH HOH A . 
C 3 HOH 158 318 151 HOH HOH A . 
C 3 HOH 159 319 152 HOH HOH A . 
C 3 HOH 160 320 153 HOH HOH A . 
C 3 HOH 161 321 154 HOH HOH A . 
C 3 HOH 162 322 155 HOH HOH A . 
C 3 HOH 163 323 156 HOH HOH A . 
C 3 HOH 164 324 157 HOH HOH A . 
C 3 HOH 165 325 158 HOH HOH A . 
C 3 HOH 166 326 159 HOH HOH A . 
# 
loop_
_pdbx_struct_assembly.id 
_pdbx_struct_assembly.details 
_pdbx_struct_assembly.method_details 
_pdbx_struct_assembly.oligomeric_details 
_pdbx_struct_assembly.oligomeric_count 
1 software_defined_assembly PISA hexameric 6 
2 software_defined_assembly PISA trimeric  3 
3 software_defined_assembly PISA dimeric   2 
# 
loop_
_pdbx_struct_assembly_gen.assembly_id 
_pdbx_struct_assembly_gen.oper_expression 
_pdbx_struct_assembly_gen.asym_id_list 
1 1,2,3,4,5,6 A,B,C 
2 1,2,3       A,B,C 
3 1,4         A,B,C 
# 
loop_
_pdbx_struct_assembly_prop.biol_id 
_pdbx_struct_assembly_prop.type 
_pdbx_struct_assembly_prop.value 
_pdbx_struct_assembly_prop.details 
1 'ABSA (A^2)' 22730 ? 
1 MORE         -131  ? 
1 'SSA (A^2)'  36490 ? 
2 'ABSA (A^2)' 7840  ? 
2 MORE         -33   ? 
2 'SSA (A^2)'  21770 ? 
3 'ABSA (A^2)' 4380  ? 
3 MORE         -21   ? 
3 'SSA (A^2)'  15360 ? 
# 
loop_
_pdbx_struct_oper_list.id 
_pdbx_struct_oper_list.type 
_pdbx_struct_oper_list.name 
_pdbx_struct_oper_list.symmetry_operation 
_pdbx_struct_oper_list.matrix[1][1] 
_pdbx_struct_oper_list.matrix[1][2] 
_pdbx_struct_oper_list.matrix[1][3] 
_pdbx_struct_oper_list.vector[1] 
_pdbx_struct_oper_list.matrix[2][1] 
_pdbx_struct_oper_list.matrix[2][2] 
_pdbx_struct_oper_list.matrix[2][3] 
_pdbx_struct_oper_list.vector[2] 
_pdbx_struct_oper_list.matrix[3][1] 
_pdbx_struct_oper_list.matrix[3][2] 
_pdbx_struct_oper_list.matrix[3][3] 
_pdbx_struct_oper_list.vector[3] 
1 'identity operation'         1_555 x,y,z        1.0000000000  0.0000000000  0.0000000000  0.0000000000   0.0000000000  1.0000000000  0.0000000000  0.0000000000   0.0000000000  0.0000000000  1.0000000000  0.0000000000   
2 'crystal symmetry operation' 2_555 -y,x-y,z     0.1774857921  0.1557727586  0.9717168524  -16.5758140460 -0.9371344613 -0.2747088878 0.2152069432  -29.3698191961 0.3004626350  -0.9488255238 0.0972230957  -0.3841399134  
3 'crystal symmetry operation' 3_555 -x+y,-x,z    0.1774857921  -0.9371344613 0.3004626350  -24.4660785149 0.1557727586  -0.2747088878 -0.9488255238 -5.8505718397  0.9717168524  0.2152069432  0.0972230957  22.4649341336  
4 'crystal symmetry operation' 4_556 y,x,-z+1     -0.2310078849 0.9429095195  -0.2399103898 -22.4268588418 0.9429095195  0.1561605698  -0.2941691936 15.7810145875  -0.2399103898 -0.2941691936 -0.9251526849 -9.8620519751  
5 'crystal symmetry operation' 5_556 x-y,-y,-z+1  -0.9967177299 -0.0673772595 -0.0448784102 -46.1986380478 -0.0673772595 0.3830961598  0.9212478696  -4.3218838422  -0.0448784102 0.9212478696  -0.3863784298 3.1097421367   
6 'crystal symmetry operation' 6_556 -x,-x+y,-z+1 -0.1272459694 -0.0941705572 -0.9873906873 -27.6811327803 -0.0941705572 -0.9898389540 0.1065399047  -14.8104039407 -0.9873906873 0.1065399047  0.1170849234  -23.0548216698 
# 
_pdbx_struct_special_symmetry.id              1 
_pdbx_struct_special_symmetry.PDB_model_num   1 
_pdbx_struct_special_symmetry.auth_asym_id    A 
_pdbx_struct_special_symmetry.auth_comp_id    HOH 
_pdbx_struct_special_symmetry.auth_seq_id     255 
_pdbx_struct_special_symmetry.PDB_ins_code    ? 
_pdbx_struct_special_symmetry.label_asym_id   C 
_pdbx_struct_special_symmetry.label_comp_id   HOH 
_pdbx_struct_special_symmetry.label_seq_id    . 
# 
loop_
_pdbx_audit_revision_history.ordinal 
_pdbx_audit_revision_history.data_content_type 
_pdbx_audit_revision_history.major_revision 
_pdbx_audit_revision_history.minor_revision 
_pdbx_audit_revision_history.revision_date 
1 'Structure model' 1 0 2010-01-19 
2 'Structure model' 1 1 2011-07-13 
3 'Structure model' 1 2 2014-10-01 
4 'Structure model' 1 3 2017-11-01 
5 'Structure model' 1 4 2023-09-06 
# 
_pdbx_audit_revision_details.ordinal             1 
_pdbx_audit_revision_details.revision_ordinal    1 
_pdbx_audit_revision_details.data_content_type   'Structure model' 
_pdbx_audit_revision_details.provider            repository 
_pdbx_audit_revision_details.type                'Initial release' 
_pdbx_audit_revision_details.description         ? 
_pdbx_audit_revision_details.details             ? 
# 
loop_
_pdbx_audit_revision_group.ordinal 
_pdbx_audit_revision_group.revision_ordinal 
_pdbx_audit_revision_group.data_content_type 
_pdbx_audit_revision_group.group 
1 2 'Structure model' Advisory                    
2 2 'Structure model' 'Refinement description'    
3 2 'Structure model' 'Version format compliance' 
4 3 'Structure model' 'Structure summary'         
5 4 'Structure model' 'Refinement description'    
6 5 'Structure model' 'Data collection'           
7 5 'Structure model' 'Database references'       
8 5 'Structure model' 'Derived calculations'      
9 5 'Structure model' 'Refinement description'    
# 
loop_
_pdbx_audit_revision_category.ordinal 
_pdbx_audit_revision_category.revision_ordinal 
_pdbx_audit_revision_category.data_content_type 
_pdbx_audit_revision_category.category 
1 4 'Structure model' software                      
2 5 'Structure model' chem_comp_atom                
3 5 'Structure model' chem_comp_bond                
4 5 'Structure model' database_2                    
5 5 'Structure model' pdbx_initial_refinement_model 
6 5 'Structure model' struct_site                   
# 
loop_
_pdbx_audit_revision_item.ordinal 
_pdbx_audit_revision_item.revision_ordinal 
_pdbx_audit_revision_item.data_content_type 
_pdbx_audit_revision_item.item 
1  4 'Structure model' '_software.classification'            
2  4 'Structure model' '_software.contact_author'            
3  4 'Structure model' '_software.contact_author_email'      
4  4 'Structure model' '_software.date'                      
5  4 'Structure model' '_software.language'                  
6  4 'Structure model' '_software.location'                  
7  4 'Structure model' '_software.name'                      
8  4 'Structure model' '_software.type'                      
9  4 'Structure model' '_software.version'                   
10 5 'Structure model' '_database_2.pdbx_DOI'                
11 5 'Structure model' '_database_2.pdbx_database_accession' 
12 5 'Structure model' '_struct_site.pdbx_auth_asym_id'      
13 5 'Structure model' '_struct_site.pdbx_auth_comp_id'      
14 5 'Structure model' '_struct_site.pdbx_auth_seq_id'       
# 
_pdbx_refine_tls.pdbx_refine_id   'X-RAY DIFFRACTION' 
_pdbx_refine_tls.id               1 
_pdbx_refine_tls.details          ? 
_pdbx_refine_tls.method           refined 
_pdbx_refine_tls.origin_x         0.0427 
_pdbx_refine_tls.origin_y         -0.5058 
_pdbx_refine_tls.origin_z         0.1374 
_pdbx_refine_tls.T[1][1]          0.0133 
_pdbx_refine_tls.T[2][2]          0.0605 
_pdbx_refine_tls.T[3][3]          0.0924 
_pdbx_refine_tls.T[1][2]          -0.0232 
_pdbx_refine_tls.T[1][3]          0.0114 
_pdbx_refine_tls.T[2][3]          0.0192 
_pdbx_refine_tls.L[1][1]          2.2284 
_pdbx_refine_tls.L[2][2]          0.6798 
_pdbx_refine_tls.L[3][3]          1.4173 
_pdbx_refine_tls.L[1][2]          0.0268 
_pdbx_refine_tls.L[1][3]          -0.1726 
_pdbx_refine_tls.L[2][3]          0.2495 
_pdbx_refine_tls.S[1][1]          0.0779 
_pdbx_refine_tls.S[2][2]          -0.1000 
_pdbx_refine_tls.S[3][3]          0.0221 
_pdbx_refine_tls.S[1][2]          -0.1396 
_pdbx_refine_tls.S[1][3]          -0.0168 
_pdbx_refine_tls.S[2][3]          -0.0527 
_pdbx_refine_tls.S[2][1]          0.0249 
_pdbx_refine_tls.S[3][1]          -0.0498 
_pdbx_refine_tls.S[3][2]          0.1226 
# 
loop_
_pdbx_refine_tls_group.pdbx_refine_id 
_pdbx_refine_tls_group.id 
_pdbx_refine_tls_group.refine_tls_id 
_pdbx_refine_tls_group.beg_auth_asym_id 
_pdbx_refine_tls_group.beg_auth_seq_id 
_pdbx_refine_tls_group.end_auth_asym_id 
_pdbx_refine_tls_group.end_auth_seq_id 
_pdbx_refine_tls_group.selection_details 
_pdbx_refine_tls_group.beg_label_asym_id 
_pdbx_refine_tls_group.beg_label_seq_id 
_pdbx_refine_tls_group.end_label_asym_id 
_pdbx_refine_tls_group.end_label_seq_id 
_pdbx_refine_tls_group.selection 
'X-RAY DIFFRACTION' 1 1 A 1   A 159 ? . . . . ? 
'X-RAY DIFFRACTION' 2 1 A 301 A 301 ? . . . . ? 
'X-RAY DIFFRACTION' 3 1 A 160 A 326 ? . . . . ? 
# 
loop_
_software.pdbx_ordinal 
_software.name 
_software.version 
_software.date 
_software.type 
_software.contact_author 
_software.contact_author_email 
_software.classification 
_software.location 
_software.language 
_software.citation_id 
1 DENZO       .        ?               package 'Zbyszek Otwinowski' hkl@hkl-xray.com      'data reduction'  
http://www.hkl-xray.com/                     ?          ? 
2 SCALEPACK   .        ?               package 'Zbyszek Otwinowski' hkl@hkl-xray.com      'data scaling'    
http://www.hkl-xray.com/                     ?          ? 
3 REFMAC      5.5.0102 ?               program 'Garib N. Murshudov' garib@ysbl.york.ac.uk refinement        
http://www.ccp4.ac.uk/dist/html/refmac5.html Fortran_77 ? 
4 PDB_EXTRACT 3.005    'June 11, 2008' package PDB                  help@deposit.rcsb.org 'data extraction' 
http://sw-tools.pdb.org/apps/PDB_EXTRACT/    C++        ? 
5 SBC-Collect .        ?               ?       ?                    ?                     'data collection' ? ?          ? 
6 HKL-3000    .        ?               ?       ?                    ?                     'data reduction'  ? ?          ? 
7 MOLREP      .        ?               ?       ?                    ?                     phasing           ? ?          ? 
8 HKL-3000    .        ?               ?       ?                    ?                     phasing           ? ?          ? 
# 
loop_
_pdbx_validate_close_contact.id 
_pdbx_validate_close_contact.PDB_model_num 
_pdbx_validate_close_contact.auth_atom_id_1 
_pdbx_validate_close_contact.auth_asym_id_1 
_pdbx_validate_close_contact.auth_comp_id_1 
_pdbx_validate_close_contact.auth_seq_id_1 
_pdbx_validate_close_contact.PDB_ins_code_1 
_pdbx_validate_close_contact.label_alt_id_1 
_pdbx_validate_close_contact.auth_atom_id_2 
_pdbx_validate_close_contact.auth_asym_id_2 
_pdbx_validate_close_contact.auth_comp_id_2 
_pdbx_validate_close_contact.auth_seq_id_2 
_pdbx_validate_close_contact.PDB_ins_code_2 
_pdbx_validate_close_contact.label_alt_id_2 
_pdbx_validate_close_contact.dist 
1 1 O2A A COA 301 ? A O A HOH 297 ? ? 2.07 
2 1 OG  A SER 121 ? B O A HOH 196 ? ? 2.14 
3 1 O4A A COA 301 ? B O A HOH 294 ? ? 2.16 
# 
loop_
_pdbx_unobs_or_zero_occ_residues.id 
_pdbx_unobs_or_zero_occ_residues.PDB_model_num 
_pdbx_unobs_or_zero_occ_residues.polymer_flag 
_pdbx_unobs_or_zero_occ_residues.occupancy_flag 
_pdbx_unobs_or_zero_occ_residues.auth_asym_id 
_pdbx_unobs_or_zero_occ_residues.auth_comp_id 
_pdbx_unobs_or_zero_occ_residues.auth_seq_id 
_pdbx_unobs_or_zero_occ_residues.PDB_ins_code 
_pdbx_unobs_or_zero_occ_residues.label_asym_id 
_pdbx_unobs_or_zero_occ_residues.label_comp_id 
_pdbx_unobs_or_zero_occ_residues.label_seq_id 
1 1 Y 1 A SER -2 ? A SER 1 
2 1 Y 1 A ASN -1 ? A ASN 2 
3 1 Y 1 A ALA 0  ? A ALA 3 
# 
loop_
_chem_comp_atom.comp_id 
_chem_comp_atom.atom_id 
_chem_comp_atom.type_symbol 
_chem_comp_atom.pdbx_aromatic_flag 
_chem_comp_atom.pdbx_stereo_config 
_chem_comp_atom.pdbx_ordinal 
ALA N    N N N 1   
ALA CA   C N S 2   
ALA C    C N N 3   
ALA O    O N N 4   
ALA CB   C N N 5   
ALA OXT  O N N 6   
ALA H    H N N 7   
ALA H2   H N N 8   
ALA HA   H N N 9   
ALA HB1  H N N 10  
ALA HB2  H N N 11  
ALA HB3  H N N 12  
ALA HXT  H N N 13  
ARG N    N N N 14  
ARG CA   C N S 15  
ARG C    C N N 16  
ARG O    O N N 17  
ARG CB   C N N 18  
ARG CG   C N N 19  
ARG CD   C N N 20  
ARG NE   N N N 21  
ARG CZ   C N N 22  
ARG NH1  N N N 23  
ARG NH2  N N N 24  
ARG OXT  O N N 25  
ARG H    H N N 26  
ARG H2   H N N 27  
ARG HA   H N N 28  
ARG HB2  H N N 29  
ARG HB3  H N N 30  
ARG HG2  H N N 31  
ARG HG3  H N N 32  
ARG HD2  H N N 33  
ARG HD3  H N N 34  
ARG HE   H N N 35  
ARG HH11 H N N 36  
ARG HH12 H N N 37  
ARG HH21 H N N 38  
ARG HH22 H N N 39  
ARG HXT  H N N 40  
ASN N    N N N 41  
ASN CA   C N S 42  
ASN C    C N N 43  
ASN O    O N N 44  
ASN CB   C N N 45  
ASN CG   C N N 46  
ASN OD1  O N N 47  
ASN ND2  N N N 48  
ASN OXT  O N N 49  
ASN H    H N N 50  
ASN H2   H N N 51  
ASN HA   H N N 52  
ASN HB2  H N N 53  
ASN HB3  H N N 54  
ASN HD21 H N N 55  
ASN HD22 H N N 56  
ASN HXT  H N N 57  
ASP N    N N N 58  
ASP CA   C N S 59  
ASP C    C N N 60  
ASP O    O N N 61  
ASP CB   C N N 62  
ASP CG   C N N 63  
ASP OD1  O N N 64  
ASP OD2  O N N 65  
ASP OXT  O N N 66  
ASP H    H N N 67  
ASP H2   H N N 68  
ASP HA   H N N 69  
ASP HB2  H N N 70  
ASP HB3  H N N 71  
ASP HD2  H N N 72  
ASP HXT  H N N 73  
COA N1A  N Y N 74  
COA C2A  C Y N 75  
COA N3A  N Y N 76  
COA C4A  C Y N 77  
COA C5A  C Y N 78  
COA C6A  C Y N 79  
COA N6A  N N N 80  
COA N7A  N Y N 81  
COA C8A  C Y N 82  
COA N9A  N Y N 83  
COA C1B  C N R 84  
COA C2B  C N R 85  
COA O2B  O N N 86  
COA C3B  C N S 87  
COA O3B  O N N 88  
COA P3B  P N N 89  
COA O7A  O N N 90  
COA O8A  O N N 91  
COA O9A  O N N 92  
COA C4B  C N R 93  
COA O4B  O N N 94  
COA C5B  C N N 95  
COA O5B  O N N 96  
COA P1A  P N S 97  
COA O1A  O N N 98  
COA O2A  O N N 99  
COA O3A  O N N 100 
COA P2A  P N S 101 
COA O4A  O N N 102 
COA O5A  O N N 103 
COA O6A  O N N 104 
COA CBP  C N N 105 
COA CCP  C N N 106 
COA CDP  C N N 107 
COA CEP  C N N 108 
COA CAP  C N R 109 
COA OAP  O N N 110 
COA C9P  C N N 111 
COA O9P  O N N 112 
COA N8P  N N N 113 
COA C7P  C N N 114 
COA C6P  C N N 115 
COA C5P  C N N 116 
COA O5P  O N N 117 
COA N4P  N N N 118 
COA C3P  C N N 119 
COA C2P  C N N 120 
COA S1P  S N N 121 
COA H2A  H N N 122 
COA H61A H N N 123 
COA H62A H N N 124 
COA H8A  H N N 125 
COA H1B  H N N 126 
COA H2B  H N N 127 
COA HO2A H N N 128 
COA H3B  H N N 129 
COA HOA8 H N N 130 
COA HOA9 H N N 131 
COA H4B  H N N 132 
COA H51A H N N 133 
COA H52A H N N 134 
COA HOA2 H N N 135 
COA HOA5 H N N 136 
COA H121 H N N 137 
COA H122 H N N 138 
COA H131 H N N 139 
COA H132 H N N 140 
COA H133 H N N 141 
COA H141 H N N 142 
COA H142 H N N 143 
COA H143 H N N 144 
COA H10  H N N 145 
COA HO1  H N N 146 
COA HN8  H N N 147 
COA H71  H N N 148 
COA H72  H N N 149 
COA H61  H N N 150 
COA H62  H N N 151 
COA HN4  H N N 152 
COA H31  H N N 153 
COA H32  H N N 154 
COA H21  H N N 155 
COA H22  H N N 156 
COA HS1  H N N 157 
GLN N    N N N 158 
GLN CA   C N S 159 
GLN C    C N N 160 
GLN O    O N N 161 
GLN CB   C N N 162 
GLN CG   C N N 163 
GLN CD   C N N 164 
GLN OE1  O N N 165 
GLN NE2  N N N 166 
GLN OXT  O N N 167 
GLN H    H N N 168 
GLN H2   H N N 169 
GLN HA   H N N 170 
GLN HB2  H N N 171 
GLN HB3  H N N 172 
GLN HG2  H N N 173 
GLN HG3  H N N 174 
GLN HE21 H N N 175 
GLN HE22 H N N 176 
GLN HXT  H N N 177 
GLU N    N N N 178 
GLU CA   C N S 179 
GLU C    C N N 180 
GLU O    O N N 181 
GLU CB   C N N 182 
GLU CG   C N N 183 
GLU CD   C N N 184 
GLU OE1  O N N 185 
GLU OE2  O N N 186 
GLU OXT  O N N 187 
GLU H    H N N 188 
GLU H2   H N N 189 
GLU HA   H N N 190 
GLU HB2  H N N 191 
GLU HB3  H N N 192 
GLU HG2  H N N 193 
GLU HG3  H N N 194 
GLU HE2  H N N 195 
GLU HXT  H N N 196 
GLY N    N N N 197 
GLY CA   C N N 198 
GLY C    C N N 199 
GLY O    O N N 200 
GLY OXT  O N N 201 
GLY H    H N N 202 
GLY H2   H N N 203 
GLY HA2  H N N 204 
GLY HA3  H N N 205 
GLY HXT  H N N 206 
HIS N    N N N 207 
HIS CA   C N S 208 
HIS C    C N N 209 
HIS O    O N N 210 
HIS CB   C N N 211 
HIS CG   C Y N 212 
HIS ND1  N Y N 213 
HIS CD2  C Y N 214 
HIS CE1  C Y N 215 
HIS NE2  N Y N 216 
HIS OXT  O N N 217 
HIS H    H N N 218 
HIS H2   H N N 219 
HIS HA   H N N 220 
HIS HB2  H N N 221 
HIS HB3  H N N 222 
HIS HD1  H N N 223 
HIS HD2  H N N 224 
HIS HE1  H N N 225 
HIS HE2  H N N 226 
HIS HXT  H N N 227 
HOH O    O N N 228 
HOH H1   H N N 229 
HOH H2   H N N 230 
ILE N    N N N 231 
ILE CA   C N S 232 
ILE C    C N N 233 
ILE O    O N N 234 
ILE CB   C N S 235 
ILE CG1  C N N 236 
ILE CG2  C N N 237 
ILE CD1  C N N 238 
ILE OXT  O N N 239 
ILE H    H N N 240 
ILE H2   H N N 241 
ILE HA   H N N 242 
ILE HB   H N N 243 
ILE HG12 H N N 244 
ILE HG13 H N N 245 
ILE HG21 H N N 246 
ILE HG22 H N N 247 
ILE HG23 H N N 248 
ILE HD11 H N N 249 
ILE HD12 H N N 250 
ILE HD13 H N N 251 
ILE HXT  H N N 252 
LEU N    N N N 253 
LEU CA   C N S 254 
LEU C    C N N 255 
LEU O    O N N 256 
LEU CB   C N N 257 
LEU CG   C N N 258 
LEU CD1  C N N 259 
LEU CD2  C N N 260 
LEU OXT  O N N 261 
LEU H    H N N 262 
LEU H2   H N N 263 
LEU HA   H N N 264 
LEU HB2  H N N 265 
LEU HB3  H N N 266 
LEU HG   H N N 267 
LEU HD11 H N N 268 
LEU HD12 H N N 269 
LEU HD13 H N N 270 
LEU HD21 H N N 271 
LEU HD22 H N N 272 
LEU HD23 H N N 273 
LEU HXT  H N N 274 
LYS N    N N N 275 
LYS CA   C N S 276 
LYS C    C N N 277 
LYS O    O N N 278 
LYS CB   C N N 279 
LYS CG   C N N 280 
LYS CD   C N N 281 
LYS CE   C N N 282 
LYS NZ   N N N 283 
LYS OXT  O N N 284 
LYS H    H N N 285 
LYS H2   H N N 286 
LYS HA   H N N 287 
LYS HB2  H N N 288 
LYS HB3  H N N 289 
LYS HG2  H N N 290 
LYS HG3  H N N 291 
LYS HD2  H N N 292 
LYS HD3  H N N 293 
LYS HE2  H N N 294 
LYS HE3  H N N 295 
LYS HZ1  H N N 296 
LYS HZ2  H N N 297 
LYS HZ3  H N N 298 
LYS HXT  H N N 299 
MET N    N N N 300 
MET CA   C N S 301 
MET C    C N N 302 
MET O    O N N 303 
MET CB   C N N 304 
MET CG   C N N 305 
MET SD   S N N 306 
MET CE   C N N 307 
MET OXT  O N N 308 
MET H    H N N 309 
MET H2   H N N 310 
MET HA   H N N 311 
MET HB2  H N N 312 
MET HB3  H N N 313 
MET HG2  H N N 314 
MET HG3  H N N 315 
MET HE1  H N N 316 
MET HE2  H N N 317 
MET HE3  H N N 318 
MET HXT  H N N 319 
PHE N    N N N 320 
PHE CA   C N S 321 
PHE C    C N N 322 
PHE O    O N N 323 
PHE CB   C N N 324 
PHE CG   C Y N 325 
PHE CD1  C Y N 326 
PHE CD2  C Y N 327 
PHE CE1  C Y N 328 
PHE CE2  C Y N 329 
PHE CZ   C Y N 330 
PHE OXT  O N N 331 
PHE H    H N N 332 
PHE H2   H N N 333 
PHE HA   H N N 334 
PHE HB2  H N N 335 
PHE HB3  H N N 336 
PHE HD1  H N N 337 
PHE HD2  H N N 338 
PHE HE1  H N N 339 
PHE HE2  H N N 340 
PHE HZ   H N N 341 
PHE HXT  H N N 342 
PRO N    N N N 343 
PRO CA   C N S 344 
PRO C    C N N 345 
PRO O    O N N 346 
PRO CB   C N N 347 
PRO CG   C N N 348 
PRO CD   C N N 349 
PRO OXT  O N N 350 
PRO H    H N N 351 
PRO HA   H N N 352 
PRO HB2  H N N 353 
PRO HB3  H N N 354 
PRO HG2  H N N 355 
PRO HG3  H N N 356 
PRO HD2  H N N 357 
PRO HD3  H N N 358 
PRO HXT  H N N 359 
SER N    N N N 360 
SER CA   C N S 361 
SER C    C N N 362 
SER O    O N N 363 
SER CB   C N N 364 
SER OG   O N N 365 
SER OXT  O N N 366 
SER H    H N N 367 
SER H2   H N N 368 
SER HA   H N N 369 
SER HB2  H N N 370 
SER HB3  H N N 371 
SER HG   H N N 372 
SER HXT  H N N 373 
THR N    N N N 374 
THR CA   C N S 375 
THR C    C N N 376 
THR O    O N N 377 
THR CB   C N R 378 
THR OG1  O N N 379 
THR CG2  C N N 380 
THR OXT  O N N 381 
THR H    H N N 382 
THR H2   H N N 383 
THR HA   H N N 384 
THR HB   H N N 385 
THR HG1  H N N 386 
THR HG21 H N N 387 
THR HG22 H N N 388 
THR HG23 H N N 389 
THR HXT  H N N 390 
TRP N    N N N 391 
TRP CA   C N S 392 
TRP C    C N N 393 
TRP O    O N N 394 
TRP CB   C N N 395 
TRP CG   C Y N 396 
TRP CD1  C Y N 397 
TRP CD2  C Y N 398 
TRP NE1  N Y N 399 
TRP CE2  C Y N 400 
TRP CE3  C Y N 401 
TRP CZ2  C Y N 402 
TRP CZ3  C Y N 403 
TRP CH2  C Y N 404 
TRP OXT  O N N 405 
TRP H    H N N 406 
TRP H2   H N N 407 
TRP HA   H N N 408 
TRP HB2  H N N 409 
TRP HB3  H N N 410 
TRP HD1  H N N 411 
TRP HE1  H N N 412 
TRP HE3  H N N 413 
TRP HZ2  H N N 414 
TRP HZ3  H N N 415 
TRP HH2  H N N 416 
TRP HXT  H N N 417 
TYR N    N N N 418 
TYR CA   C N S 419 
TYR C    C N N 420 
TYR O    O N N 421 
TYR CB   C N N 422 
TYR CG   C Y N 423 
TYR CD1  C Y N 424 
TYR CD2  C Y N 425 
TYR CE1  C Y N 426 
TYR CE2  C Y N 427 
TYR CZ   C Y N 428 
TYR OH   O N N 429 
TYR OXT  O N N 430 
TYR H    H N N 431 
TYR H2   H N N 432 
TYR HA   H N N 433 
TYR HB2  H N N 434 
TYR HB3  H N N 435 
TYR HD1  H N N 436 
TYR HD2  H N N 437 
TYR HE1  H N N 438 
TYR HE2  H N N 439 
TYR HH   H N N 440 
TYR HXT  H N N 441 
VAL N    N N N 442 
VAL CA   C N S 443 
VAL C    C N N 444 
VAL O    O N N 445 
VAL CB   C N N 446 
VAL CG1  C N N 447 
VAL CG2  C N N 448 
VAL OXT  O N N 449 
VAL H    H N N 450 
VAL H2   H N N 451 
VAL HA   H N N 452 
VAL HB   H N N 453 
VAL HG11 H N N 454 
VAL HG12 H N N 455 
VAL HG13 H N N 456 
VAL HG21 H N N 457 
VAL HG22 H N N 458 
VAL HG23 H N N 459 
VAL HXT  H N N 460 
# 
loop_
_chem_comp_bond.comp_id 
_chem_comp_bond.atom_id_1 
_chem_comp_bond.atom_id_2 
_chem_comp_bond.value_order 
_chem_comp_bond.pdbx_aromatic_flag 
_chem_comp_bond.pdbx_stereo_config 
_chem_comp_bond.pdbx_ordinal 
ALA N   CA   sing N N 1   
ALA N   H    sing N N 2   
ALA N   H2   sing N N 3   
ALA CA  C    sing N N 4   
ALA CA  CB   sing N N 5   
ALA CA  HA   sing N N 6   
ALA C   O    doub N N 7   
ALA C   OXT  sing N N 8   
ALA CB  HB1  sing N N 9   
ALA CB  HB2  sing N N 10  
ALA CB  HB3  sing N N 11  
ALA OXT HXT  sing N N 12  
ARG N   CA   sing N N 13  
ARG N   H    sing N N 14  
ARG N   H2   sing N N 15  
ARG CA  C    sing N N 16  
ARG CA  CB   sing N N 17  
ARG CA  HA   sing N N 18  
ARG C   O    doub N N 19  
ARG C   OXT  sing N N 20  
ARG CB  CG   sing N N 21  
ARG CB  HB2  sing N N 22  
ARG CB  HB3  sing N N 23  
ARG CG  CD   sing N N 24  
ARG CG  HG2  sing N N 25  
ARG CG  HG3  sing N N 26  
ARG CD  NE   sing N N 27  
ARG CD  HD2  sing N N 28  
ARG CD  HD3  sing N N 29  
ARG NE  CZ   sing N N 30  
ARG NE  HE   sing N N 31  
ARG CZ  NH1  sing N N 32  
ARG CZ  NH2  doub N N 33  
ARG NH1 HH11 sing N N 34  
ARG NH1 HH12 sing N N 35  
ARG NH2 HH21 sing N N 36  
ARG NH2 HH22 sing N N 37  
ARG OXT HXT  sing N N 38  
ASN N   CA   sing N N 39  
ASN N   H    sing N N 40  
ASN N   H2   sing N N 41  
ASN CA  C    sing N N 42  
ASN CA  CB   sing N N 43  
ASN CA  HA   sing N N 44  
ASN C   O    doub N N 45  
ASN C   OXT  sing N N 46  
ASN CB  CG   sing N N 47  
ASN CB  HB2  sing N N 48  
ASN CB  HB3  sing N N 49  
ASN CG  OD1  doub N N 50  
ASN CG  ND2  sing N N 51  
ASN ND2 HD21 sing N N 52  
ASN ND2 HD22 sing N N 53  
ASN OXT HXT  sing N N 54  
ASP N   CA   sing N N 55  
ASP N   H    sing N N 56  
ASP N   H2   sing N N 57  
ASP CA  C    sing N N 58  
ASP CA  CB   sing N N 59  
ASP CA  HA   sing N N 60  
ASP C   O    doub N N 61  
ASP C   OXT  sing N N 62  
ASP CB  CG   sing N N 63  
ASP CB  HB2  sing N N 64  
ASP CB  HB3  sing N N 65  
ASP CG  OD1  doub N N 66  
ASP CG  OD2  sing N N 67  
ASP OD2 HD2  sing N N 68  
ASP OXT HXT  sing N N 69  
COA N1A C2A  sing Y N 70  
COA N1A C6A  doub Y N 71  
COA C2A N3A  doub Y N 72  
COA C2A H2A  sing N N 73  
COA N3A C4A  sing Y N 74  
COA C4A C5A  doub Y N 75  
COA C4A N9A  sing Y N 76  
COA C5A C6A  sing Y N 77  
COA C5A N7A  sing Y N 78  
COA C6A N6A  sing N N 79  
COA N6A H61A sing N N 80  
COA N6A H62A sing N N 81  
COA N7A C8A  doub Y N 82  
COA C8A N9A  sing Y N 83  
COA C8A H8A  sing N N 84  
COA N9A C1B  sing N N 85  
COA C1B C2B  sing N N 86  
COA C1B O4B  sing N N 87  
COA C1B H1B  sing N N 88  
COA C2B O2B  sing N N 89  
COA C2B C3B  sing N N 90  
COA C2B H2B  sing N N 91  
COA O2B HO2A sing N N 92  
COA C3B O3B  sing N N 93  
COA C3B C4B  sing N N 94  
COA C3B H3B  sing N N 95  
COA O3B P3B  sing N N 96  
COA P3B O7A  doub N N 97  
COA P3B O8A  sing N N 98  
COA P3B O9A  sing N N 99  
COA O8A HOA8 sing N N 100 
COA O9A HOA9 sing N N 101 
COA C4B O4B  sing N N 102 
COA C4B C5B  sing N N 103 
COA C4B H4B  sing N N 104 
COA C5B O5B  sing N N 105 
COA C5B H51A sing N N 106 
COA C5B H52A sing N N 107 
COA O5B P1A  sing N N 108 
COA P1A O1A  doub N N 109 
COA P1A O2A  sing N N 110 
COA P1A O3A  sing N N 111 
COA O2A HOA2 sing N N 112 
COA O3A P2A  sing N N 113 
COA P2A O4A  doub N N 114 
COA P2A O5A  sing N N 115 
COA P2A O6A  sing N N 116 
COA O5A HOA5 sing N N 117 
COA O6A CCP  sing N N 118 
COA CBP CCP  sing N N 119 
COA CBP CDP  sing N N 120 
COA CBP CEP  sing N N 121 
COA CBP CAP  sing N N 122 
COA CCP H121 sing N N 123 
COA CCP H122 sing N N 124 
COA CDP H131 sing N N 125 
COA CDP H132 sing N N 126 
COA CDP H133 sing N N 127 
COA CEP H141 sing N N 128 
COA CEP H142 sing N N 129 
COA CEP H143 sing N N 130 
COA CAP OAP  sing N N 131 
COA CAP C9P  sing N N 132 
COA CAP H10  sing N N 133 
COA OAP HO1  sing N N 134 
COA C9P O9P  doub N N 135 
COA C9P N8P  sing N N 136 
COA N8P C7P  sing N N 137 
COA N8P HN8  sing N N 138 
COA C7P C6P  sing N N 139 
COA C7P H71  sing N N 140 
COA C7P H72  sing N N 141 
COA C6P C5P  sing N N 142 
COA C6P H61  sing N N 143 
COA C6P H62  sing N N 144 
COA C5P O5P  doub N N 145 
COA C5P N4P  sing N N 146 
COA N4P C3P  sing N N 147 
COA N4P HN4  sing N N 148 
COA C3P C2P  sing N N 149 
COA C3P H31  sing N N 150 
COA C3P H32  sing N N 151 
COA C2P S1P  sing N N 152 
COA C2P H21  sing N N 153 
COA C2P H22  sing N N 154 
COA S1P HS1  sing N N 155 
GLN N   CA   sing N N 156 
GLN N   H    sing N N 157 
GLN N   H2   sing N N 158 
GLN CA  C    sing N N 159 
GLN CA  CB   sing N N 160 
GLN CA  HA   sing N N 161 
GLN C   O    doub N N 162 
GLN C   OXT  sing N N 163 
GLN CB  CG   sing N N 164 
GLN CB  HB2  sing N N 165 
GLN CB  HB3  sing N N 166 
GLN CG  CD   sing N N 167 
GLN CG  HG2  sing N N 168 
GLN CG  HG3  sing N N 169 
GLN CD  OE1  doub N N 170 
GLN CD  NE2  sing N N 171 
GLN NE2 HE21 sing N N 172 
GLN NE2 HE22 sing N N 173 
GLN OXT HXT  sing N N 174 
GLU N   CA   sing N N 175 
GLU N   H    sing N N 176 
GLU N   H2   sing N N 177 
GLU CA  C    sing N N 178 
GLU CA  CB   sing N N 179 
GLU CA  HA   sing N N 180 
GLU C   O    doub N N 181 
GLU C   OXT  sing N N 182 
GLU CB  CG   sing N N 183 
GLU CB  HB2  sing N N 184 
GLU CB  HB3  sing N N 185 
GLU CG  CD   sing N N 186 
GLU CG  HG2  sing N N 187 
GLU CG  HG3  sing N N 188 
GLU CD  OE1  doub N N 189 
GLU CD  OE2  sing N N 190 
GLU OE2 HE2  sing N N 191 
GLU OXT HXT  sing N N 192 
GLY N   CA   sing N N 193 
GLY N   H    sing N N 194 
GLY N   H2   sing N N 195 
GLY CA  C    sing N N 196 
GLY CA  HA2  sing N N 197 
GLY CA  HA3  sing N N 198 
GLY C   O    doub N N 199 
GLY C   OXT  sing N N 200 
GLY OXT HXT  sing N N 201 
HIS N   CA   sing N N 202 
HIS N   H    sing N N 203 
HIS N   H2   sing N N 204 
HIS CA  C    sing N N 205 
HIS CA  CB   sing N N 206 
HIS CA  HA   sing N N 207 
HIS C   O    doub N N 208 
HIS C   OXT  sing N N 209 
HIS CB  CG   sing N N 210 
HIS CB  HB2  sing N N 211 
HIS CB  HB3  sing N N 212 
HIS CG  ND1  sing Y N 213 
HIS CG  CD2  doub Y N 214 
HIS ND1 CE1  doub Y N 215 
HIS ND1 HD1  sing N N 216 
HIS CD2 NE2  sing Y N 217 
HIS CD2 HD2  sing N N 218 
HIS CE1 NE2  sing Y N 219 
HIS CE1 HE1  sing N N 220 
HIS NE2 HE2  sing N N 221 
HIS OXT HXT  sing N N 222 
HOH O   H1   sing N N 223 
HOH O   H2   sing N N 224 
ILE N   CA   sing N N 225 
ILE N   H    sing N N 226 
ILE N   H2   sing N N 227 
ILE CA  C    sing N N 228 
ILE CA  CB   sing N N 229 
ILE CA  HA   sing N N 230 
ILE C   O    doub N N 231 
ILE C   OXT  sing N N 232 
ILE CB  CG1  sing N N 233 
ILE CB  CG2  sing N N 234 
ILE CB  HB   sing N N 235 
ILE CG1 CD1  sing N N 236 
ILE CG1 HG12 sing N N 237 
ILE CG1 HG13 sing N N 238 
ILE CG2 HG21 sing N N 239 
ILE CG2 HG22 sing N N 240 
ILE CG2 HG23 sing N N 241 
ILE CD1 HD11 sing N N 242 
ILE CD1 HD12 sing N N 243 
ILE CD1 HD13 sing N N 244 
ILE OXT HXT  sing N N 245 
LEU N   CA   sing N N 246 
LEU N   H    sing N N 247 
LEU N   H2   sing N N 248 
LEU CA  C    sing N N 249 
LEU CA  CB   sing N N 250 
LEU CA  HA   sing N N 251 
LEU C   O    doub N N 252 
LEU C   OXT  sing N N 253 
LEU CB  CG   sing N N 254 
LEU CB  HB2  sing N N 255 
LEU CB  HB3  sing N N 256 
LEU CG  CD1  sing N N 257 
LEU CG  CD2  sing N N 258 
LEU CG  HG   sing N N 259 
LEU CD1 HD11 sing N N 260 
LEU CD1 HD12 sing N N 261 
LEU CD1 HD13 sing N N 262 
LEU CD2 HD21 sing N N 263 
LEU CD2 HD22 sing N N 264 
LEU CD2 HD23 sing N N 265 
LEU OXT HXT  sing N N 266 
LYS N   CA   sing N N 267 
LYS N   H    sing N N 268 
LYS N   H2   sing N N 269 
LYS CA  C    sing N N 270 
LYS CA  CB   sing N N 271 
LYS CA  HA   sing N N 272 
LYS C   O    doub N N 273 
LYS C   OXT  sing N N 274 
LYS CB  CG   sing N N 275 
LYS CB  HB2  sing N N 276 
LYS CB  HB3  sing N N 277 
LYS CG  CD   sing N N 278 
LYS CG  HG2  sing N N 279 
LYS CG  HG3  sing N N 280 
LYS CD  CE   sing N N 281 
LYS CD  HD2  sing N N 282 
LYS CD  HD3  sing N N 283 
LYS CE  NZ   sing N N 284 
LYS CE  HE2  sing N N 285 
LYS CE  HE3  sing N N 286 
LYS NZ  HZ1  sing N N 287 
LYS NZ  HZ2  sing N N 288 
LYS NZ  HZ3  sing N N 289 
LYS OXT HXT  sing N N 290 
MET N   CA   sing N N 291 
MET N   H    sing N N 292 
MET N   H2   sing N N 293 
MET CA  C    sing N N 294 
MET CA  CB   sing N N 295 
MET CA  HA   sing N N 296 
MET C   O    doub N N 297 
MET C   OXT  sing N N 298 
MET CB  CG   sing N N 299 
MET CB  HB2  sing N N 300 
MET CB  HB3  sing N N 301 
MET CG  SD   sing N N 302 
MET CG  HG2  sing N N 303 
MET CG  HG3  sing N N 304 
MET SD  CE   sing N N 305 
MET CE  HE1  sing N N 306 
MET CE  HE2  sing N N 307 
MET CE  HE3  sing N N 308 
MET OXT HXT  sing N N 309 
PHE N   CA   sing N N 310 
PHE N   H    sing N N 311 
PHE N   H2   sing N N 312 
PHE CA  C    sing N N 313 
PHE CA  CB   sing N N 314 
PHE CA  HA   sing N N 315 
PHE C   O    doub N N 316 
PHE C   OXT  sing N N 317 
PHE CB  CG   sing N N 318 
PHE CB  HB2  sing N N 319 
PHE CB  HB3  sing N N 320 
PHE CG  CD1  doub Y N 321 
PHE CG  CD2  sing Y N 322 
PHE CD1 CE1  sing Y N 323 
PHE CD1 HD1  sing N N 324 
PHE CD2 CE2  doub Y N 325 
PHE CD2 HD2  sing N N 326 
PHE CE1 CZ   doub Y N 327 
PHE CE1 HE1  sing N N 328 
PHE CE2 CZ   sing Y N 329 
PHE CE2 HE2  sing N N 330 
PHE CZ  HZ   sing N N 331 
PHE OXT HXT  sing N N 332 
PRO N   CA   sing N N 333 
PRO N   CD   sing N N 334 
PRO N   H    sing N N 335 
PRO CA  C    sing N N 336 
PRO CA  CB   sing N N 337 
PRO CA  HA   sing N N 338 
PRO C   O    doub N N 339 
PRO C   OXT  sing N N 340 
PRO CB  CG   sing N N 341 
PRO CB  HB2  sing N N 342 
PRO CB  HB3  sing N N 343 
PRO CG  CD   sing N N 344 
PRO CG  HG2  sing N N 345 
PRO CG  HG3  sing N N 346 
PRO CD  HD2  sing N N 347 
PRO CD  HD3  sing N N 348 
PRO OXT HXT  sing N N 349 
SER N   CA   sing N N 350 
SER N   H    sing N N 351 
SER N   H2   sing N N 352 
SER CA  C    sing N N 353 
SER CA  CB   sing N N 354 
SER CA  HA   sing N N 355 
SER C   O    doub N N 356 
SER C   OXT  sing N N 357 
SER CB  OG   sing N N 358 
SER CB  HB2  sing N N 359 
SER CB  HB3  sing N N 360 
SER OG  HG   sing N N 361 
SER OXT HXT  sing N N 362 
THR N   CA   sing N N 363 
THR N   H    sing N N 364 
THR N   H2   sing N N 365 
THR CA  C    sing N N 366 
THR CA  CB   sing N N 367 
THR CA  HA   sing N N 368 
THR C   O    doub N N 369 
THR C   OXT  sing N N 370 
THR CB  OG1  sing N N 371 
THR CB  CG2  sing N N 372 
THR CB  HB   sing N N 373 
THR OG1 HG1  sing N N 374 
THR CG2 HG21 sing N N 375 
THR CG2 HG22 sing N N 376 
THR CG2 HG23 sing N N 377 
THR OXT HXT  sing N N 378 
TRP N   CA   sing N N 379 
TRP N   H    sing N N 380 
TRP N   H2   sing N N 381 
TRP CA  C    sing N N 382 
TRP CA  CB   sing N N 383 
TRP CA  HA   sing N N 384 
TRP C   O    doub N N 385 
TRP C   OXT  sing N N 386 
TRP CB  CG   sing N N 387 
TRP CB  HB2  sing N N 388 
TRP CB  HB3  sing N N 389 
TRP CG  CD1  doub Y N 390 
TRP CG  CD2  sing Y N 391 
TRP CD1 NE1  sing Y N 392 
TRP CD1 HD1  sing N N 393 
TRP CD2 CE2  doub Y N 394 
TRP CD2 CE3  sing Y N 395 
TRP NE1 CE2  sing Y N 396 
TRP NE1 HE1  sing N N 397 
TRP CE2 CZ2  sing Y N 398 
TRP CE3 CZ3  doub Y N 399 
TRP CE3 HE3  sing N N 400 
TRP CZ2 CH2  doub Y N 401 
TRP CZ2 HZ2  sing N N 402 
TRP CZ3 CH2  sing Y N 403 
TRP CZ3 HZ3  sing N N 404 
TRP CH2 HH2  sing N N 405 
TRP OXT HXT  sing N N 406 
TYR N   CA   sing N N 407 
TYR N   H    sing N N 408 
TYR N   H2   sing N N 409 
TYR CA  C    sing N N 410 
TYR CA  CB   sing N N 411 
TYR CA  HA   sing N N 412 
TYR C   O    doub N N 413 
TYR C   OXT  sing N N 414 
TYR CB  CG   sing N N 415 
TYR CB  HB2  sing N N 416 
TYR CB  HB3  sing N N 417 
TYR CG  CD1  doub Y N 418 
TYR CG  CD2  sing Y N 419 
TYR CD1 CE1  sing Y N 420 
TYR CD1 HD1  sing N N 421 
TYR CD2 CE2  doub Y N 422 
TYR CD2 HD2  sing N N 423 
TYR CE1 CZ   doub Y N 424 
TYR CE1 HE1  sing N N 425 
TYR CE2 CZ   sing Y N 426 
TYR CE2 HE2  sing N N 427 
TYR CZ  OH   sing N N 428 
TYR OH  HH   sing N N 429 
TYR OXT HXT  sing N N 430 
VAL N   CA   sing N N 431 
VAL N   H    sing N N 432 
VAL N   H2   sing N N 433 
VAL CA  C    sing N N 434 
VAL CA  CB   sing N N 435 
VAL CA  HA   sing N N 436 
VAL C   O    doub N N 437 
VAL C   OXT  sing N N 438 
VAL CB  CG1  sing N N 439 
VAL CB  CG2  sing N N 440 
VAL CB  HB   sing N N 441 
VAL CG1 HG11 sing N N 442 
VAL CG1 HG12 sing N N 443 
VAL CG1 HG13 sing N N 444 
VAL CG2 HG21 sing N N 445 
VAL CG2 HG22 sing N N 446 
VAL CG2 HG23 sing N N 447 
VAL OXT HXT  sing N N 448 
# 
loop_
_pdbx_entity_nonpoly.entity_id 
_pdbx_entity_nonpoly.name 
_pdbx_entity_nonpoly.comp_id 
2 'COENZYME A' COA 
3 water        HOH 
# 
_pdbx_initial_refinement_model.id               1 
_pdbx_initial_refinement_model.entity_id_list   ? 
_pdbx_initial_refinement_model.type             'experimental model' 
_pdbx_initial_refinement_model.source_name      PDB 
_pdbx_initial_refinement_model.accession_code   1H1T 
_pdbx_initial_refinement_model.details          ? 
# 
